data_5ELN
#
_entry.id   5ELN
#
_cell.length_a   72.920
_cell.length_b   119.450
_cell.length_c   143.630
_cell.angle_alpha   90.00
_cell.angle_beta   90.31
_cell.angle_gamma   90.00
#
_symmetry.space_group_name_H-M   'P 1 21 1'
#
loop_
_entity.id
_entity.type
_entity.pdbx_description
1 polymer 'Lysine--tRNA ligase'
2 non-polymer LYSINE
3 non-polymer 1,2-ETHANEDIOL
4 non-polymer GLYCEROL
5 water water
#
_entity_poly.entity_id   1
_entity_poly.type   'polypeptide(L)'
_entity_poly.pdbx_seq_one_letter_code
;MAHHHHHHMGTLEAQTQGPGSHYTDNRYKMMECIKDAGRPFYPHKFKISMSLPAYALKYGNVENGYIDKDTTLSLSGRVT
SIRSSSSKLIFYDIFCEEQKVQIIANIMEHDISTGEFSVSHSEIRRGDVVGFTGFPGKSKRGELSLFSKSVVLLSPCYHM
LPTAISGLKDQEVRYRQRYLDLMLNEESRKVFKLRSRAIKYIRNYFDRLGFLEVETPMLNMIYGGAAARPFITYHNELET
QLYMRIAPELYLKQLIVGGLDKVYEIGKNFRNEGIDLTHNPEFTAMEFYMAYADYYDLMDLTEELISGLVLEIHGSLKIP
YHPDGPEGKCIEIDFTTPWKRFSFVEEIESGLGEKLKRPLDSQENIDFMVEMCEKHEIELPHPRTAAKLLDKLAGHFVET
KCTNPSFIIDHPQTMSPLAKWHREKPEMTERFELFVLGKELCNAYTELNEPLQQRKFFEQQADAKASGDVEACPIDETFC
LALEHGLPPTGGWGLGIDRLIMFLADKNNIKEVILFPAMRNVKQNAQHSNQHSGN
;
_entity_poly.pdbx_strand_id   A,B,C,D
#
loop_
_chem_comp.id
_chem_comp.type
_chem_comp.name
_chem_comp.formula
EDO non-polymer 1,2-ETHANEDIOL 'C2 H6 O2'
GOL non-polymer GLYCEROL 'C3 H8 O3'
#
# COMPACT_ATOMS: atom_id res chain seq x y z
N SER A 21 -40.67 20.21 -6.34
CA SER A 21 -40.88 20.20 -4.88
C SER A 21 -39.74 20.91 -4.14
N HIS A 22 -40.10 21.87 -3.30
CA HIS A 22 -39.09 22.65 -2.60
C HIS A 22 -38.34 21.80 -1.58
N TYR A 23 -38.98 20.76 -1.04
CA TYR A 23 -38.35 19.93 -0.02
C TYR A 23 -37.06 19.31 -0.54
N THR A 24 -37.08 18.74 -1.74
CA THR A 24 -35.89 18.11 -2.28
C THR A 24 -34.78 19.14 -2.50
N ASP A 25 -35.11 20.30 -3.10
CA ASP A 25 -34.12 21.35 -3.31
C ASP A 25 -33.50 21.78 -1.99
N ASN A 26 -34.34 22.05 -0.99
CA ASN A 26 -33.82 22.48 0.32
C ASN A 26 -32.90 21.43 0.93
N ARG A 27 -33.27 20.14 0.81
CA ARG A 27 -32.43 19.11 1.41
C ARG A 27 -31.06 19.06 0.74
N TYR A 28 -31.04 19.19 -0.60
CA TYR A 28 -29.74 19.25 -1.29
C TYR A 28 -28.90 20.40 -0.76
N LYS A 29 -29.53 21.57 -0.53
CA LYS A 29 -28.79 22.72 0.00
C LYS A 29 -28.31 22.46 1.43
N MET A 30 -29.13 21.80 2.25
CA MET A 30 -28.66 21.43 3.58
C MET A 30 -27.42 20.53 3.49
N MET A 31 -27.45 19.51 2.63
CA MET A 31 -26.30 18.62 2.55
C MET A 31 -25.05 19.32 1.99
N GLU A 32 -25.22 20.26 1.06
CA GLU A 32 -24.07 21.02 0.59
C GLU A 32 -23.50 21.88 1.73
N CYS A 33 -24.38 22.53 2.49
CA CYS A 33 -23.94 23.27 3.67
CA CYS A 33 -23.94 23.26 3.68
C CYS A 33 -23.12 22.36 4.61
N ILE A 34 -23.63 21.17 4.88
CA ILE A 34 -22.96 20.24 5.80
C ILE A 34 -21.59 19.86 5.25
N LYS A 35 -21.52 19.53 3.96
CA LYS A 35 -20.26 19.16 3.33
C LYS A 35 -19.24 20.29 3.44
N ASP A 36 -19.63 21.49 3.06
CA ASP A 36 -18.68 22.61 3.06
C ASP A 36 -18.26 23.01 4.46
N ALA A 37 -19.13 22.82 5.47
CA ALA A 37 -18.79 23.13 6.85
C ALA A 37 -17.94 22.04 7.51
N GLY A 38 -17.52 21.01 6.78
CA GLY A 38 -16.73 19.96 7.40
C GLY A 38 -17.45 19.07 8.37
N ARG A 39 -18.78 19.11 8.40
CA ARG A 39 -19.55 18.25 9.30
C ARG A 39 -19.78 16.87 8.67
N PRO A 40 -20.16 15.86 9.46
CA PRO A 40 -20.28 14.50 8.91
C PRO A 40 -21.13 14.43 7.65
N PHE A 41 -20.52 13.96 6.56
CA PHE A 41 -21.14 13.95 5.24
C PHE A 41 -21.01 12.53 4.66
N TYR A 42 -22.10 11.77 4.73
CA TYR A 42 -22.13 10.39 4.24
C TYR A 42 -20.97 9.55 4.80
N PRO A 43 -20.89 9.37 6.12
CA PRO A 43 -19.84 8.51 6.70
C PRO A 43 -19.72 7.17 5.98
N HIS A 44 -18.48 6.73 5.75
CA HIS A 44 -18.24 5.49 5.01
C HIS A 44 -18.65 4.25 5.81
N LYS A 45 -18.35 4.24 7.11
CA LYS A 45 -18.56 3.07 7.95
C LYS A 45 -19.15 3.50 9.28
N PHE A 46 -20.31 2.95 9.63
CA PHE A 46 -20.90 3.08 10.96
C PHE A 46 -20.92 1.68 11.57
N LYS A 47 -20.25 1.50 12.71
CA LYS A 47 -20.12 0.19 13.33
CA LYS A 47 -20.12 0.19 13.33
C LYS A 47 -21.22 0.03 14.37
N ILE A 48 -22.23 -0.76 14.06
CA ILE A 48 -23.31 -0.97 15.02
C ILE A 48 -22.81 -1.95 16.07
N SER A 49 -23.32 -1.80 17.30
CA SER A 49 -22.96 -2.76 18.34
C SER A 49 -23.71 -4.07 18.16
N MET A 50 -24.92 -3.99 17.64
CA MET A 50 -25.78 -5.15 17.41
C MET A 50 -26.95 -4.65 16.57
N SER A 51 -27.68 -5.59 15.97
CA SER A 51 -28.88 -5.26 15.22
C SER A 51 -30.00 -4.80 16.15
N LEU A 52 -31.02 -4.14 15.57
CA LEU A 52 -32.17 -3.77 16.40
C LEU A 52 -32.95 -5.00 16.90
N PRO A 53 -33.15 -6.06 16.10
CA PRO A 53 -33.72 -7.29 16.69
C PRO A 53 -32.89 -7.85 17.84
N ALA A 54 -31.57 -7.88 17.70
CA ALA A 54 -30.72 -8.35 18.79
C ALA A 54 -30.82 -7.44 20.02
N TYR A 55 -30.93 -6.13 19.78
CA TYR A 55 -31.14 -5.16 20.87
C TYR A 55 -32.43 -5.43 21.62
N ALA A 56 -33.53 -5.67 20.90
CA ALA A 56 -34.80 -5.95 21.55
C ALA A 56 -34.75 -7.27 22.30
N LEU A 57 -34.03 -8.25 21.76
CA LEU A 57 -33.90 -9.53 22.45
C LEU A 57 -33.16 -9.35 23.77
N LYS A 58 -32.10 -8.53 23.77
CA LYS A 58 -31.30 -8.37 24.97
C LYS A 58 -32.01 -7.50 26.00
N TYR A 59 -32.62 -6.40 25.58
CA TYR A 59 -33.15 -5.44 26.52
C TYR A 59 -34.67 -5.41 26.59
N GLY A 60 -35.38 -6.22 25.81
CA GLY A 60 -36.84 -6.10 25.79
C GLY A 60 -37.53 -6.42 27.12
N ASN A 61 -36.86 -7.09 28.04
CA ASN A 61 -37.53 -7.50 29.27
C ASN A 61 -37.01 -6.79 30.52
N VAL A 62 -36.18 -5.74 30.39
CA VAL A 62 -35.76 -5.00 31.58
C VAL A 62 -36.98 -4.31 32.19
N GLU A 63 -36.83 -3.94 33.46
CA GLU A 63 -37.85 -3.18 34.17
C GLU A 63 -38.06 -1.81 33.53
N ASN A 64 -39.27 -1.28 33.66
CA ASN A 64 -39.54 0.10 33.29
C ASN A 64 -38.54 1.04 33.98
N GLY A 65 -37.98 1.98 33.23
CA GLY A 65 -37.02 2.91 33.78
C GLY A 65 -35.61 2.40 33.91
N TYR A 66 -35.33 1.15 33.56
CA TYR A 66 -33.97 0.63 33.63
C TYR A 66 -33.06 1.39 32.68
N ILE A 67 -31.86 1.73 33.14
CA ILE A 67 -30.84 2.25 32.24
C ILE A 67 -29.49 1.77 32.71
N ASP A 68 -28.66 1.31 31.77
CA ASP A 68 -27.32 0.84 32.10
C ASP A 68 -26.33 1.87 31.58
N LYS A 69 -25.94 2.80 32.45
CA LYS A 69 -25.00 3.83 32.03
C LYS A 69 -23.56 3.35 31.90
N ASP A 70 -23.26 2.10 32.27
CA ASP A 70 -21.92 1.55 32.10
C ASP A 70 -21.73 0.89 30.75
N THR A 71 -22.73 0.92 29.89
CA THR A 71 -22.67 0.26 28.60
C THR A 71 -23.04 1.27 27.52
N THR A 72 -22.13 1.54 26.61
CA THR A 72 -22.40 2.43 25.48
C THR A 72 -22.51 1.59 24.21
N LEU A 73 -23.60 1.79 23.46
CA LEU A 73 -23.90 1.00 22.27
C LEU A 73 -24.21 1.92 21.10
N SER A 74 -23.89 1.45 19.89
CA SER A 74 -24.25 2.15 18.67
C SER A 74 -25.32 1.37 17.91
N LEU A 75 -26.39 2.07 17.50
CA LEU A 75 -27.51 1.48 16.78
C LEU A 75 -27.77 2.31 15.53
N SER A 76 -28.40 1.71 14.53
CA SER A 76 -28.75 2.46 13.33
C SER A 76 -30.05 1.94 12.73
N GLY A 77 -30.76 2.82 12.05
CA GLY A 77 -31.96 2.41 11.33
C GLY A 77 -32.52 3.60 10.59
N ARG A 78 -33.73 3.46 10.05
CA ARG A 78 -34.36 4.58 9.38
C ARG A 78 -35.35 5.26 10.32
N VAL A 79 -35.37 6.59 10.31
CA VAL A 79 -36.21 7.35 11.24
C VAL A 79 -37.65 7.28 10.77
N THR A 80 -38.55 6.80 11.64
CA THR A 80 -39.98 6.73 11.33
C THR A 80 -40.80 7.74 12.13
N SER A 81 -40.22 8.41 13.11
CA SER A 81 -40.95 9.35 13.94
C SER A 81 -39.95 10.29 14.58
N ILE A 82 -40.30 11.58 14.64
CA ILE A 82 -39.56 12.57 15.44
C ILE A 82 -40.58 13.34 16.27
N ARG A 83 -40.40 13.35 17.59
CA ARG A 83 -41.24 14.13 18.49
C ARG A 83 -40.36 14.82 19.54
N SER A 84 -40.93 15.79 20.27
CA SER A 84 -40.15 16.48 21.28
C SER A 84 -41.06 17.16 22.30
N SER A 85 -40.55 17.29 23.53
N SER A 85 -40.55 17.30 23.54
CA SER A 85 -41.25 18.00 24.59
CA SER A 85 -41.28 18.01 24.58
C SER A 85 -40.67 19.37 24.89
C SER A 85 -40.63 19.34 24.98
N SER A 86 -39.40 19.60 24.54
CA SER A 86 -38.75 20.89 24.74
C SER A 86 -37.61 20.99 23.76
N SER A 87 -36.90 22.12 23.78
CA SER A 87 -35.64 22.21 23.03
C SER A 87 -34.55 21.29 23.59
N LYS A 88 -34.77 20.66 24.74
CA LYS A 88 -33.75 19.85 25.40
C LYS A 88 -33.97 18.35 25.31
N LEU A 89 -35.11 17.89 24.75
CA LEU A 89 -35.47 16.49 24.86
C LEU A 89 -36.23 16.06 23.61
N ILE A 90 -35.62 15.19 22.81
CA ILE A 90 -36.17 14.80 21.52
C ILE A 90 -36.32 13.28 21.49
N PHE A 91 -37.42 12.81 20.90
CA PHE A 91 -37.73 11.39 20.82
C PHE A 91 -37.75 10.93 19.36
N TYR A 92 -36.98 9.90 19.05
CA TYR A 92 -37.02 9.32 17.72
C TYR A 92 -37.57 7.90 17.80
N ASP A 93 -38.22 7.45 16.75
CA ASP A 93 -38.27 6.02 16.46
C ASP A 93 -37.36 5.72 15.27
N ILE A 94 -36.58 4.64 15.38
CA ILE A 94 -35.83 4.11 14.24
C ILE A 94 -36.28 2.68 13.97
N PHE A 95 -36.16 2.27 12.72
CA PHE A 95 -36.67 0.97 12.31
C PHE A 95 -35.64 0.26 11.42
N CYS A 96 -35.37 -1.01 11.72
CA CYS A 96 -34.38 -1.73 10.94
C CYS A 96 -34.59 -3.21 11.16
N GLU A 97 -34.55 -3.99 10.07
CA GLU A 97 -34.68 -5.44 10.14
C GLU A 97 -35.90 -5.86 10.96
N GLU A 98 -37.03 -5.21 10.70
CA GLU A 98 -38.33 -5.52 11.29
C GLU A 98 -38.48 -5.12 12.76
N GLN A 99 -37.62 -4.27 13.29
CA GLN A 99 -37.69 -3.93 14.70
C GLN A 99 -37.65 -2.43 14.87
N LYS A 100 -38.53 -1.90 15.70
CA LYS A 100 -38.54 -0.48 16.04
CA LYS A 100 -38.52 -0.47 16.04
C LYS A 100 -37.87 -0.27 17.40
N VAL A 101 -37.06 0.78 17.52
CA VAL A 101 -36.47 1.16 18.79
C VAL A 101 -36.66 2.66 18.97
N GLN A 102 -37.02 3.07 20.18
CA GLN A 102 -37.11 4.50 20.47
C GLN A 102 -35.76 5.03 20.94
N ILE A 103 -35.39 6.22 20.47
CA ILE A 103 -34.19 6.91 20.92
C ILE A 103 -34.63 8.12 21.72
N ILE A 104 -34.12 8.25 22.95
CA ILE A 104 -34.39 9.43 23.80
C ILE A 104 -33.11 10.26 23.86
N ALA A 105 -33.15 11.46 23.26
CA ALA A 105 -31.99 12.35 23.17
C ALA A 105 -32.21 13.53 24.11
N ASN A 106 -31.52 13.50 25.24
CA ASN A 106 -31.53 14.56 26.25
C ASN A 106 -30.28 15.42 26.08
N ILE A 107 -30.45 16.74 26.02
CA ILE A 107 -29.31 17.64 25.86
C ILE A 107 -28.24 17.39 26.93
N MET A 108 -28.64 16.99 28.15
CA MET A 108 -27.67 16.78 29.21
C MET A 108 -26.74 15.59 28.96
N GLU A 109 -27.10 14.67 28.06
CA GLU A 109 -26.22 13.57 27.67
C GLU A 109 -25.46 13.84 26.39
N HIS A 110 -25.69 14.98 25.75
CA HIS A 110 -25.17 15.20 24.40
C HIS A 110 -23.66 15.35 24.41
N ASP A 111 -22.98 14.60 23.54
CA ASP A 111 -21.53 14.72 23.38
C ASP A 111 -21.25 15.95 22.51
N ILE A 112 -20.72 17.02 23.12
CA ILE A 112 -20.56 18.28 22.40
C ILE A 112 -19.46 18.22 21.33
N SER A 113 -18.54 17.26 21.43
CA SER A 113 -17.54 17.09 20.38
C SER A 113 -18.13 16.76 19.02
N THR A 114 -19.43 16.42 18.93
CA THR A 114 -20.12 16.23 17.65
C THR A 114 -20.89 17.46 17.21
N GLY A 115 -20.83 18.54 17.97
CA GLY A 115 -21.58 19.75 17.70
C GLY A 115 -22.56 20.07 18.81
N GLU A 116 -23.14 21.27 18.70
CA GLU A 116 -24.18 21.66 19.64
C GLU A 116 -25.41 20.79 19.42
N PHE A 117 -26.09 20.50 20.52
CA PHE A 117 -27.26 19.61 20.53
C PHE A 117 -28.28 20.04 19.48
N SER A 118 -28.67 21.32 19.51
CA SER A 118 -29.70 21.79 18.58
C SER A 118 -29.26 21.69 17.13
N VAL A 119 -27.96 21.91 16.87
CA VAL A 119 -27.45 21.80 15.52
C VAL A 119 -27.46 20.36 15.04
N SER A 120 -26.97 19.43 15.87
CA SER A 120 -26.92 18.02 15.47
C SER A 120 -28.31 17.50 15.13
N HIS A 121 -29.31 17.87 15.92
CA HIS A 121 -30.64 17.33 15.67
C HIS A 121 -31.40 18.11 14.61
N SER A 122 -31.06 19.38 14.36
CA SER A 122 -31.72 20.09 13.28
C SER A 122 -31.46 19.45 11.91
N GLU A 123 -30.43 18.60 11.80
CA GLU A 123 -30.07 17.97 10.52
C GLU A 123 -30.85 16.71 10.23
N ILE A 124 -31.66 16.24 11.17
CA ILE A 124 -32.32 14.94 11.06
C ILE A 124 -33.75 15.15 10.62
N ARG A 125 -34.19 14.35 9.65
CA ARG A 125 -35.57 14.35 9.16
C ARG A 125 -36.14 12.94 9.20
N ARG A 126 -37.46 12.85 9.32
CA ARG A 126 -38.10 11.56 9.13
C ARG A 126 -37.72 11.00 7.77
N GLY A 127 -37.41 9.70 7.76
CA GLY A 127 -36.94 9.01 6.57
C GLY A 127 -35.44 8.90 6.46
N ASP A 128 -34.68 9.67 7.23
CA ASP A 128 -33.23 9.57 7.18
C ASP A 128 -32.74 8.25 7.76
N VAL A 129 -31.68 7.71 7.17
CA VAL A 129 -30.90 6.64 7.81
C VAL A 129 -29.89 7.30 8.74
N VAL A 130 -29.94 6.93 10.02
CA VAL A 130 -29.17 7.62 11.04
C VAL A 130 -28.52 6.61 11.97
N GLY A 131 -27.44 7.04 12.62
CA GLY A 131 -26.85 6.26 13.69
C GLY A 131 -26.96 7.00 15.01
N PHE A 132 -27.02 6.25 16.11
CA PHE A 132 -27.06 6.82 17.43
C PHE A 132 -26.11 6.02 18.32
N THR A 133 -25.51 6.69 19.29
CA THR A 133 -24.76 6.06 20.34
CA THR A 133 -24.77 6.04 20.35
C THR A 133 -25.39 6.43 21.67
N GLY A 134 -25.39 5.50 22.63
CA GLY A 134 -25.94 5.81 23.92
C GLY A 134 -26.03 4.59 24.82
N PHE A 135 -26.85 4.73 25.90
CA PHE A 135 -27.04 3.75 26.97
C PHE A 135 -28.34 2.98 26.77
N PRO A 136 -28.35 1.67 27.01
CA PRO A 136 -29.58 0.89 26.82
C PRO A 136 -30.52 0.88 28.01
N GLY A 137 -31.81 0.65 27.70
CA GLY A 137 -32.81 0.40 28.72
C GLY A 137 -34.22 0.66 28.26
N LYS A 138 -35.04 1.18 29.17
CA LYS A 138 -36.46 1.40 28.93
C LYS A 138 -36.86 2.71 29.58
N SER A 139 -37.71 3.48 28.88
CA SER A 139 -38.33 4.66 29.46
C SER A 139 -39.19 4.26 30.66
N LYS A 140 -39.49 5.24 31.50
CA LYS A 140 -40.38 4.97 32.62
C LYS A 140 -41.73 4.45 32.17
N ARG A 141 -42.19 4.84 30.98
CA ARG A 141 -43.46 4.34 30.47
C ARG A 141 -43.35 2.95 29.82
N GLY A 142 -42.16 2.35 29.82
CA GLY A 142 -42.02 0.99 29.38
C GLY A 142 -41.54 0.77 27.95
N GLU A 143 -41.12 1.82 27.24
CA GLU A 143 -40.70 1.69 25.86
C GLU A 143 -39.22 1.34 25.79
N LEU A 144 -38.90 0.27 25.08
CA LEU A 144 -37.52 -0.06 24.73
C LEU A 144 -36.85 1.14 24.08
N SER A 145 -35.74 1.57 24.66
CA SER A 145 -35.15 2.84 24.23
C SER A 145 -33.63 2.74 24.30
N LEU A 146 -32.98 3.60 23.53
CA LEU A 146 -31.58 3.94 23.71
C LEU A 146 -31.50 5.39 24.18
N PHE A 147 -30.83 5.62 25.31
CA PHE A 147 -30.65 6.98 25.83
C PHE A 147 -29.40 7.52 25.19
N SER A 148 -29.58 8.38 24.19
CA SER A 148 -28.48 8.65 23.27
C SER A 148 -27.60 9.79 23.75
N LYS A 149 -26.35 9.73 23.30
CA LYS A 149 -25.34 10.75 23.53
C LYS A 149 -24.90 11.42 22.24
N SER A 150 -25.24 10.85 21.09
CA SER A 150 -24.86 11.47 19.81
C SER A 150 -25.81 10.96 18.76
N VAL A 151 -25.86 11.67 17.63
CA VAL A 151 -26.60 11.27 16.44
C VAL A 151 -25.71 11.55 15.23
N VAL A 152 -25.74 10.65 14.25
CA VAL A 152 -24.99 10.80 12.99
C VAL A 152 -25.96 10.65 11.83
N LEU A 153 -25.96 11.64 10.94
CA LEU A 153 -26.72 11.52 9.69
C LEU A 153 -25.93 10.63 8.74
N LEU A 154 -26.46 9.45 8.42
CA LEU A 154 -25.72 8.51 7.56
C LEU A 154 -26.13 8.59 6.10
N SER A 155 -27.40 8.70 5.82
CA SER A 155 -27.89 8.83 4.44
C SER A 155 -29.24 9.52 4.48
N PRO A 156 -29.34 10.79 4.08
CA PRO A 156 -30.61 11.50 4.21
C PRO A 156 -31.61 11.05 3.15
N CYS A 157 -32.88 11.23 3.48
CA CYS A 157 -33.97 11.08 2.54
C CYS A 157 -34.38 12.46 2.01
N TYR A 158 -34.30 12.65 0.69
CA TYR A 158 -34.55 13.94 0.07
C TYR A 158 -36.03 14.14 -0.29
N HIS A 159 -36.91 13.23 0.10
CA HIS A 159 -38.31 13.33 -0.27
C HIS A 159 -39.15 13.21 0.99
N MET A 160 -40.28 13.92 1.02
CA MET A 160 -41.22 13.75 2.12
C MET A 160 -41.96 12.43 1.95
N LEU A 161 -41.86 11.58 2.91
CA LEU A 161 -42.46 10.26 2.80
C LEU A 161 -43.82 10.24 3.48
N PRO A 162 -44.77 9.48 2.96
CA PRO A 162 -45.96 9.14 3.74
C PRO A 162 -45.58 8.24 4.89
N THR A 163 -46.50 8.09 5.84
CA THR A 163 -46.27 7.17 6.95
C THR A 163 -46.65 5.73 6.62
N ALA A 164 -47.46 5.53 5.58
CA ALA A 164 -47.89 4.20 5.13
C ALA A 164 -48.19 4.28 3.64
N ILE A 165 -48.28 3.11 2.99
CA ILE A 165 -48.48 3.09 1.53
C ILE A 165 -49.78 3.76 1.12
N SER A 166 -50.68 4.03 2.08
CA SER A 166 -51.92 4.75 1.77
C SER A 166 -51.64 6.21 1.40
N GLY A 167 -50.56 6.78 1.93
CA GLY A 167 -50.17 8.13 1.57
C GLY A 167 -49.43 8.26 0.24
N LEU A 168 -49.13 7.15 -0.42
CA LEU A 168 -48.53 7.19 -1.74
C LEU A 168 -49.51 7.79 -2.75
N LYS A 169 -48.94 8.32 -3.84
CA LYS A 169 -49.75 8.97 -4.87
C LYS A 169 -50.80 8.02 -5.42
N ASP A 170 -50.37 6.85 -5.88
CA ASP A 170 -51.27 5.76 -6.27
C ASP A 170 -50.61 4.46 -5.83
N GLN A 171 -51.30 3.34 -6.01
CA GLN A 171 -50.74 2.07 -5.58
C GLN A 171 -49.88 1.41 -6.65
N GLU A 172 -49.90 1.91 -7.89
CA GLU A 172 -48.85 1.58 -8.85
C GLU A 172 -47.49 2.09 -8.40
N VAL A 173 -47.46 3.05 -7.47
CA VAL A 173 -46.18 3.47 -6.90
C VAL A 173 -45.51 2.30 -6.20
N ARG A 174 -46.30 1.42 -5.57
CA ARG A 174 -45.74 0.26 -4.90
C ARG A 174 -44.94 -0.62 -5.86
N TYR A 175 -45.39 -0.73 -7.11
CA TYR A 175 -44.72 -1.56 -8.09
C TYR A 175 -43.61 -0.83 -8.85
N ARG A 176 -43.76 0.48 -9.11
CA ARG A 176 -42.77 1.23 -9.87
C ARG A 176 -41.61 1.72 -9.02
N GLN A 177 -41.81 1.88 -7.71
CA GLN A 177 -40.78 2.26 -6.76
C GLN A 177 -40.89 1.28 -5.59
N ARG A 178 -40.40 0.06 -5.81
CA ARG A 178 -40.62 -1.02 -4.85
C ARG A 178 -39.99 -0.72 -3.51
N TYR A 179 -38.91 0.07 -3.48
CA TYR A 179 -38.29 0.43 -2.21
C TYR A 179 -39.26 1.12 -1.27
N LEU A 180 -40.21 1.91 -1.81
CA LEU A 180 -41.18 2.57 -0.95
C LEU A 180 -42.15 1.57 -0.34
N ASP A 181 -42.61 0.61 -1.14
CA ASP A 181 -43.43 -0.50 -0.64
C ASP A 181 -42.67 -1.26 0.44
N LEU A 182 -41.43 -1.65 0.15
CA LEU A 182 -40.67 -2.42 1.14
C LEU A 182 -40.42 -1.60 2.40
N MET A 183 -40.15 -0.31 2.24
CA MET A 183 -39.83 0.54 3.38
C MET A 183 -41.04 0.72 4.29
N LEU A 184 -42.22 0.86 3.70
CA LEU A 184 -43.39 1.28 4.45
C LEU A 184 -44.33 0.15 4.81
N ASN A 185 -44.24 -1.00 4.14
CA ASN A 185 -45.34 -1.98 4.15
C ASN A 185 -44.83 -3.39 4.51
N GLU A 186 -45.07 -3.78 5.77
CA GLU A 186 -44.67 -5.10 6.24
C GLU A 186 -45.24 -6.24 5.39
N GLU A 187 -46.44 -6.07 4.85
CA GLU A 187 -47.06 -7.14 4.06
C GLU A 187 -46.24 -7.45 2.80
N SER A 188 -45.58 -6.45 2.21
CA SER A 188 -44.79 -6.74 1.01
CA SER A 188 -44.78 -6.72 1.01
C SER A 188 -43.50 -7.47 1.37
N ARG A 189 -42.87 -7.10 2.48
CA ARG A 189 -41.67 -7.80 2.92
C ARG A 189 -41.97 -9.26 3.22
N LYS A 190 -43.14 -9.52 3.84
CA LYS A 190 -43.53 -10.91 4.13
C LYS A 190 -43.65 -11.74 2.86
N VAL A 191 -44.20 -11.17 1.78
CA VAL A 191 -44.35 -11.93 0.53
C VAL A 191 -43.00 -12.45 0.05
N PHE A 192 -41.97 -11.61 0.07
CA PHE A 192 -40.73 -12.04 -0.55
C PHE A 192 -39.90 -12.93 0.36
N LYS A 193 -40.09 -12.86 1.68
CA LYS A 193 -39.51 -13.89 2.54
C LYS A 193 -40.22 -15.21 2.31
N LEU A 194 -41.55 -15.18 2.17
CA LEU A 194 -42.28 -16.40 1.88
C LEU A 194 -41.80 -17.03 0.58
N ARG A 195 -41.62 -16.21 -0.45
CA ARG A 195 -41.18 -16.71 -1.74
C ARG A 195 -39.83 -17.42 -1.61
N SER A 196 -38.89 -16.83 -0.86
CA SER A 196 -37.60 -17.47 -0.65
C SER A 196 -37.76 -18.77 0.13
N ARG A 197 -38.57 -18.75 1.18
CA ARG A 197 -38.79 -19.95 1.98
C ARG A 197 -39.38 -21.08 1.14
N ALA A 198 -40.35 -20.76 0.26
CA ALA A 198 -40.97 -21.79 -0.58
C ALA A 198 -39.97 -22.37 -1.57
N ILE A 199 -39.18 -21.51 -2.22
CA ILE A 199 -38.18 -22.00 -3.16
CA ILE A 199 -38.20 -22.02 -3.17
C ILE A 199 -37.17 -22.89 -2.46
N LYS A 200 -36.76 -22.49 -1.25
CA LYS A 200 -35.83 -23.30 -0.46
C LYS A 200 -36.42 -24.68 -0.16
N TYR A 201 -37.72 -24.73 0.18
CA TYR A 201 -38.37 -26.00 0.43
C TYR A 201 -38.31 -26.91 -0.79
N ILE A 202 -38.58 -26.34 -1.97
CA ILE A 202 -38.62 -27.12 -3.22
C ILE A 202 -37.25 -27.68 -3.55
N ARG A 203 -36.20 -26.83 -3.47
CA ARG A 203 -34.84 -27.34 -3.68
C ARG A 203 -34.53 -28.51 -2.75
N ASN A 204 -34.84 -28.35 -1.46
CA ASN A 204 -34.50 -29.40 -0.49
C ASN A 204 -35.23 -30.69 -0.82
N TYR A 205 -36.50 -30.59 -1.23
CA TYR A 205 -37.27 -31.77 -1.60
C TYR A 205 -36.56 -32.57 -2.68
N PHE A 206 -36.08 -31.89 -3.71
CA PHE A 206 -35.44 -32.60 -4.82
C PHE A 206 -34.00 -32.96 -4.49
N ASP A 207 -33.31 -32.12 -3.70
CA ASP A 207 -31.96 -32.47 -3.28
C ASP A 207 -31.96 -33.76 -2.47
N ARG A 208 -32.98 -33.95 -1.62
CA ARG A 208 -33.08 -35.17 -0.82
C ARG A 208 -33.31 -36.41 -1.69
N LEU A 209 -33.90 -36.24 -2.88
CA LEU A 209 -34.15 -37.37 -3.77
C LEU A 209 -32.96 -37.70 -4.64
N GLY A 210 -31.87 -36.95 -4.54
CA GLY A 210 -30.69 -37.21 -5.32
C GLY A 210 -30.63 -36.45 -6.63
N PHE A 211 -31.50 -35.45 -6.82
CA PHE A 211 -31.47 -34.66 -8.03
C PHE A 211 -30.22 -33.80 -8.11
N LEU A 212 -29.79 -33.51 -9.34
CA LEU A 212 -28.71 -32.58 -9.62
C LEU A 212 -29.33 -31.31 -10.20
N GLU A 213 -29.04 -30.17 -9.57
CA GLU A 213 -29.47 -28.90 -10.17
C GLU A 213 -28.51 -28.52 -11.27
N VAL A 214 -29.07 -28.04 -12.38
CA VAL A 214 -28.28 -27.66 -13.55
C VAL A 214 -28.77 -26.32 -14.09
N GLU A 215 -27.95 -25.72 -14.96
CA GLU A 215 -28.30 -24.52 -15.70
C GLU A 215 -28.12 -24.77 -17.19
N THR A 216 -29.12 -24.40 -17.98
CA THR A 216 -29.06 -24.55 -19.43
C THR A 216 -29.29 -23.18 -20.06
N PRO A 217 -28.97 -23.01 -21.36
CA PRO A 217 -28.85 -21.65 -21.90
C PRO A 217 -30.18 -20.91 -21.98
N MET A 218 -30.13 -19.63 -21.63
CA MET A 218 -31.27 -18.74 -21.89
C MET A 218 -31.20 -18.11 -23.27
N LEU A 219 -30.04 -18.15 -23.91
CA LEU A 219 -29.87 -17.64 -25.27
C LEU A 219 -29.57 -18.83 -26.19
N ASN A 220 -30.38 -18.99 -27.23
CA ASN A 220 -30.21 -20.11 -28.13
C ASN A 220 -30.41 -19.66 -29.57
N MET A 221 -29.78 -20.38 -30.51
CA MET A 221 -30.07 -20.12 -31.91
C MET A 221 -31.49 -20.57 -32.30
N ILE A 222 -32.16 -21.31 -31.43
CA ILE A 222 -33.53 -21.77 -31.65
C ILE A 222 -34.28 -21.63 -30.33
N TYR A 223 -35.60 -21.79 -30.38
CA TYR A 223 -36.41 -21.80 -29.17
C TYR A 223 -37.41 -22.93 -29.29
N GLY A 224 -37.88 -23.41 -28.14
CA GLY A 224 -38.77 -24.56 -28.12
C GLY A 224 -39.13 -24.94 -26.70
N GLY A 225 -39.98 -25.97 -26.59
CA GLY A 225 -40.31 -26.53 -25.30
C GLY A 225 -41.55 -25.96 -24.64
N ALA A 226 -42.18 -24.94 -25.23
CA ALA A 226 -43.37 -24.36 -24.65
C ALA A 226 -44.20 -23.72 -25.76
N ALA A 227 -45.35 -23.19 -25.36
CA ALA A 227 -46.25 -22.50 -26.27
C ALA A 227 -46.14 -21.02 -25.91
N ALA A 228 -45.27 -20.30 -26.63
CA ALA A 228 -45.03 -18.89 -26.34
C ALA A 228 -44.24 -18.27 -27.48
N ARG A 229 -44.49 -16.99 -27.72
CA ARG A 229 -43.68 -16.21 -28.64
C ARG A 229 -42.41 -15.73 -27.93
N PRO A 230 -41.24 -15.82 -28.59
CA PRO A 230 -39.97 -15.47 -27.92
C PRO A 230 -39.52 -14.04 -28.17
N PHE A 231 -38.58 -13.58 -27.33
CA PHE A 231 -37.82 -12.36 -27.63
C PHE A 231 -36.65 -12.68 -28.55
N ILE A 232 -36.36 -11.78 -29.48
CA ILE A 232 -35.32 -11.97 -30.50
C ILE A 232 -34.18 -11.00 -30.22
N THR A 233 -32.94 -11.50 -30.28
CA THR A 233 -31.79 -10.62 -30.11
C THR A 233 -30.76 -11.00 -31.17
N TYR A 234 -29.57 -10.40 -31.04
CA TYR A 234 -28.54 -10.52 -32.06
C TYR A 234 -27.17 -10.52 -31.40
N HIS A 235 -26.33 -11.47 -31.80
CA HIS A 235 -24.96 -11.53 -31.31
C HIS A 235 -24.03 -10.94 -32.37
N ASN A 236 -23.37 -9.82 -32.04
CA ASN A 236 -22.71 -9.05 -33.08
C ASN A 236 -21.48 -9.78 -33.62
N GLU A 237 -20.60 -10.25 -32.74
CA GLU A 237 -19.39 -10.91 -33.21
C GLU A 237 -19.73 -12.18 -34.01
N LEU A 238 -20.58 -13.03 -33.46
CA LEU A 238 -21.00 -14.20 -34.20
C LEU A 238 -21.97 -13.85 -35.33
N GLU A 239 -22.39 -12.59 -35.42
CA GLU A 239 -23.26 -12.12 -36.51
C GLU A 239 -24.47 -13.03 -36.71
N THR A 240 -25.06 -13.47 -35.59
CA THR A 240 -26.17 -14.41 -35.65
C THR A 240 -27.29 -13.98 -34.71
N GLN A 241 -28.52 -14.22 -35.15
CA GLN A 241 -29.68 -13.98 -34.33
C GLN A 241 -29.82 -15.04 -33.24
N LEU A 242 -30.26 -14.61 -32.05
CA LEU A 242 -30.51 -15.49 -30.93
C LEU A 242 -31.92 -15.26 -30.39
N TYR A 243 -32.42 -16.26 -29.66
CA TYR A 243 -33.73 -16.19 -29.03
C TYR A 243 -33.56 -16.38 -27.53
N MET A 244 -34.33 -15.63 -26.76
CA MET A 244 -34.41 -15.93 -25.35
C MET A 244 -35.30 -17.14 -25.15
N ARG A 245 -34.96 -17.98 -24.18
CA ARG A 245 -35.66 -19.25 -24.09
C ARG A 245 -37.11 -19.07 -23.65
N ILE A 246 -37.96 -19.96 -24.13
CA ILE A 246 -39.30 -20.04 -23.58
C ILE A 246 -39.43 -21.18 -22.59
N ALA A 247 -38.50 -22.14 -22.60
CA ALA A 247 -38.51 -23.24 -21.65
C ALA A 247 -37.17 -23.97 -21.78
N PRO A 248 -36.66 -24.58 -20.71
CA PRO A 248 -35.40 -25.34 -20.80
C PRO A 248 -35.54 -26.79 -21.24
N GLU A 249 -36.78 -27.22 -21.56
CA GLU A 249 -37.13 -28.64 -21.69
C GLU A 249 -36.19 -29.41 -22.64
N LEU A 250 -35.93 -28.87 -23.83
CA LEU A 250 -35.19 -29.63 -24.83
C LEU A 250 -33.73 -29.84 -24.41
N TYR A 251 -33.14 -28.88 -23.71
CA TYR A 251 -31.80 -29.10 -23.15
C TYR A 251 -31.83 -30.10 -22.00
N LEU A 252 -32.82 -29.98 -21.11
CA LEU A 252 -32.83 -30.87 -19.95
C LEU A 252 -32.96 -32.32 -20.39
N LYS A 253 -33.74 -32.59 -21.44
CA LYS A 253 -33.87 -33.98 -21.88
C LYS A 253 -32.55 -34.51 -22.44
N GLN A 254 -31.73 -33.65 -23.05
CA GLN A 254 -30.41 -34.11 -23.48
C GLN A 254 -29.58 -34.58 -22.31
N LEU A 255 -29.77 -33.99 -21.13
CA LEU A 255 -29.03 -34.40 -19.94
C LEU A 255 -29.46 -35.79 -19.48
N ILE A 256 -30.69 -36.17 -19.77
CA ILE A 256 -31.12 -37.53 -19.44
C ILE A 256 -30.55 -38.53 -20.45
N VAL A 257 -30.49 -38.16 -21.75
CA VAL A 257 -29.76 -38.99 -22.72
C VAL A 257 -28.32 -39.18 -22.24
N GLY A 258 -27.75 -38.14 -21.64
CA GLY A 258 -26.41 -38.12 -21.12
C GLY A 258 -26.19 -38.94 -19.87
N GLY A 259 -27.24 -39.51 -19.28
CA GLY A 259 -27.08 -40.36 -18.11
C GLY A 259 -27.21 -39.68 -16.76
N LEU A 260 -27.55 -38.39 -16.71
CA LEU A 260 -27.59 -37.73 -15.41
C LEU A 260 -28.80 -38.14 -14.56
N ASP A 261 -29.79 -38.85 -15.14
CA ASP A 261 -30.84 -39.58 -14.44
C ASP A 261 -31.90 -38.70 -13.76
N LYS A 262 -31.49 -37.71 -12.98
CA LYS A 262 -32.41 -36.85 -12.22
C LYS A 262 -31.86 -35.42 -12.22
N VAL A 263 -32.52 -34.52 -12.96
CA VAL A 263 -32.06 -33.14 -13.04
C VAL A 263 -33.23 -32.19 -12.85
N TYR A 264 -32.93 -30.99 -12.33
CA TYR A 264 -33.91 -29.91 -12.27
C TYR A 264 -33.22 -28.57 -12.51
N GLU A 265 -34.02 -27.61 -12.93
CA GLU A 265 -33.57 -26.23 -13.18
C GLU A 265 -34.65 -25.30 -12.67
N ILE A 266 -34.24 -24.25 -11.97
CA ILE A 266 -35.17 -23.20 -11.52
C ILE A 266 -34.65 -21.89 -12.09
N GLY A 267 -35.40 -21.27 -13.00
CA GLY A 267 -34.90 -20.06 -13.63
C GLY A 267 -35.98 -19.29 -14.35
N LYS A 268 -35.56 -18.20 -15.00
CA LYS A 268 -36.49 -17.37 -15.76
C LYS A 268 -36.76 -18.00 -17.14
N ASN A 269 -38.02 -17.93 -17.57
CA ASN A 269 -38.42 -18.07 -18.96
C ASN A 269 -38.95 -16.73 -19.46
N PHE A 270 -38.95 -16.54 -20.78
CA PHE A 270 -39.32 -15.25 -21.34
C PHE A 270 -40.43 -15.39 -22.36
N ARG A 271 -41.43 -14.53 -22.24
CA ARG A 271 -42.58 -14.55 -23.14
C ARG A 271 -42.79 -13.14 -23.66
N ASN A 272 -42.74 -13.02 -24.98
CA ASN A 272 -42.92 -11.75 -25.65
C ASN A 272 -44.40 -11.62 -26.02
N GLU A 273 -45.20 -11.15 -25.05
CA GLU A 273 -46.66 -11.10 -25.22
C GLU A 273 -47.25 -9.90 -24.47
N GLY A 274 -48.46 -10.03 -23.93
CA GLY A 274 -49.13 -8.89 -23.29
C GLY A 274 -48.71 -8.75 -21.84
N ILE A 275 -48.57 -7.49 -21.40
CA ILE A 275 -48.19 -7.17 -20.01
C ILE A 275 -49.45 -6.70 -19.29
N ASP A 276 -49.81 -7.36 -18.21
CA ASP A 276 -50.95 -6.89 -17.42
C ASP A 276 -50.82 -7.42 -15.99
N LEU A 277 -51.94 -7.46 -15.26
CA LEU A 277 -51.93 -7.84 -13.85
C LEU A 277 -51.48 -9.27 -13.61
N THR A 278 -51.61 -10.15 -14.61
CA THR A 278 -51.21 -11.55 -14.44
C THR A 278 -50.20 -12.00 -15.48
N HIS A 279 -49.60 -11.08 -16.24
CA HIS A 279 -48.65 -11.44 -17.28
C HIS A 279 -47.43 -10.54 -17.18
N ASN A 280 -46.26 -11.16 -17.04
CA ASN A 280 -44.98 -10.47 -17.00
C ASN A 280 -44.06 -11.03 -18.09
N PRO A 281 -43.24 -10.18 -18.73
CA PRO A 281 -42.36 -10.67 -19.81
C PRO A 281 -41.40 -11.75 -19.36
N GLU A 282 -41.07 -11.81 -18.09
CA GLU A 282 -40.22 -12.87 -17.57
C GLU A 282 -40.88 -13.45 -16.33
N PHE A 283 -40.71 -14.75 -16.13
CA PHE A 283 -41.31 -15.39 -14.97
C PHE A 283 -40.43 -16.53 -14.53
N THR A 284 -40.56 -16.91 -13.27
CA THR A 284 -39.69 -17.92 -12.67
C THR A 284 -40.38 -19.27 -12.77
N ALA A 285 -39.70 -20.23 -13.36
CA ALA A 285 -40.28 -21.55 -13.59
C ALA A 285 -39.28 -22.61 -13.17
N MET A 286 -39.80 -23.77 -12.83
CA MET A 286 -38.97 -24.93 -12.55
C MET A 286 -39.31 -26.03 -13.52
N GLU A 287 -38.30 -26.80 -13.94
CA GLU A 287 -38.53 -28.07 -14.61
C GLU A 287 -37.64 -29.12 -13.95
N PHE A 288 -38.14 -30.35 -13.90
CA PHE A 288 -37.29 -31.49 -13.56
C PHE A 288 -37.57 -32.64 -14.51
N TYR A 289 -36.56 -33.51 -14.67
CA TYR A 289 -36.61 -34.70 -15.51
C TYR A 289 -36.06 -35.86 -14.69
N MET A 290 -36.80 -36.97 -14.71
CA MET A 290 -36.53 -38.13 -13.87
C MET A 290 -36.61 -39.37 -14.75
N ALA A 291 -35.46 -39.98 -15.03
CA ALA A 291 -35.46 -41.23 -15.79
C ALA A 291 -36.31 -42.28 -15.08
N TYR A 292 -37.04 -43.05 -15.87
CA TYR A 292 -37.83 -44.23 -15.50
C TYR A 292 -39.14 -43.86 -14.81
N ALA A 293 -39.46 -42.59 -14.69
CA ALA A 293 -40.78 -42.19 -14.22
C ALA A 293 -41.74 -42.08 -15.41
N ASP A 294 -43.03 -42.29 -15.14
CA ASP A 294 -44.09 -41.96 -16.11
C ASP A 294 -45.00 -40.91 -15.47
N TYR A 295 -46.05 -40.49 -16.20
CA TYR A 295 -46.81 -39.36 -15.67
C TYR A 295 -47.62 -39.75 -14.44
N TYR A 296 -47.94 -41.04 -14.27
CA TYR A 296 -48.55 -41.50 -13.03
C TYR A 296 -47.65 -41.24 -11.84
N ASP A 297 -46.35 -41.59 -11.96
CA ASP A 297 -45.40 -41.27 -10.90
C ASP A 297 -45.35 -39.76 -10.63
N LEU A 298 -45.44 -38.95 -11.69
CA LEU A 298 -45.29 -37.52 -11.53
C LEU A 298 -46.51 -36.90 -10.84
N MET A 299 -47.71 -37.46 -11.06
CA MET A 299 -48.88 -36.99 -10.36
C MET A 299 -48.72 -37.22 -8.86
N ASP A 300 -48.23 -38.40 -8.46
CA ASP A 300 -48.03 -38.69 -7.04
C ASP A 300 -46.99 -37.75 -6.43
N LEU A 301 -45.90 -37.49 -7.17
CA LEU A 301 -44.86 -36.61 -6.67
C LEU A 301 -45.39 -35.19 -6.51
N THR A 302 -46.15 -34.69 -7.50
CA THR A 302 -46.74 -33.36 -7.42
C THR A 302 -47.60 -33.21 -6.17
N GLU A 303 -48.50 -34.17 -5.94
CA GLU A 303 -49.31 -34.19 -4.72
C GLU A 303 -48.44 -34.13 -3.46
N GLU A 304 -47.38 -34.93 -3.40
CA GLU A 304 -46.56 -34.97 -2.19
C GLU A 304 -45.78 -33.66 -2.01
N LEU A 305 -45.12 -33.22 -3.08
CA LEU A 305 -44.37 -31.98 -3.03
C LEU A 305 -45.26 -30.80 -2.63
N ILE A 306 -46.37 -30.62 -3.34
CA ILE A 306 -47.16 -29.40 -3.15
C ILE A 306 -47.91 -29.43 -1.83
N SER A 307 -48.52 -30.57 -1.48
CA SER A 307 -49.23 -30.59 -0.21
C SER A 307 -48.27 -30.42 0.96
N GLY A 308 -47.05 -30.92 0.84
CA GLY A 308 -46.08 -30.75 1.91
C GLY A 308 -45.60 -29.31 2.03
N LEU A 309 -45.47 -28.62 0.90
CA LEU A 309 -45.14 -27.19 0.92
C LEU A 309 -46.29 -26.38 1.54
N VAL A 310 -47.53 -26.65 1.12
CA VAL A 310 -48.67 -25.97 1.73
C VAL A 310 -48.69 -26.19 3.23
N LEU A 311 -48.46 -27.44 3.66
CA LEU A 311 -48.42 -27.76 5.09
C LEU A 311 -47.31 -26.99 5.79
N GLU A 312 -46.13 -26.93 5.18
CA GLU A 312 -45.01 -26.24 5.80
C GLU A 312 -45.32 -24.77 6.06
N ILE A 313 -46.00 -24.13 5.11
CA ILE A 313 -46.27 -22.68 5.21
CA ILE A 313 -46.25 -22.70 5.24
C ILE A 313 -47.49 -22.41 6.08
N HIS A 314 -48.54 -23.22 5.94
CA HIS A 314 -49.82 -22.89 6.52
C HIS A 314 -50.23 -23.71 7.73
N GLY A 315 -49.61 -24.85 7.99
CA GLY A 315 -49.98 -25.65 9.15
C GLY A 315 -51.15 -26.57 8.92
N SER A 316 -51.77 -26.53 7.74
CA SER A 316 -52.78 -27.50 7.34
C SER A 316 -52.85 -27.50 5.82
N LEU A 317 -53.71 -28.34 5.28
CA LEU A 317 -53.87 -28.44 3.83
C LEU A 317 -55.02 -27.59 3.32
N LYS A 318 -55.69 -26.84 4.19
CA LYS A 318 -56.84 -26.04 3.80
C LYS A 318 -56.49 -24.59 4.06
N ILE A 319 -56.35 -23.81 2.98
CA ILE A 319 -55.80 -22.46 3.11
C ILE A 319 -56.75 -21.43 2.51
N PRO A 320 -56.70 -20.18 2.95
CA PRO A 320 -57.64 -19.17 2.46
C PRO A 320 -57.17 -18.53 1.17
N TYR A 321 -58.13 -18.04 0.40
CA TYR A 321 -57.79 -17.24 -0.77
C TYR A 321 -58.87 -16.18 -0.96
N HIS A 322 -58.43 -14.93 -1.19
CA HIS A 322 -59.35 -13.82 -1.38
C HIS A 322 -59.25 -13.33 -2.81
N PRO A 323 -60.05 -13.85 -3.73
CA PRO A 323 -59.92 -13.46 -5.15
C PRO A 323 -60.26 -11.99 -5.41
N ASP A 324 -60.93 -11.31 -4.48
CA ASP A 324 -61.26 -9.90 -4.63
C ASP A 324 -60.57 -9.02 -3.57
N GLY A 325 -59.47 -9.49 -2.97
CA GLY A 325 -58.80 -8.72 -1.94
C GLY A 325 -59.22 -9.06 -0.53
N PRO A 326 -58.47 -8.54 0.45
CA PRO A 326 -58.55 -9.04 1.84
C PRO A 326 -59.90 -8.83 2.54
N GLU A 327 -60.65 -7.79 2.21
CA GLU A 327 -61.95 -7.60 2.86
C GLU A 327 -63.09 -8.24 2.09
N GLY A 328 -62.81 -8.79 0.90
CA GLY A 328 -63.79 -9.46 0.07
C GLY A 328 -64.04 -10.89 0.53
N LYS A 329 -64.67 -11.67 -0.34
CA LYS A 329 -65.04 -13.02 0.04
C LYS A 329 -63.80 -13.89 0.17
N CYS A 330 -63.89 -14.89 1.04
CA CYS A 330 -62.79 -15.83 1.26
C CYS A 330 -63.19 -17.20 0.76
N ILE A 331 -62.38 -17.76 -0.11
CA ILE A 331 -62.50 -19.11 -0.61
C ILE A 331 -61.51 -19.98 0.15
N GLU A 332 -61.89 -21.21 0.49
CA GLU A 332 -60.93 -22.16 1.04
C GLU A 332 -60.44 -23.11 -0.04
N ILE A 333 -59.12 -23.21 -0.21
CA ILE A 333 -58.53 -24.14 -1.17
C ILE A 333 -58.10 -25.39 -0.42
N ASP A 334 -58.54 -26.57 -0.86
CA ASP A 334 -58.32 -27.80 -0.12
C ASP A 334 -57.28 -28.64 -0.87
N PHE A 335 -56.08 -28.78 -0.30
CA PHE A 335 -54.99 -29.52 -0.92
C PHE A 335 -54.91 -30.99 -0.47
N THR A 336 -55.87 -31.47 0.34
CA THR A 336 -55.88 -32.87 0.75
C THR A 336 -55.77 -33.79 -0.47
N THR A 337 -54.88 -34.78 -0.38
CA THR A 337 -54.63 -35.66 -1.51
C THR A 337 -55.37 -36.98 -1.33
N PRO A 338 -55.69 -37.70 -2.42
CA PRO A 338 -55.41 -37.43 -3.84
C PRO A 338 -56.37 -36.43 -4.45
N TRP A 339 -55.91 -35.73 -5.48
CA TRP A 339 -56.69 -34.69 -6.12
C TRP A 339 -57.58 -35.25 -7.24
N LYS A 340 -58.62 -34.49 -7.56
CA LYS A 340 -59.49 -34.80 -8.68
C LYS A 340 -58.71 -34.89 -9.99
N ARG A 341 -59.04 -35.89 -10.81
CA ARG A 341 -58.59 -35.99 -12.20
C ARG A 341 -59.76 -35.67 -13.11
N PHE A 342 -59.53 -34.84 -14.12
CA PHE A 342 -60.48 -34.64 -15.22
C PHE A 342 -59.83 -35.09 -16.52
N SER A 343 -60.49 -35.98 -17.26
CA SER A 343 -59.97 -36.35 -18.57
C SER A 343 -60.33 -35.28 -19.60
N PHE A 344 -59.33 -34.83 -20.35
CA PHE A 344 -59.44 -33.65 -21.21
C PHE A 344 -60.64 -33.74 -22.15
N VAL A 345 -60.65 -34.74 -23.04
CA VAL A 345 -61.68 -34.82 -24.08
C VAL A 345 -63.04 -35.16 -23.46
N GLU A 346 -63.07 -36.14 -22.54
CA GLU A 346 -64.35 -36.55 -21.97
C GLU A 346 -65.05 -35.39 -21.27
N GLU A 347 -64.30 -34.52 -20.59
CA GLU A 347 -64.95 -33.44 -19.87
C GLU A 347 -65.43 -32.35 -20.82
N ILE A 348 -64.65 -32.04 -21.86
CA ILE A 348 -65.15 -31.19 -22.94
C ILE A 348 -66.46 -31.76 -23.46
N GLU A 349 -66.48 -33.07 -23.74
CA GLU A 349 -67.65 -33.68 -24.34
C GLU A 349 -68.85 -33.64 -23.40
N SER A 350 -68.63 -33.79 -22.09
CA SER A 350 -69.73 -33.65 -21.14
CA SER A 350 -69.72 -33.65 -21.12
C SER A 350 -70.29 -32.24 -21.15
N GLY A 351 -69.43 -31.24 -21.27
CA GLY A 351 -69.90 -29.86 -21.36
C GLY A 351 -70.65 -29.60 -22.65
N LEU A 352 -70.22 -30.23 -23.76
CA LEU A 352 -70.88 -30.02 -25.03
C LEU A 352 -72.22 -30.76 -25.12
N GLY A 353 -72.35 -31.88 -24.44
CA GLY A 353 -73.49 -32.74 -24.66
C GLY A 353 -73.38 -33.63 -25.87
N GLU A 354 -72.22 -33.67 -26.53
CA GLU A 354 -72.03 -34.51 -27.69
C GLU A 354 -70.53 -34.74 -27.87
N LYS A 355 -70.19 -35.67 -28.74
CA LYS A 355 -68.80 -36.07 -28.90
C LYS A 355 -68.08 -35.21 -29.94
N LEU A 356 -66.79 -35.04 -29.71
CA LEU A 356 -65.92 -34.49 -30.74
C LEU A 356 -65.77 -35.51 -31.87
N LYS A 357 -65.47 -35.01 -33.06
CA LYS A 357 -65.29 -35.88 -34.21
C LYS A 357 -63.89 -36.48 -34.18
N ARG A 358 -63.78 -37.69 -34.71
CA ARG A 358 -62.48 -38.37 -34.79
C ARG A 358 -62.09 -38.63 -36.24
N PRO A 359 -60.80 -38.49 -36.55
CA PRO A 359 -59.70 -38.07 -35.68
C PRO A 359 -59.82 -36.60 -35.22
N LEU A 360 -59.31 -36.31 -34.03
CA LEU A 360 -59.48 -34.98 -33.45
C LEU A 360 -58.87 -33.87 -34.31
N ASP A 361 -57.86 -34.18 -35.11
CA ASP A 361 -57.23 -33.16 -35.94
C ASP A 361 -57.71 -33.23 -37.39
N SER A 362 -58.80 -33.92 -37.65
CA SER A 362 -59.36 -33.92 -38.99
C SER A 362 -60.05 -32.59 -39.26
N GLN A 363 -60.17 -32.25 -40.54
CA GLN A 363 -60.89 -31.04 -40.92
C GLN A 363 -62.31 -31.09 -40.39
N GLU A 364 -62.91 -32.29 -40.37
CA GLU A 364 -64.27 -32.45 -39.85
C GLU A 364 -64.37 -31.98 -38.39
N ASN A 365 -63.44 -32.42 -37.54
CA ASN A 365 -63.49 -31.98 -36.16
C ASN A 365 -63.14 -30.51 -36.01
N ILE A 366 -62.25 -30.01 -36.86
CA ILE A 366 -61.93 -28.59 -36.82
C ILE A 366 -63.19 -27.77 -37.13
N ASP A 367 -63.92 -28.16 -38.17
CA ASP A 367 -65.17 -27.49 -38.48
C ASP A 367 -66.14 -27.59 -37.31
N PHE A 368 -66.25 -28.79 -36.72
CA PHE A 368 -67.18 -29.00 -35.61
C PHE A 368 -66.83 -28.13 -34.40
N MET A 369 -65.54 -28.08 -34.05
CA MET A 369 -65.14 -27.30 -32.88
C MET A 369 -65.33 -25.80 -33.11
N VAL A 370 -65.16 -25.33 -34.34
CA VAL A 370 -65.47 -23.95 -34.65
C VAL A 370 -66.95 -23.68 -34.40
N GLU A 371 -67.82 -24.56 -34.91
CA GLU A 371 -69.26 -24.42 -34.68
C GLU A 371 -69.59 -24.44 -33.19
N MET A 372 -68.92 -25.29 -32.41
CA MET A 372 -69.18 -25.33 -30.97
C MET A 372 -68.70 -24.06 -30.29
N CYS A 373 -67.53 -23.56 -30.67
CA CYS A 373 -67.08 -22.29 -30.11
C CYS A 373 -68.08 -21.18 -30.41
N GLU A 374 -68.69 -21.20 -31.59
CA GLU A 374 -69.67 -20.18 -31.93
C GLU A 374 -70.93 -20.33 -31.09
N LYS A 375 -71.48 -21.56 -31.02
CA LYS A 375 -72.70 -21.79 -30.25
C LYS A 375 -72.54 -21.37 -28.79
N HIS A 376 -71.42 -21.73 -28.17
CA HIS A 376 -71.21 -21.46 -26.75
C HIS A 376 -70.54 -20.12 -26.50
N GLU A 377 -70.46 -19.27 -27.51
CA GLU A 377 -69.84 -17.94 -27.42
C GLU A 377 -68.43 -18.02 -26.83
N ILE A 378 -67.62 -18.92 -27.42
CA ILE A 378 -66.21 -19.05 -27.10
C ILE A 378 -65.41 -18.29 -28.15
N GLU A 379 -64.52 -17.42 -27.68
CA GLU A 379 -63.68 -16.65 -28.59
C GLU A 379 -62.80 -17.57 -29.42
N LEU A 380 -62.85 -17.40 -30.75
CA LEU A 380 -62.06 -18.26 -31.62
C LEU A 380 -60.57 -17.94 -31.50
N PRO A 381 -59.72 -18.95 -31.60
CA PRO A 381 -58.27 -18.73 -31.64
C PRO A 381 -57.82 -18.38 -33.06
N HIS A 382 -56.60 -17.86 -33.15
CA HIS A 382 -55.99 -17.67 -34.45
C HIS A 382 -54.56 -18.19 -34.47
N PRO A 383 -54.24 -19.07 -35.43
CA PRO A 383 -55.16 -19.63 -36.42
C PRO A 383 -56.06 -20.73 -35.85
N ARG A 384 -56.95 -21.27 -36.69
CA ARG A 384 -57.93 -22.26 -36.28
C ARG A 384 -57.36 -23.68 -36.36
N THR A 385 -56.25 -23.90 -35.65
CA THR A 385 -55.71 -25.26 -35.57
C THR A 385 -56.54 -26.09 -34.58
N ALA A 386 -56.51 -27.42 -34.80
CA ALA A 386 -57.24 -28.30 -33.89
C ALA A 386 -56.76 -28.12 -32.46
N ALA A 387 -55.45 -27.92 -32.28
CA ALA A 387 -54.88 -27.79 -30.94
C ALA A 387 -55.39 -26.54 -30.23
N LYS A 388 -55.38 -25.40 -30.92
CA LYS A 388 -55.81 -24.18 -30.28
C LYS A 388 -57.31 -24.19 -30.05
N LEU A 389 -58.08 -24.80 -30.95
CA LEU A 389 -59.50 -24.99 -30.71
C LEU A 389 -59.75 -25.88 -29.49
N LEU A 390 -59.01 -26.99 -29.39
CA LEU A 390 -59.16 -27.86 -28.23
C LEU A 390 -58.83 -27.13 -26.94
N ASP A 391 -57.83 -26.25 -27.00
CA ASP A 391 -57.45 -25.48 -25.83
C ASP A 391 -58.56 -24.50 -25.43
N LYS A 392 -59.20 -23.85 -26.42
CA LYS A 392 -60.30 -22.93 -26.09
C LYS A 392 -61.47 -23.68 -25.45
N LEU A 393 -61.79 -24.87 -25.97
CA LEU A 393 -62.89 -25.62 -25.38
C LEU A 393 -62.57 -26.07 -23.96
N ALA A 394 -61.32 -26.51 -23.72
CA ALA A 394 -60.94 -26.95 -22.38
C ALA A 394 -60.90 -25.79 -21.40
N GLY A 395 -60.46 -24.61 -21.86
CA GLY A 395 -60.51 -23.45 -20.99
C GLY A 395 -61.91 -23.06 -20.60
N HIS A 396 -62.88 -23.35 -21.46
CA HIS A 396 -64.26 -22.96 -21.20
C HIS A 396 -64.98 -23.98 -20.32
N PHE A 397 -64.80 -25.27 -20.61
CA PHE A 397 -65.59 -26.34 -20.00
C PHE A 397 -64.88 -27.11 -18.89
N VAL A 398 -63.56 -27.04 -18.78
CA VAL A 398 -62.79 -27.94 -17.91
C VAL A 398 -61.95 -27.18 -16.91
N GLU A 399 -61.13 -26.24 -17.38
CA GLU A 399 -60.35 -25.44 -16.43
C GLU A 399 -61.24 -24.74 -15.42
N THR A 400 -62.45 -24.34 -15.82
CA THR A 400 -63.37 -23.64 -14.95
C THR A 400 -63.84 -24.51 -13.79
N LYS A 401 -63.76 -25.83 -13.91
CA LYS A 401 -64.12 -26.77 -12.85
C LYS A 401 -62.99 -26.97 -11.84
N CYS A 402 -61.83 -26.33 -12.02
CA CYS A 402 -60.65 -26.66 -11.21
C CYS A 402 -60.46 -25.61 -10.12
N THR A 403 -61.30 -25.70 -9.08
CA THR A 403 -61.12 -24.81 -7.93
C THR A 403 -60.02 -25.34 -7.01
N ASN A 404 -60.28 -26.44 -6.29
CA ASN A 404 -59.22 -27.17 -5.62
C ASN A 404 -58.20 -27.68 -6.64
N PRO A 405 -56.95 -27.93 -6.23
CA PRO A 405 -55.97 -28.51 -7.15
C PRO A 405 -56.55 -29.73 -7.85
N SER A 406 -56.45 -29.73 -9.17
CA SER A 406 -57.08 -30.75 -10.00
C SER A 406 -56.19 -30.99 -11.21
N PHE A 407 -56.08 -32.26 -11.59
CA PHE A 407 -55.31 -32.66 -12.76
C PHE A 407 -56.25 -32.74 -13.95
N ILE A 408 -55.95 -32.02 -15.01
CA ILE A 408 -56.52 -32.28 -16.32
C ILE A 408 -55.56 -33.20 -17.04
N ILE A 409 -56.05 -34.35 -17.51
CA ILE A 409 -55.13 -35.38 -17.98
C ILE A 409 -55.47 -35.83 -19.39
N ASP A 410 -54.47 -36.45 -20.03
CA ASP A 410 -54.65 -37.22 -21.25
C ASP A 410 -54.94 -36.33 -22.45
N HIS A 411 -54.21 -35.22 -22.53
CA HIS A 411 -54.36 -34.27 -23.62
C HIS A 411 -54.16 -34.93 -24.98
N PRO A 412 -54.93 -34.52 -25.98
CA PRO A 412 -54.69 -34.98 -27.36
C PRO A 412 -53.25 -34.74 -27.80
N GLN A 413 -52.75 -35.69 -28.61
CA GLN A 413 -51.41 -35.56 -29.17
C GLN A 413 -51.25 -34.31 -30.03
N THR A 414 -52.33 -33.88 -30.70
CA THR A 414 -52.21 -32.74 -31.62
C THR A 414 -51.81 -31.45 -30.90
N MET A 415 -52.05 -31.36 -29.59
CA MET A 415 -51.64 -30.19 -28.81
C MET A 415 -50.47 -30.49 -27.89
N SER A 416 -49.85 -31.66 -28.01
CA SER A 416 -48.84 -32.13 -27.05
C SER A 416 -47.67 -32.73 -27.82
N PRO A 417 -46.96 -31.90 -28.61
CA PRO A 417 -45.97 -32.45 -29.56
C PRO A 417 -44.79 -33.16 -28.90
N LEU A 418 -44.55 -32.96 -27.61
CA LEU A 418 -43.42 -33.59 -26.93
C LEU A 418 -43.84 -34.64 -25.92
N ALA A 419 -45.14 -34.91 -25.80
CA ALA A 419 -45.64 -35.91 -24.85
C ALA A 419 -45.83 -37.25 -25.55
N LYS A 420 -45.52 -38.33 -24.84
CA LYS A 420 -45.56 -39.66 -25.43
C LYS A 420 -47.00 -40.13 -25.58
N TRP A 421 -47.28 -40.82 -26.68
CA TRP A 421 -48.62 -41.35 -26.94
C TRP A 421 -49.12 -42.17 -25.76
N HIS A 422 -50.42 -42.07 -25.49
CA HIS A 422 -50.99 -42.74 -24.33
C HIS A 422 -51.02 -44.24 -24.56
N ARG A 423 -50.61 -45.00 -23.53
CA ARG A 423 -50.50 -46.45 -23.69
C ARG A 423 -51.86 -47.15 -23.84
N GLU A 424 -52.97 -46.48 -23.51
CA GLU A 424 -54.29 -47.06 -23.66
C GLU A 424 -55.22 -46.25 -24.55
N LYS A 425 -55.05 -44.93 -24.65
CA LYS A 425 -56.04 -44.07 -25.28
C LYS A 425 -55.56 -43.58 -26.64
N PRO A 426 -56.15 -44.04 -27.74
CA PRO A 426 -55.78 -43.52 -29.06
C PRO A 426 -55.96 -42.02 -29.15
N GLU A 427 -55.03 -41.38 -29.86
CA GLU A 427 -54.95 -39.95 -30.15
C GLU A 427 -54.52 -39.14 -28.91
N MET A 428 -54.44 -39.72 -27.72
CA MET A 428 -54.14 -39.01 -26.50
C MET A 428 -52.68 -39.19 -26.12
N THR A 429 -52.25 -38.45 -25.09
CA THR A 429 -50.88 -38.54 -24.57
C THR A 429 -50.90 -38.74 -23.07
N GLU A 430 -49.74 -39.13 -22.53
CA GLU A 430 -49.58 -39.30 -21.09
C GLU A 430 -49.14 -37.97 -20.50
N ARG A 431 -50.10 -37.06 -20.40
CA ARG A 431 -49.81 -35.69 -19.98
C ARG A 431 -50.80 -35.27 -18.90
N PHE A 432 -50.36 -34.38 -18.02
CA PHE A 432 -51.31 -33.69 -17.17
C PHE A 432 -50.92 -32.22 -17.02
N GLU A 433 -51.93 -31.41 -16.71
CA GLU A 433 -51.75 -30.07 -16.18
C GLU A 433 -52.37 -30.03 -14.80
N LEU A 434 -51.75 -29.28 -13.89
CA LEU A 434 -52.32 -29.04 -12.58
C LEU A 434 -52.93 -27.64 -12.60
N PHE A 435 -54.20 -27.55 -12.24
CA PHE A 435 -54.89 -26.27 -12.14
C PHE A 435 -55.35 -26.06 -10.70
N VAL A 436 -55.24 -24.82 -10.25
CA VAL A 436 -55.79 -24.40 -8.96
C VAL A 436 -56.56 -23.10 -9.21
N LEU A 437 -57.81 -23.04 -8.74
CA LEU A 437 -58.66 -21.88 -8.96
C LEU A 437 -58.68 -21.44 -10.43
N GLY A 438 -58.72 -22.43 -11.32
CA GLY A 438 -58.80 -22.17 -12.75
C GLY A 438 -57.53 -21.69 -13.42
N LYS A 439 -56.38 -21.73 -12.73
CA LYS A 439 -55.11 -21.26 -13.28
C LYS A 439 -54.08 -22.38 -13.31
N GLU A 440 -53.28 -22.41 -14.37
CA GLU A 440 -52.30 -23.48 -14.53
C GLU A 440 -51.13 -23.29 -13.56
N LEU A 441 -50.75 -24.37 -12.89
CA LEU A 441 -49.58 -24.43 -12.02
C LEU A 441 -48.49 -25.36 -12.54
N CYS A 442 -48.87 -26.52 -13.08
CA CYS A 442 -47.91 -27.52 -13.53
C CYS A 442 -48.32 -28.06 -14.89
N ASN A 443 -47.31 -28.56 -15.61
CA ASN A 443 -47.45 -29.21 -16.90
C ASN A 443 -46.41 -30.32 -16.97
N ALA A 444 -46.84 -31.55 -17.29
CA ALA A 444 -45.95 -32.68 -17.08
C ALA A 444 -46.39 -33.82 -17.99
N TYR A 445 -45.43 -34.67 -18.38
CA TYR A 445 -45.83 -35.84 -19.14
C TYR A 445 -44.76 -36.93 -19.11
N THR A 446 -45.20 -38.16 -19.41
CA THR A 446 -44.28 -39.16 -19.93
C THR A 446 -43.66 -38.59 -21.21
N GLU A 447 -42.34 -38.53 -21.28
CA GLU A 447 -41.65 -37.84 -22.38
C GLU A 447 -41.67 -38.67 -23.66
N LEU A 448 -41.99 -38.04 -24.78
CA LEU A 448 -41.85 -38.71 -26.07
C LEU A 448 -40.37 -39.03 -26.32
N ASN A 449 -40.07 -40.29 -26.61
CA ASN A 449 -38.66 -40.67 -26.79
C ASN A 449 -38.46 -41.46 -28.06
N GLU A 450 -39.43 -41.40 -28.96
CA GLU A 450 -39.37 -42.11 -30.23
C GLU A 450 -39.11 -41.08 -31.32
N PRO A 451 -37.94 -41.12 -31.99
CA PRO A 451 -37.54 -39.97 -32.82
C PRO A 451 -38.36 -39.77 -34.09
N LEU A 452 -38.89 -40.83 -34.70
CA LEU A 452 -39.69 -40.66 -35.91
C LEU A 452 -40.92 -39.80 -35.62
N GLN A 453 -41.70 -40.19 -34.61
CA GLN A 453 -42.87 -39.41 -34.22
C GLN A 453 -42.50 -37.99 -33.82
N GLN A 454 -41.40 -37.85 -33.08
CA GLN A 454 -41.02 -36.52 -32.62
C GLN A 454 -40.79 -35.59 -33.81
N ARG A 455 -40.11 -36.07 -34.84
CA ARG A 455 -39.91 -35.27 -36.04
C ARG A 455 -41.25 -34.91 -36.68
N LYS A 456 -42.15 -35.87 -36.78
CA LYS A 456 -43.46 -35.59 -37.38
C LYS A 456 -44.17 -34.48 -36.63
N PHE A 457 -44.19 -34.55 -35.31
CA PHE A 457 -44.90 -33.55 -34.52
C PHE A 457 -44.22 -32.19 -34.58
N PHE A 458 -42.90 -32.16 -34.73
CA PHE A 458 -42.20 -30.89 -34.93
C PHE A 458 -42.60 -30.23 -36.26
N GLU A 459 -42.72 -31.03 -37.32
CA GLU A 459 -43.15 -30.49 -38.60
C GLU A 459 -44.55 -29.90 -38.50
N GLN A 460 -45.43 -30.58 -37.76
CA GLN A 460 -46.77 -30.05 -37.55
C GLN A 460 -46.72 -28.73 -36.81
N GLN A 461 -45.83 -28.61 -35.81
CA GLN A 461 -45.70 -27.34 -35.13
CA GLN A 461 -45.65 -27.34 -35.11
C GLN A 461 -45.14 -26.27 -36.05
N ALA A 462 -44.22 -26.65 -36.95
CA ALA A 462 -43.67 -25.67 -37.88
C ALA A 462 -44.74 -25.18 -38.84
N ASP A 463 -45.68 -26.06 -39.20
CA ASP A 463 -46.76 -25.65 -40.09
C ASP A 463 -47.71 -24.67 -39.40
N ALA A 464 -48.04 -24.94 -38.13
CA ALA A 464 -48.79 -23.95 -37.34
C ALA A 464 -48.08 -22.61 -37.30
N LYS A 465 -46.77 -22.61 -37.02
CA LYS A 465 -46.01 -21.36 -37.00
C LYS A 465 -46.12 -20.63 -38.32
N ALA A 466 -46.05 -21.35 -39.44
CA ALA A 466 -46.11 -20.72 -40.75
C ALA A 466 -47.49 -20.14 -41.05
N SER A 467 -48.54 -20.71 -40.44
CA SER A 467 -49.92 -20.23 -40.60
C SER A 467 -50.26 -19.09 -39.66
N GLY A 468 -49.32 -18.63 -38.83
CA GLY A 468 -49.54 -17.50 -37.97
C GLY A 468 -49.59 -17.80 -36.49
N ASP A 469 -49.36 -19.04 -36.09
CA ASP A 469 -49.36 -19.39 -34.67
C ASP A 469 -48.06 -18.88 -34.06
N VAL A 470 -48.12 -17.71 -33.42
CA VAL A 470 -46.94 -17.11 -32.80
C VAL A 470 -46.43 -17.90 -31.60
N GLU A 471 -47.16 -18.94 -31.18
CA GLU A 471 -46.75 -19.75 -30.03
C GLU A 471 -46.23 -21.12 -30.42
N ALA A 472 -46.18 -21.43 -31.71
CA ALA A 472 -45.65 -22.70 -32.17
C ALA A 472 -44.17 -22.55 -32.51
N CYS A 473 -43.41 -23.62 -32.32
CA CYS A 473 -41.97 -23.55 -32.41
C CYS A 473 -41.44 -24.21 -33.68
N PRO A 474 -40.26 -23.83 -34.13
CA PRO A 474 -39.64 -24.48 -35.30
C PRO A 474 -39.02 -25.82 -34.92
N ILE A 475 -38.68 -26.59 -35.96
CA ILE A 475 -38.07 -27.91 -35.79
C ILE A 475 -36.67 -27.75 -35.20
N ASP A 476 -36.36 -28.52 -34.15
CA ASP A 476 -35.03 -28.51 -33.54
C ASP A 476 -34.29 -29.80 -33.96
N GLU A 477 -33.42 -29.67 -34.97
CA GLU A 477 -32.64 -30.80 -35.44
C GLU A 477 -31.67 -31.32 -34.39
N THR A 478 -31.09 -30.44 -33.57
CA THR A 478 -30.19 -30.92 -32.52
C THR A 478 -30.93 -31.83 -31.54
N PHE A 479 -32.19 -31.51 -31.23
CA PHE A 479 -32.93 -32.36 -30.30
C PHE A 479 -33.27 -33.70 -30.92
N CYS A 480 -33.70 -33.71 -32.18
CA CYS A 480 -33.98 -34.98 -32.86
C CYS A 480 -32.77 -35.88 -32.87
N LEU A 481 -31.58 -35.31 -33.12
CA LEU A 481 -30.37 -36.13 -33.11
C LEU A 481 -30.07 -36.65 -31.71
N ALA A 482 -30.42 -35.87 -30.69
CA ALA A 482 -30.24 -36.34 -29.31
C ALA A 482 -31.17 -37.52 -29.01
N LEU A 483 -32.42 -37.47 -29.49
CA LEU A 483 -33.28 -38.63 -29.29
C LEU A 483 -32.73 -39.86 -30.01
N GLU A 484 -32.06 -39.66 -31.14
CA GLU A 484 -31.48 -40.81 -31.83
C GLU A 484 -30.34 -41.43 -31.04
N HIS A 485 -29.90 -40.84 -29.93
CA HIS A 485 -28.92 -41.52 -29.10
C HIS A 485 -29.55 -42.24 -27.93
N GLY A 486 -30.88 -42.17 -27.80
CA GLY A 486 -31.57 -42.97 -26.81
C GLY A 486 -31.94 -42.22 -25.56
N LEU A 487 -33.12 -41.62 -25.55
CA LEU A 487 -33.66 -41.05 -24.33
C LEU A 487 -34.32 -42.16 -23.55
N PRO A 488 -33.84 -42.51 -22.35
CA PRO A 488 -34.51 -43.53 -21.53
C PRO A 488 -35.97 -43.17 -21.34
N PRO A 489 -36.83 -44.14 -21.03
CA PRO A 489 -38.18 -43.78 -20.58
C PRO A 489 -38.03 -42.79 -19.44
N THR A 490 -38.81 -41.71 -19.50
CA THR A 490 -38.55 -40.55 -18.66
C THR A 490 -39.86 -39.83 -18.39
N GLY A 491 -39.97 -39.25 -17.19
CA GLY A 491 -41.04 -38.31 -16.90
C GLY A 491 -40.52 -36.91 -16.61
N GLY A 492 -41.12 -35.88 -17.21
CA GLY A 492 -40.71 -34.51 -16.98
C GLY A 492 -41.88 -33.65 -16.56
N TRP A 493 -41.56 -32.47 -16.03
CA TRP A 493 -42.52 -31.73 -15.20
C TRP A 493 -42.07 -30.29 -15.09
N GLY A 494 -43.02 -29.37 -15.15
CA GLY A 494 -42.72 -27.96 -14.97
C GLY A 494 -43.70 -27.34 -13.99
N LEU A 495 -43.24 -26.27 -13.34
CA LEU A 495 -44.03 -25.59 -12.32
C LEU A 495 -43.88 -24.10 -12.51
N GLY A 496 -44.99 -23.37 -12.48
CA GLY A 496 -44.90 -21.92 -12.52
C GLY A 496 -44.77 -21.40 -11.10
N ILE A 497 -43.56 -20.96 -10.73
CA ILE A 497 -43.28 -20.56 -9.35
CA ILE A 497 -43.34 -20.60 -9.33
C ILE A 497 -44.13 -19.36 -8.95
N ASP A 498 -44.24 -18.37 -9.85
CA ASP A 498 -44.94 -17.12 -9.50
C ASP A 498 -46.39 -17.39 -9.11
N ARG A 499 -47.11 -18.16 -9.93
N ARG A 499 -47.11 -18.19 -9.91
CA ARG A 499 -48.50 -18.52 -9.59
CA ARG A 499 -48.50 -18.48 -9.56
C ARG A 499 -48.54 -19.21 -8.23
C ARG A 499 -48.60 -19.28 -8.28
N LEU A 500 -47.61 -20.12 -7.98
CA LEU A 500 -47.59 -20.85 -6.72
C LEU A 500 -47.50 -19.89 -5.54
N ILE A 501 -46.61 -18.89 -5.64
CA ILE A 501 -46.44 -17.91 -4.57
C ILE A 501 -47.73 -17.11 -4.39
N MET A 502 -48.39 -16.76 -5.50
CA MET A 502 -49.65 -16.02 -5.40
C MET A 502 -50.66 -16.74 -4.53
N PHE A 503 -50.86 -18.04 -4.77
CA PHE A 503 -51.79 -18.78 -3.92
C PHE A 503 -51.27 -18.90 -2.50
N LEU A 504 -49.99 -19.24 -2.32
CA LEU A 504 -49.46 -19.46 -0.97
C LEU A 504 -49.52 -18.18 -0.16
N ALA A 505 -49.30 -17.03 -0.80
CA ALA A 505 -49.28 -15.74 -0.14
C ALA A 505 -50.62 -15.03 -0.18
N ASP A 506 -51.64 -15.65 -0.78
CA ASP A 506 -52.97 -15.06 -0.96
C ASP A 506 -52.86 -13.69 -1.60
N LYS A 507 -52.32 -13.69 -2.82
CA LYS A 507 -52.26 -12.49 -3.66
C LYS A 507 -52.98 -12.77 -4.97
N ASN A 508 -53.71 -11.79 -5.50
CA ASN A 508 -54.50 -12.06 -6.69
C ASN A 508 -53.92 -11.44 -7.97
N ASN A 509 -52.70 -10.89 -7.94
CA ASN A 509 -52.04 -10.55 -9.18
C ASN A 509 -50.56 -10.87 -9.09
N ILE A 510 -49.91 -10.98 -10.25
CA ILE A 510 -48.52 -11.43 -10.26
C ILE A 510 -47.57 -10.30 -9.89
N LYS A 511 -48.00 -9.06 -10.00
CA LYS A 511 -47.13 -7.96 -9.61
C LYS A 511 -46.82 -7.99 -8.12
N GLU A 512 -47.68 -8.63 -7.32
CA GLU A 512 -47.46 -8.71 -5.88
C GLU A 512 -46.31 -9.65 -5.50
N VAL A 513 -45.93 -10.58 -6.39
CA VAL A 513 -44.97 -11.61 -6.00
C VAL A 513 -43.67 -11.51 -6.79
N ILE A 514 -43.52 -10.45 -7.57
CA ILE A 514 -42.30 -10.17 -8.33
C ILE A 514 -41.80 -8.80 -7.89
N LEU A 515 -40.52 -8.71 -7.50
CA LEU A 515 -40.05 -7.47 -6.87
C LEU A 515 -40.17 -6.29 -7.81
N PHE A 516 -39.77 -6.46 -9.06
CA PHE A 516 -39.75 -5.36 -10.03
C PHE A 516 -40.52 -5.79 -11.28
N PRO A 517 -41.85 -5.83 -11.21
CA PRO A 517 -42.62 -6.28 -12.38
C PRO A 517 -42.56 -5.23 -13.47
N ALA A 518 -42.70 -5.68 -14.71
CA ALA A 518 -42.75 -4.69 -15.79
C ALA A 518 -44.04 -3.90 -15.71
N MET A 519 -43.98 -2.63 -16.10
CA MET A 519 -45.11 -1.70 -16.05
C MET A 519 -45.14 -0.87 -17.32
N ARG A 520 -46.34 -0.37 -17.66
CA ARG A 520 -46.54 0.48 -18.83
C ARG A 520 -45.75 1.79 -18.74
N ASN A 521 -45.89 2.65 -19.75
CA ASN A 521 -45.07 3.87 -19.94
C ASN A 521 -43.62 3.52 -20.20
N SER B 21 -24.12 -43.59 -42.09
CA SER B 21 -25.57 -43.46 -42.07
C SER B 21 -26.26 -44.80 -42.32
N HIS B 22 -25.51 -45.78 -42.85
CA HIS B 22 -26.09 -47.10 -43.09
C HIS B 22 -26.54 -47.75 -41.78
N TYR B 23 -25.74 -47.59 -40.72
CA TYR B 23 -26.11 -48.15 -39.43
C TYR B 23 -27.38 -47.51 -38.88
N THR B 24 -27.57 -46.21 -39.14
CA THR B 24 -28.74 -45.52 -38.61
C THR B 24 -30.01 -45.95 -39.35
N ASP B 25 -29.94 -46.01 -40.69
CA ASP B 25 -31.08 -46.45 -41.47
C ASP B 25 -31.43 -47.90 -41.17
N ASN B 26 -30.42 -48.76 -40.98
CA ASN B 26 -30.68 -50.14 -40.61
C ASN B 26 -31.39 -50.24 -39.26
N ARG B 27 -31.07 -49.34 -38.33
CA ARG B 27 -31.70 -49.41 -37.01
C ARG B 27 -33.16 -48.98 -37.08
N TYR B 28 -33.45 -47.93 -37.86
CA TYR B 28 -34.84 -47.58 -38.08
C TYR B 28 -35.59 -48.74 -38.73
N LYS B 29 -34.93 -49.47 -39.63
CA LYS B 29 -35.57 -50.63 -40.25
C LYS B 29 -35.86 -51.72 -39.21
N MET B 30 -34.89 -51.99 -38.34
CA MET B 30 -35.13 -52.93 -37.25
C MET B 30 -36.34 -52.51 -36.41
N MET B 31 -36.37 -51.26 -35.97
CA MET B 31 -37.45 -50.83 -35.09
C MET B 31 -38.81 -50.93 -35.77
N GLU B 32 -38.86 -50.68 -37.08
CA GLU B 32 -40.12 -50.88 -37.80
C GLU B 32 -40.51 -52.35 -37.79
N CYS B 33 -39.55 -53.25 -37.94
CA CYS B 33 -39.85 -54.67 -37.87
CA CYS B 33 -39.84 -54.68 -37.87
C CYS B 33 -40.34 -55.08 -36.49
N ILE B 34 -39.68 -54.57 -35.44
CA ILE B 34 -40.11 -54.86 -34.08
C ILE B 34 -41.54 -54.43 -33.86
N LYS B 35 -41.88 -53.22 -34.32
CA LYS B 35 -43.23 -52.70 -34.09
C LYS B 35 -44.28 -53.52 -34.84
N ASP B 36 -44.04 -53.78 -36.13
CA ASP B 36 -45.00 -54.51 -36.94
C ASP B 36 -45.15 -55.95 -36.48
N ALA B 37 -44.12 -56.54 -35.88
CA ALA B 37 -44.22 -57.88 -35.31
C ALA B 37 -44.85 -57.90 -33.92
N GLY B 38 -45.20 -56.75 -33.36
CA GLY B 38 -45.83 -56.73 -32.05
C GLY B 38 -44.91 -57.01 -30.89
N ARG B 39 -43.62 -56.91 -31.09
CA ARG B 39 -42.65 -57.05 -30.02
C ARG B 39 -42.48 -55.70 -29.33
N PRO B 40 -41.93 -55.68 -28.11
CA PRO B 40 -41.86 -54.41 -27.35
C PRO B 40 -41.24 -53.26 -28.13
N PHE B 41 -42.01 -52.18 -28.29
CA PHE B 41 -41.62 -51.00 -29.06
C PHE B 41 -41.74 -49.79 -28.14
N TYR B 42 -40.59 -49.31 -27.65
CA TYR B 42 -40.53 -48.19 -26.71
C TYR B 42 -41.50 -48.30 -25.53
N PRO B 43 -41.30 -49.28 -24.65
CA PRO B 43 -42.18 -49.42 -23.47
C PRO B 43 -42.33 -48.12 -22.69
N HIS B 44 -43.56 -47.84 -22.24
CA HIS B 44 -43.82 -46.58 -21.54
C HIS B 44 -43.16 -46.56 -20.16
N LYS B 45 -43.16 -47.69 -19.47
CA LYS B 45 -42.71 -47.74 -18.09
C LYS B 45 -41.95 -49.03 -17.83
N PHE B 46 -40.77 -48.93 -17.25
CA PHE B 46 -40.00 -50.07 -16.78
C PHE B 46 -39.77 -49.86 -15.30
N LYS B 47 -40.30 -50.76 -14.48
CA LYS B 47 -40.21 -50.62 -13.03
C LYS B 47 -38.96 -51.33 -12.54
N ILE B 48 -37.92 -50.57 -12.16
CA ILE B 48 -36.71 -51.19 -11.66
C ILE B 48 -36.97 -51.65 -10.22
N SER B 49 -36.27 -52.70 -9.79
CA SER B 49 -36.34 -53.15 -8.41
C SER B 49 -35.55 -52.24 -7.48
N MET B 50 -34.41 -51.75 -7.96
CA MET B 50 -33.56 -50.84 -7.21
C MET B 50 -32.58 -50.23 -8.19
N SER B 51 -31.93 -49.15 -7.78
CA SER B 51 -30.92 -48.53 -8.61
C SER B 51 -29.69 -49.42 -8.69
N LEU B 52 -28.87 -49.20 -9.71
CA LEU B 52 -27.61 -49.96 -9.78
C LEU B 52 -26.69 -49.65 -8.60
N PRO B 53 -26.54 -48.41 -8.12
CA PRO B 53 -25.78 -48.20 -6.88
C PRO B 53 -26.31 -49.02 -5.71
N ALA B 54 -27.63 -49.09 -5.55
CA ALA B 54 -28.18 -49.87 -4.45
C ALA B 54 -27.93 -51.35 -4.64
N TYR B 55 -28.01 -51.83 -5.88
CA TYR B 55 -27.71 -53.23 -6.20
C TYR B 55 -26.27 -53.58 -5.83
N ALA B 56 -25.32 -52.72 -6.18
CA ALA B 56 -23.94 -52.97 -5.78
C ALA B 56 -23.81 -52.97 -4.26
N LEU B 57 -24.59 -52.13 -3.58
CA LEU B 57 -24.53 -52.05 -2.13
C LEU B 57 -25.06 -53.32 -1.48
N LYS B 58 -26.18 -53.83 -1.98
CA LYS B 58 -26.82 -55.00 -1.38
C LYS B 58 -26.11 -56.30 -1.71
N TYR B 59 -25.39 -56.38 -2.83
CA TYR B 59 -24.83 -57.64 -3.27
C TYR B 59 -23.32 -57.61 -3.53
N GLY B 60 -22.66 -56.48 -3.32
CA GLY B 60 -21.25 -56.37 -3.67
C GLY B 60 -20.29 -57.07 -2.72
N ASN B 61 -20.82 -57.86 -1.80
CA ASN B 61 -19.94 -58.60 -0.90
C ASN B 61 -20.38 -60.04 -0.70
N VAL B 62 -21.14 -60.59 -1.64
CA VAL B 62 -21.50 -62.00 -1.57
C VAL B 62 -20.30 -62.85 -1.97
N GLU B 63 -20.34 -64.12 -1.61
CA GLU B 63 -19.28 -65.03 -2.01
C GLU B 63 -19.24 -65.15 -3.53
N ASN B 64 -18.05 -65.40 -4.06
CA ASN B 64 -17.91 -65.63 -5.49
C ASN B 64 -18.74 -66.85 -5.90
N GLY B 65 -19.43 -66.73 -7.04
CA GLY B 65 -20.32 -67.77 -7.49
C GLY B 65 -21.68 -67.78 -6.83
N TYR B 66 -21.96 -66.90 -5.87
CA TYR B 66 -23.24 -66.88 -5.20
C TYR B 66 -24.36 -66.43 -6.14
N ILE B 67 -25.48 -67.14 -6.08
CA ILE B 67 -26.65 -66.83 -6.88
C ILE B 67 -27.88 -67.15 -6.05
N ASP B 68 -28.87 -66.27 -6.10
CA ASP B 68 -30.10 -66.42 -5.31
C ASP B 68 -31.26 -66.55 -6.29
N LYS B 69 -31.66 -67.78 -6.59
CA LYS B 69 -32.77 -67.98 -7.51
C LYS B 69 -34.13 -67.82 -6.84
N ASP B 70 -34.16 -67.50 -5.55
CA ASP B 70 -35.40 -67.16 -4.87
C ASP B 70 -35.69 -65.66 -4.90
N THR B 71 -34.93 -64.89 -5.66
CA THR B 71 -35.14 -63.45 -5.77
C THR B 71 -35.05 -63.07 -7.23
N THR B 72 -36.12 -62.53 -7.77
CA THR B 72 -36.10 -61.99 -9.13
C THR B 72 -36.15 -60.48 -9.06
N LEU B 73 -35.19 -59.84 -9.71
CA LEU B 73 -35.04 -58.38 -9.68
C LEU B 73 -35.05 -57.86 -11.11
N SER B 74 -35.38 -56.57 -11.23
CA SER B 74 -35.37 -55.86 -12.51
C SER B 74 -34.39 -54.70 -12.42
N LEU B 75 -33.49 -54.61 -13.38
CA LEU B 75 -32.48 -53.56 -13.43
C LEU B 75 -32.49 -52.94 -14.82
N SER B 76 -31.98 -51.71 -14.90
CA SER B 76 -31.92 -51.04 -16.18
C SER B 76 -30.73 -50.10 -16.21
N GLY B 77 -30.19 -49.91 -17.41
CA GLY B 77 -29.14 -48.94 -17.65
C GLY B 77 -28.84 -48.90 -19.13
N ARG B 78 -27.74 -48.24 -19.48
CA ARG B 78 -27.27 -48.18 -20.85
C ARG B 78 -26.20 -49.24 -21.08
N VAL B 79 -26.30 -49.96 -22.20
CA VAL B 79 -25.37 -51.03 -22.50
C VAL B 79 -24.03 -50.44 -22.90
N THR B 80 -22.97 -50.80 -22.18
CA THR B 80 -21.63 -50.37 -22.53
C THR B 80 -20.76 -51.48 -23.10
N SER B 81 -21.22 -52.73 -23.02
CA SER B 81 -20.42 -53.85 -23.49
C SER B 81 -21.33 -55.02 -23.85
N ILE B 82 -20.99 -55.71 -24.94
CA ILE B 82 -21.65 -56.94 -25.34
C ILE B 82 -20.56 -57.91 -25.79
N ARG B 83 -20.45 -59.04 -25.10
CA ARG B 83 -19.54 -60.10 -25.49
C ARG B 83 -20.27 -61.43 -25.44
N SER B 84 -20.13 -62.22 -26.49
CA SER B 84 -20.69 -63.57 -26.52
C SER B 84 -19.56 -64.57 -26.48
N SER B 85 -19.44 -65.28 -25.36
CA SER B 85 -18.49 -66.39 -25.28
C SER B 85 -18.90 -67.52 -26.22
N SER B 86 -20.19 -67.69 -26.45
CA SER B 86 -20.71 -68.73 -27.33
C SER B 86 -22.10 -68.31 -27.80
N SER B 87 -22.74 -69.18 -28.58
CA SER B 87 -24.10 -68.90 -29.02
C SER B 87 -25.13 -69.04 -27.91
N LYS B 88 -24.72 -69.54 -26.73
CA LYS B 88 -25.65 -69.80 -25.65
C LYS B 88 -25.45 -68.89 -24.45
N LEU B 89 -24.38 -68.09 -24.43
CA LEU B 89 -24.04 -67.26 -23.29
C LEU B 89 -23.63 -65.88 -23.79
N ILE B 90 -24.22 -64.82 -23.22
CA ILE B 90 -23.94 -63.45 -23.60
C ILE B 90 -23.67 -62.63 -22.34
N PHE B 91 -22.61 -61.83 -22.36
CA PHE B 91 -22.24 -60.98 -21.24
C PHE B 91 -22.52 -59.53 -21.61
N TYR B 92 -23.31 -58.85 -20.78
CA TYR B 92 -23.55 -57.42 -20.93
C TYR B 92 -22.95 -56.66 -19.76
N ASP B 93 -22.46 -55.46 -20.04
CA ASP B 93 -22.27 -54.44 -19.03
C ASP B 93 -23.37 -53.40 -19.21
N ILE B 94 -24.09 -53.08 -18.15
CA ILE B 94 -24.98 -51.93 -18.20
C ILE B 94 -24.48 -50.91 -17.19
N PHE B 95 -24.79 -49.66 -17.46
CA PHE B 95 -24.27 -48.56 -16.67
C PHE B 95 -25.40 -47.58 -16.38
N CYS B 96 -25.55 -47.21 -15.12
CA CYS B 96 -26.57 -46.24 -14.73
C CYS B 96 -26.19 -45.65 -13.37
N GLU B 97 -26.34 -44.34 -13.24
CA GLU B 97 -26.10 -43.63 -11.98
C GLU B 97 -24.73 -43.97 -11.38
N GLU B 98 -23.71 -43.94 -12.24
CA GLU B 98 -22.30 -44.13 -11.88
C GLU B 98 -21.96 -45.57 -11.49
N GLN B 99 -22.85 -46.53 -11.72
CA GLN B 99 -22.60 -47.91 -11.35
C GLN B 99 -22.70 -48.82 -12.57
N LYS B 100 -21.67 -49.66 -12.76
CA LYS B 100 -21.65 -50.70 -13.78
C LYS B 100 -22.06 -52.02 -13.13
N VAL B 101 -22.94 -52.76 -13.79
CA VAL B 101 -23.33 -54.10 -13.35
C VAL B 101 -23.28 -55.03 -14.56
N GLN B 102 -22.68 -56.21 -14.37
CA GLN B 102 -22.62 -57.19 -15.45
C GLN B 102 -23.91 -58.02 -15.52
N ILE B 103 -24.36 -58.29 -16.73
CA ILE B 103 -25.52 -59.14 -16.97
C ILE B 103 -25.04 -60.41 -17.69
N ILE B 104 -25.29 -61.56 -17.09
CA ILE B 104 -24.98 -62.85 -17.69
C ILE B 104 -26.28 -63.45 -18.20
N ALA B 105 -26.43 -63.53 -19.52
CA ALA B 105 -27.63 -64.06 -20.16
C ALA B 105 -27.36 -65.46 -20.69
N ASN B 106 -27.85 -66.47 -19.98
CA ASN B 106 -27.70 -67.86 -20.36
C ASN B 106 -29.01 -68.34 -20.99
N ILE B 107 -28.90 -68.94 -22.18
CA ILE B 107 -30.09 -69.43 -22.87
C ILE B 107 -30.89 -70.39 -21.99
N MET B 108 -30.23 -71.10 -21.07
CA MET B 108 -30.93 -72.02 -20.18
C MET B 108 -31.92 -71.32 -19.25
N GLU B 109 -31.74 -70.02 -19.03
CA GLU B 109 -32.58 -69.25 -18.12
C GLU B 109 -33.66 -68.44 -18.82
N HIS B 110 -33.66 -68.41 -20.15
CA HIS B 110 -34.40 -67.41 -20.91
C HIS B 110 -35.91 -67.63 -20.84
N ASP B 111 -36.65 -66.52 -20.82
CA ASP B 111 -38.11 -66.58 -20.80
C ASP B 111 -38.61 -66.62 -22.24
N ILE B 112 -39.02 -67.82 -22.67
CA ILE B 112 -39.41 -68.05 -24.06
C ILE B 112 -40.66 -67.26 -24.42
N SER B 113 -41.50 -66.92 -23.44
CA SER B 113 -42.67 -66.10 -23.73
C SER B 113 -42.31 -64.68 -24.13
N THR B 114 -41.05 -64.27 -23.98
CA THR B 114 -40.58 -62.97 -24.47
C THR B 114 -39.96 -63.07 -25.86
N GLY B 115 -39.85 -64.29 -26.40
CA GLY B 115 -39.23 -64.54 -27.69
C GLY B 115 -38.14 -65.58 -27.58
N GLU B 116 -37.70 -66.14 -28.72
CA GLU B 116 -36.58 -67.05 -28.67
C GLU B 116 -35.32 -66.27 -28.29
N PHE B 117 -34.41 -66.96 -27.61
CA PHE B 117 -33.21 -66.33 -27.05
C PHE B 117 -32.44 -65.50 -28.07
N SER B 118 -32.15 -66.08 -29.24
CA SER B 118 -31.38 -65.33 -30.24
C SER B 118 -32.17 -64.12 -30.74
N VAL B 119 -33.49 -64.27 -30.90
CA VAL B 119 -34.29 -63.14 -31.37
C VAL B 119 -34.23 -62.00 -30.35
N SER B 120 -34.53 -62.30 -29.09
CA SER B 120 -34.50 -61.26 -28.06
C SER B 120 -33.18 -60.50 -28.07
N HIS B 121 -32.06 -61.24 -28.13
CA HIS B 121 -30.78 -60.58 -27.98
C HIS B 121 -30.25 -59.99 -29.28
N SER B 122 -30.77 -60.42 -30.43
CA SER B 122 -30.36 -59.80 -31.69
C SER B 122 -30.86 -58.37 -31.81
N GLU B 123 -31.84 -57.97 -31.01
CA GLU B 123 -32.37 -56.61 -31.05
C GLU B 123 -31.57 -55.61 -30.22
N ILE B 124 -30.52 -56.05 -29.54
CA ILE B 124 -29.78 -55.25 -28.56
C ILE B 124 -28.45 -54.82 -29.16
N ARG B 125 -28.10 -53.55 -28.99
CA ARG B 125 -26.82 -53.02 -29.46
CA ARG B 125 -26.82 -53.03 -29.45
C ARG B 125 -26.15 -52.25 -28.34
N ARG B 126 -24.84 -52.10 -28.44
CA ARG B 126 -24.13 -51.26 -27.49
C ARG B 126 -24.66 -49.83 -27.60
N GLY B 127 -24.85 -49.19 -26.46
CA GLY B 127 -25.48 -47.88 -26.43
C GLY B 127 -26.97 -47.89 -26.18
N ASP B 128 -27.66 -49.03 -26.31
CA ASP B 128 -29.10 -49.07 -26.07
C ASP B 128 -29.41 -48.90 -24.59
N VAL B 129 -30.55 -48.32 -24.30
CA VAL B 129 -31.11 -48.33 -22.96
C VAL B 129 -31.97 -49.58 -22.86
N VAL B 130 -31.70 -50.43 -21.86
CA VAL B 130 -32.33 -51.74 -21.79
C VAL B 130 -32.69 -52.05 -20.34
N GLY B 131 -33.68 -52.95 -20.19
CA GLY B 131 -34.01 -53.51 -18.90
C GLY B 131 -33.78 -55.01 -18.92
N PHE B 132 -33.38 -55.53 -17.77
CA PHE B 132 -33.15 -56.96 -17.56
C PHE B 132 -33.91 -57.39 -16.31
N THR B 133 -34.36 -58.64 -16.30
CA THR B 133 -34.86 -59.24 -15.07
C THR B 133 -34.10 -60.53 -14.84
N GLY B 134 -33.81 -60.83 -13.58
CA GLY B 134 -33.07 -62.04 -13.27
C GLY B 134 -32.74 -62.17 -11.80
N PHE B 135 -31.76 -63.06 -11.51
CA PHE B 135 -31.33 -63.43 -10.16
C PHE B 135 -30.04 -62.71 -9.80
N PRO B 136 -29.87 -62.31 -8.55
CA PRO B 136 -28.69 -61.56 -8.15
C PRO B 136 -27.55 -62.47 -7.69
N GLY B 137 -26.35 -61.89 -7.66
CA GLY B 137 -25.18 -62.57 -7.13
C GLY B 137 -23.92 -62.13 -7.84
N LYS B 138 -22.90 -62.99 -7.76
CA LYS B 138 -21.60 -62.72 -8.34
C LYS B 138 -21.14 -63.93 -9.15
N SER B 139 -20.44 -63.67 -10.24
CA SER B 139 -19.93 -64.76 -11.06
C SER B 139 -18.81 -65.51 -10.33
N LYS B 140 -18.47 -66.69 -10.86
CA LYS B 140 -17.40 -67.49 -10.25
C LYS B 140 -16.09 -66.72 -10.23
N ARG B 141 -15.81 -65.93 -11.28
CA ARG B 141 -14.61 -65.11 -11.30
C ARG B 141 -14.71 -63.90 -10.38
N GLY B 142 -15.87 -63.63 -9.79
CA GLY B 142 -16.02 -62.61 -8.77
C GLY B 142 -16.67 -61.31 -9.18
N GLU B 143 -17.39 -61.27 -10.31
CA GLU B 143 -17.97 -60.03 -10.83
C GLU B 143 -19.41 -59.88 -10.36
N LEU B 144 -19.72 -58.70 -9.82
CA LEU B 144 -21.11 -58.39 -9.47
C LEU B 144 -21.99 -58.51 -10.72
N SER B 145 -22.96 -59.43 -10.68
CA SER B 145 -23.73 -59.78 -11.86
C SER B 145 -25.21 -59.94 -11.56
N LEU B 146 -26.01 -59.81 -12.60
CA LEU B 146 -27.40 -60.27 -12.64
C LEU B 146 -27.48 -61.41 -13.65
N PHE B 147 -27.99 -62.57 -13.20
CA PHE B 147 -28.17 -63.72 -14.08
C PHE B 147 -29.55 -63.61 -14.67
N SER B 148 -29.63 -63.17 -15.92
CA SER B 148 -30.87 -62.64 -16.46
C SER B 148 -31.77 -63.75 -17.02
N LYS B 149 -33.07 -63.53 -16.91
CA LYS B 149 -34.08 -64.33 -17.56
C LYS B 149 -34.72 -63.65 -18.76
N SER B 150 -34.56 -62.34 -18.89
CA SER B 150 -35.21 -61.61 -19.98
C SER B 150 -34.49 -60.30 -20.21
N VAL B 151 -34.74 -59.69 -21.38
CA VAL B 151 -34.18 -58.40 -21.76
C VAL B 151 -35.25 -57.61 -22.50
N VAL B 152 -35.39 -56.32 -22.19
CA VAL B 152 -36.34 -55.42 -22.86
CA VAL B 152 -36.33 -55.45 -22.90
C VAL B 152 -35.55 -54.29 -23.49
N LEU B 153 -35.83 -54.01 -24.76
CA LEU B 153 -35.29 -52.83 -25.44
C LEU B 153 -36.13 -51.63 -25.05
N LEU B 154 -35.56 -50.69 -24.28
CA LEU B 154 -36.33 -49.54 -23.82
C LEU B 154 -36.17 -48.34 -24.75
N SER B 155 -34.96 -48.06 -25.20
CA SER B 155 -34.73 -46.94 -26.09
C SER B 155 -33.45 -47.19 -26.88
N PRO B 156 -33.54 -47.53 -28.16
CA PRO B 156 -32.33 -47.88 -28.91
C PRO B 156 -31.51 -46.66 -29.21
N CYS B 157 -30.21 -46.89 -29.41
CA CYS B 157 -29.30 -45.87 -29.91
C CYS B 157 -29.09 -46.13 -31.40
N TYR B 158 -29.39 -45.13 -32.22
CA TYR B 158 -29.37 -45.32 -33.67
C TYR B 158 -28.01 -45.01 -34.29
N HIS B 159 -27.00 -44.69 -33.48
CA HIS B 159 -25.68 -44.36 -33.99
C HIS B 159 -24.64 -45.27 -33.35
N MET B 160 -23.56 -45.52 -34.09
CA MET B 160 -22.44 -46.25 -33.53
C MET B 160 -21.67 -45.36 -32.58
N LEU B 161 -21.60 -45.76 -31.37
CA LEU B 161 -20.90 -44.90 -30.43
C LEU B 161 -19.45 -45.33 -30.31
N PRO B 162 -18.55 -44.39 -30.02
CA PRO B 162 -17.20 -44.79 -29.62
C PRO B 162 -17.22 -45.38 -28.22
N THR B 163 -16.15 -46.10 -27.90
CA THR B 163 -16.01 -46.62 -26.54
C THR B 163 -15.60 -45.54 -25.55
N ALA B 164 -14.99 -44.45 -26.02
CA ALA B 164 -14.54 -43.35 -25.18
C ALA B 164 -14.60 -42.07 -26.01
N ILE B 165 -14.50 -40.93 -25.33
CA ILE B 165 -14.47 -39.65 -26.04
C ILE B 165 -13.29 -39.52 -26.99
N SER B 166 -12.29 -40.41 -26.89
CA SER B 166 -11.20 -40.41 -27.86
C SER B 166 -11.70 -40.77 -29.25
N GLY B 167 -12.74 -41.60 -29.34
CA GLY B 167 -13.31 -42.03 -30.60
C GLY B 167 -14.34 -41.11 -31.20
N LEU B 168 -14.63 -39.98 -30.57
CA LEU B 168 -15.47 -38.97 -31.19
C LEU B 168 -14.71 -38.35 -32.36
N LYS B 169 -15.46 -37.85 -33.35
CA LYS B 169 -14.86 -37.25 -34.55
C LYS B 169 -13.80 -36.20 -34.17
N ASP B 170 -14.17 -35.29 -33.26
CA ASP B 170 -13.23 -34.36 -32.65
C ASP B 170 -13.75 -34.04 -31.26
N GLN B 171 -12.92 -33.35 -30.47
CA GLN B 171 -13.28 -33.10 -29.08
C GLN B 171 -14.24 -31.92 -28.91
N GLU B 172 -14.57 -31.20 -29.99
CA GLU B 172 -15.69 -30.25 -29.95
C GLU B 172 -17.04 -30.94 -29.96
N VAL B 173 -17.08 -32.21 -30.38
CA VAL B 173 -18.31 -32.97 -30.24
C VAL B 173 -18.76 -32.97 -28.79
N ARG B 174 -17.81 -32.94 -27.84
CA ARG B 174 -18.13 -32.93 -26.41
C ARG B 174 -18.97 -31.72 -26.03
N TYR B 175 -18.74 -30.58 -26.67
CA TYR B 175 -19.46 -29.34 -26.38
C TYR B 175 -20.73 -29.20 -27.22
N ARG B 176 -20.70 -29.65 -28.48
CA ARG B 176 -21.88 -29.53 -29.34
C ARG B 176 -22.90 -30.61 -29.07
N GLN B 177 -22.46 -31.77 -28.57
CA GLN B 177 -23.32 -32.89 -28.27
C GLN B 177 -22.99 -33.34 -26.86
N ARG B 178 -23.39 -32.53 -25.88
CA ARG B 178 -22.91 -32.74 -24.51
C ARG B 178 -23.38 -34.07 -23.96
N TYR B 179 -24.52 -34.58 -24.45
CA TYR B 179 -24.98 -35.89 -23.99
C TYR B 179 -23.97 -36.99 -24.30
N LEU B 180 -23.20 -36.86 -25.39
CA LEU B 180 -22.18 -37.88 -25.68
C LEU B 180 -21.04 -37.80 -24.66
N ASP B 181 -20.60 -36.58 -24.34
CA ASP B 181 -19.61 -36.37 -23.30
C ASP B 181 -20.08 -36.92 -21.95
N LEU B 182 -21.31 -36.61 -21.56
CA LEU B 182 -21.79 -37.09 -20.27
C LEU B 182 -21.96 -38.60 -20.27
N MET B 183 -22.37 -39.17 -21.40
CA MET B 183 -22.58 -40.60 -21.50
C MET B 183 -21.27 -41.38 -21.37
N LEU B 184 -20.19 -40.85 -21.94
CA LEU B 184 -18.95 -41.61 -22.09
C LEU B 184 -17.84 -41.20 -21.14
N ASN B 185 -17.96 -40.06 -20.48
CA ASN B 185 -16.80 -39.40 -19.84
C ASN B 185 -17.15 -39.04 -18.39
N GLU B 186 -16.67 -39.87 -17.45
CA GLU B 186 -16.95 -39.63 -16.03
C GLU B 186 -16.44 -38.26 -15.58
N GLU B 187 -15.31 -37.81 -16.13
CA GLU B 187 -14.76 -36.52 -15.72
C GLU B 187 -15.75 -35.39 -15.98
N SER B 188 -16.50 -35.46 -17.08
CA SER B 188 -17.46 -34.41 -17.37
CA SER B 188 -17.46 -34.40 -17.36
C SER B 188 -18.61 -34.43 -16.36
N ARG B 189 -19.13 -35.62 -16.05
CA ARG B 189 -20.17 -35.69 -15.03
C ARG B 189 -19.67 -35.12 -13.71
N LYS B 190 -18.42 -35.42 -13.35
CA LYS B 190 -17.84 -34.93 -12.09
C LYS B 190 -17.86 -33.41 -12.01
N VAL B 191 -17.58 -32.72 -13.11
CA VAL B 191 -17.53 -31.25 -13.07
C VAL B 191 -18.88 -30.67 -12.69
N PHE B 192 -19.95 -31.19 -13.28
CA PHE B 192 -21.25 -30.56 -13.05
C PHE B 192 -21.83 -30.95 -11.70
N LYS B 193 -21.45 -32.12 -11.19
CA LYS B 193 -21.76 -32.41 -9.78
C LYS B 193 -21.03 -31.45 -8.85
N LEU B 194 -19.75 -31.19 -9.12
CA LEU B 194 -18.98 -30.27 -8.29
C LEU B 194 -19.55 -28.85 -8.39
N ARG B 195 -19.95 -28.45 -9.59
CA ARG B 195 -20.56 -27.16 -9.76
C ARG B 195 -21.79 -27.01 -8.84
N SER B 196 -22.66 -28.02 -8.83
CA SER B 196 -23.82 -27.97 -7.94
C SER B 196 -23.42 -27.93 -6.47
N ARG B 197 -22.44 -28.75 -6.08
CA ARG B 197 -21.96 -28.74 -4.69
C ARG B 197 -21.43 -27.36 -4.30
N ALA B 198 -20.68 -26.70 -5.19
CA ALA B 198 -20.11 -25.41 -4.86
C ALA B 198 -21.18 -24.34 -4.67
N ILE B 199 -22.19 -24.33 -5.55
CA ILE B 199 -23.27 -23.35 -5.42
C ILE B 199 -24.10 -23.60 -4.16
N LYS B 200 -24.37 -24.86 -3.85
CA LYS B 200 -25.01 -25.19 -2.56
C LYS B 200 -24.23 -24.62 -1.39
N TYR B 201 -22.92 -24.81 -1.39
CA TYR B 201 -22.09 -24.31 -0.30
C TYR B 201 -22.26 -22.80 -0.15
N ILE B 202 -22.32 -22.10 -1.28
CA ILE B 202 -22.38 -20.65 -1.28
C ILE B 202 -23.74 -20.17 -0.77
N ARG B 203 -24.84 -20.76 -1.27
CA ARG B 203 -26.15 -20.37 -0.74
C ARG B 203 -26.21 -20.60 0.76
N ASN B 204 -25.72 -21.75 1.24
CA ASN B 204 -25.76 -22.04 2.68
C ASN B 204 -24.97 -21.02 3.48
N TYR B 205 -23.79 -20.63 2.99
CA TYR B 205 -22.98 -19.65 3.71
C TYR B 205 -23.78 -18.38 3.96
N PHE B 206 -24.46 -17.88 2.92
CA PHE B 206 -25.21 -16.64 3.05
C PHE B 206 -26.54 -16.82 3.75
N ASP B 207 -27.21 -17.96 3.54
CA ASP B 207 -28.45 -18.22 4.29
C ASP B 207 -28.19 -18.22 5.79
N ARG B 208 -27.06 -18.79 6.22
CA ARG B 208 -26.77 -18.86 7.65
C ARG B 208 -26.49 -17.48 8.22
N LEU B 209 -26.05 -16.54 7.38
CA LEU B 209 -25.89 -15.15 7.82
C LEU B 209 -27.20 -14.38 7.80
N GLY B 210 -28.33 -14.99 7.43
CA GLY B 210 -29.58 -14.28 7.43
C GLY B 210 -29.86 -13.48 6.18
N PHE B 211 -29.18 -13.79 5.08
CA PHE B 211 -29.46 -13.13 3.80
C PHE B 211 -30.79 -13.62 3.22
N LEU B 212 -31.38 -12.77 2.39
CA LEU B 212 -32.58 -13.11 1.63
C LEU B 212 -32.20 -13.23 0.16
N GLU B 213 -32.43 -14.40 -0.43
CA GLU B 213 -32.23 -14.53 -1.87
C GLU B 213 -33.40 -13.87 -2.60
N VAL B 214 -33.10 -13.08 -3.63
CA VAL B 214 -34.11 -12.38 -4.42
C VAL B 214 -33.84 -12.63 -5.91
N GLU B 215 -34.82 -12.25 -6.72
CA GLU B 215 -34.68 -12.25 -8.17
C GLU B 215 -35.05 -10.86 -8.68
N THR B 216 -34.21 -10.30 -9.54
CA THR B 216 -34.49 -9.00 -10.16
C THR B 216 -34.50 -9.18 -11.68
N PRO B 217 -35.07 -8.23 -12.43
CA PRO B 217 -35.38 -8.50 -13.86
C PRO B 217 -34.15 -8.67 -14.74
N MET B 218 -34.24 -9.61 -15.67
CA MET B 218 -33.21 -9.74 -16.71
C MET B 218 -33.51 -8.89 -17.94
N LEU B 219 -34.74 -8.42 -18.08
CA LEU B 219 -35.17 -7.58 -19.19
C LEU B 219 -35.55 -6.21 -18.64
N ASN B 220 -35.00 -5.15 -19.22
CA ASN B 220 -35.24 -3.80 -18.73
C ASN B 220 -35.13 -2.80 -19.88
N MET B 221 -35.76 -1.63 -19.70
CA MET B 221 -35.64 -0.58 -20.71
C MET B 221 -34.27 0.09 -20.65
N ILE B 222 -33.42 -0.33 -19.74
CA ILE B 222 -32.09 0.24 -19.56
C ILE B 222 -31.16 -0.89 -19.11
N TYR B 223 -29.86 -0.66 -19.21
CA TYR B 223 -28.86 -1.58 -18.69
C TYR B 223 -27.82 -0.78 -17.90
N GLY B 224 -27.11 -1.48 -17.01
CA GLY B 224 -26.10 -0.81 -16.20
C GLY B 224 -25.51 -1.76 -15.17
N GLY B 225 -24.64 -1.21 -14.33
CA GLY B 225 -24.07 -1.93 -13.19
C GLY B 225 -22.82 -2.73 -13.52
N ALA B 226 -22.33 -2.66 -14.74
CA ALA B 226 -21.08 -3.32 -15.13
C ALA B 226 -20.56 -2.60 -16.37
N ALA B 227 -19.41 -3.04 -16.84
CA ALA B 227 -18.78 -2.54 -18.06
C ALA B 227 -18.88 -3.64 -19.10
N ALA B 228 -19.91 -3.56 -19.94
CA ALA B 228 -20.21 -4.63 -20.86
C ALA B 228 -21.17 -4.11 -21.92
N ARG B 229 -20.99 -4.59 -23.15
CA ARG B 229 -21.96 -4.32 -24.20
C ARG B 229 -23.18 -5.24 -24.03
N PRO B 230 -24.40 -4.70 -24.05
CA PRO B 230 -25.59 -5.53 -23.79
C PRO B 230 -26.14 -6.17 -25.06
N PHE B 231 -26.95 -7.21 -24.85
CA PHE B 231 -27.85 -7.71 -25.89
C PHE B 231 -29.08 -6.82 -25.94
N ILE B 232 -29.57 -6.58 -27.15
CA ILE B 232 -30.71 -5.70 -27.38
C ILE B 232 -31.87 -6.55 -27.88
N THR B 233 -33.06 -6.33 -27.35
CA THR B 233 -34.23 -7.03 -27.86
C THR B 233 -35.38 -6.03 -27.96
N TYR B 234 -36.59 -6.52 -28.15
CA TYR B 234 -37.76 -5.68 -28.45
C TYR B 234 -39.02 -6.34 -27.91
N HIS B 235 -39.83 -5.56 -27.20
CA HIS B 235 -41.14 -6.02 -26.73
C HIS B 235 -42.20 -5.50 -27.70
N ASN B 236 -42.90 -6.42 -28.38
CA ASN B 236 -43.72 -6.02 -29.51
C ASN B 236 -44.97 -5.26 -29.07
N GLU B 237 -45.61 -5.68 -27.98
CA GLU B 237 -46.83 -5.00 -27.56
C GLU B 237 -46.51 -3.64 -26.96
N LEU B 238 -45.42 -3.53 -26.22
CA LEU B 238 -45.02 -2.21 -25.74
C LEU B 238 -44.35 -1.37 -26.82
N GLU B 239 -43.95 -1.99 -27.93
CA GLU B 239 -43.21 -1.31 -29.00
C GLU B 239 -41.99 -0.59 -28.43
N THR B 240 -41.22 -1.30 -27.61
CA THR B 240 -40.11 -0.71 -26.90
C THR B 240 -38.86 -1.59 -26.98
N GLN B 241 -37.73 -0.97 -27.30
CA GLN B 241 -36.45 -1.64 -27.19
C GLN B 241 -36.17 -2.02 -25.74
N LEU B 242 -35.76 -3.26 -25.51
CA LEU B 242 -35.33 -3.69 -24.19
C LEU B 242 -33.89 -4.14 -24.26
N TYR B 243 -33.23 -4.19 -23.10
CA TYR B 243 -31.88 -4.74 -22.97
C TYR B 243 -31.90 -5.92 -22.02
N MET B 244 -31.06 -6.92 -22.31
CA MET B 244 -30.82 -7.96 -21.33
C MET B 244 -29.79 -7.46 -20.34
N ARG B 245 -29.96 -7.83 -19.08
CA ARG B 245 -29.15 -7.21 -18.04
C ARG B 245 -27.69 -7.61 -18.19
N ILE B 246 -26.80 -6.67 -17.88
CA ILE B 246 -25.39 -7.02 -17.75
C ILE B 246 -25.01 -7.25 -16.29
N ALA B 247 -25.86 -6.83 -15.35
CA ALA B 247 -25.62 -7.02 -13.92
C ALA B 247 -26.90 -6.64 -13.18
N PRO B 248 -27.20 -7.27 -12.05
CA PRO B 248 -28.39 -6.91 -11.27
C PRO B 248 -28.18 -5.78 -10.26
N GLU B 249 -26.95 -5.25 -10.19
CA GLU B 249 -26.52 -4.34 -9.12
C GLU B 249 -27.52 -3.21 -8.80
N LEU B 250 -27.98 -2.48 -9.81
CA LEU B 250 -28.80 -1.31 -9.51
C LEU B 250 -30.15 -1.70 -8.89
N TYR B 251 -30.76 -2.81 -9.34
CA TYR B 251 -31.97 -3.29 -8.67
C TYR B 251 -31.68 -3.69 -7.23
N LEU B 252 -30.58 -4.42 -7.03
CA LEU B 252 -30.32 -4.95 -5.68
C LEU B 252 -30.10 -3.82 -4.68
N LYS B 253 -29.49 -2.71 -5.11
CA LYS B 253 -29.31 -1.59 -4.20
C LYS B 253 -30.65 -0.94 -3.84
N GLN B 254 -31.61 -0.95 -4.77
CA GLN B 254 -32.95 -0.45 -4.44
C GLN B 254 -33.56 -1.25 -3.29
N LEU B 255 -33.30 -2.57 -3.24
CA LEU B 255 -33.82 -3.38 -2.14
C LEU B 255 -33.21 -2.98 -0.80
N ILE B 256 -31.96 -2.50 -0.81
CA ILE B 256 -31.35 -2.03 0.41
C ILE B 256 -31.98 -0.69 0.85
N VAL B 257 -32.29 0.20 -0.11
CA VAL B 257 -33.10 1.38 0.23
C VAL B 257 -34.40 0.94 0.89
N GLY B 258 -35.00 -0.14 0.38
CA GLY B 258 -36.27 -0.62 0.88
C GLY B 258 -36.21 -1.28 2.24
N GLY B 259 -35.01 -1.51 2.78
CA GLY B 259 -34.87 -2.01 4.14
C GLY B 259 -34.61 -3.49 4.27
N LEU B 260 -34.39 -4.22 3.17
CA LEU B 260 -34.22 -5.66 3.29
C LEU B 260 -32.86 -6.08 3.86
N ASP B 261 -31.88 -5.16 3.92
CA ASP B 261 -30.66 -5.23 4.74
C ASP B 261 -29.59 -6.19 4.22
N LYS B 262 -29.95 -7.43 3.90
CA LYS B 262 -28.99 -8.40 3.37
C LYS B 262 -29.68 -9.18 2.27
N VAL B 263 -29.29 -8.96 1.00
CA VAL B 263 -29.89 -9.67 -0.12
C VAL B 263 -28.79 -10.26 -0.99
N TYR B 264 -29.11 -11.36 -1.67
CA TYR B 264 -28.22 -11.86 -2.71
C TYR B 264 -29.05 -12.42 -3.86
N GLU B 265 -28.40 -12.54 -5.01
CA GLU B 265 -29.00 -13.05 -6.23
C GLU B 265 -27.95 -13.88 -6.96
N ILE B 266 -28.33 -15.07 -7.41
CA ILE B 266 -27.44 -15.90 -8.22
C ILE B 266 -28.14 -16.19 -9.54
N GLY B 267 -27.58 -15.68 -10.63
CA GLY B 267 -28.24 -15.91 -11.90
C GLY B 267 -27.38 -15.49 -13.08
N LYS B 268 -28.00 -15.56 -14.26
CA LYS B 268 -27.30 -15.26 -15.49
C LYS B 268 -27.15 -13.75 -15.69
N ASN B 269 -25.98 -13.35 -16.16
CA ASN B 269 -25.78 -12.08 -16.83
C ASN B 269 -25.48 -12.33 -18.31
N PHE B 270 -25.68 -11.30 -19.13
CA PHE B 270 -25.53 -11.46 -20.57
C PHE B 270 -24.58 -10.39 -21.12
N ARG B 271 -23.58 -10.82 -21.87
CA ARG B 271 -22.61 -9.89 -22.44
CA ARG B 271 -22.58 -9.91 -22.43
C ARG B 271 -22.45 -10.19 -23.92
N ASN B 272 -22.63 -9.16 -24.74
CA ASN B 272 -22.61 -9.27 -26.19
C ASN B 272 -21.19 -8.91 -26.64
N GLU B 273 -20.30 -9.91 -26.59
CA GLU B 273 -18.91 -9.67 -26.93
C GLU B 273 -18.29 -10.85 -27.67
N GLY B 274 -17.03 -11.16 -27.38
CA GLY B 274 -16.34 -12.23 -28.09
C GLY B 274 -16.60 -13.59 -27.49
N ILE B 275 -16.91 -14.55 -28.35
CA ILE B 275 -17.07 -15.95 -27.97
C ILE B 275 -15.76 -16.66 -28.31
N ASP B 276 -14.90 -16.81 -27.31
CA ASP B 276 -13.71 -17.62 -27.50
C ASP B 276 -13.79 -18.82 -26.56
N LEU B 277 -12.63 -19.39 -26.19
CA LEU B 277 -12.64 -20.52 -25.27
C LEU B 277 -12.86 -20.09 -23.83
N THR B 278 -12.85 -18.79 -23.52
CA THR B 278 -13.02 -18.33 -22.13
CA THR B 278 -12.99 -18.32 -22.15
C THR B 278 -14.09 -17.27 -21.99
N HIS B 279 -14.87 -17.00 -23.03
CA HIS B 279 -15.95 -16.03 -22.91
C HIS B 279 -17.21 -16.62 -23.52
N ASN B 280 -18.28 -16.58 -22.75
CA ASN B 280 -19.58 -17.09 -23.16
C ASN B 280 -20.59 -15.96 -23.09
N PRO B 281 -21.52 -15.88 -24.06
CA PRO B 281 -22.49 -14.77 -24.07
C PRO B 281 -23.34 -14.68 -22.82
N GLU B 282 -23.53 -15.79 -22.11
CA GLU B 282 -24.22 -15.76 -20.83
C GLU B 282 -23.33 -16.47 -19.82
N PHE B 283 -23.36 -15.96 -18.59
CA PHE B 283 -22.54 -16.55 -17.54
C PHE B 283 -23.27 -16.38 -16.22
N THR B 284 -22.94 -17.26 -15.28
CA THR B 284 -23.61 -17.27 -14.00
C THR B 284 -22.82 -16.43 -13.01
N ALA B 285 -23.47 -15.44 -12.41
CA ALA B 285 -22.85 -14.52 -11.48
C ALA B 285 -23.64 -14.48 -10.20
N MET B 286 -22.97 -14.16 -9.12
CA MET B 286 -23.66 -13.85 -7.86
C MET B 286 -23.37 -12.41 -7.50
N GLU B 287 -24.35 -11.73 -6.90
CA GLU B 287 -24.08 -10.48 -6.20
C GLU B 287 -24.75 -10.53 -4.83
N PHE B 288 -24.15 -9.84 -3.86
CA PHE B 288 -24.85 -9.62 -2.61
C PHE B 288 -24.62 -8.19 -2.16
N TYR B 289 -25.57 -7.69 -1.36
CA TYR B 289 -25.52 -6.36 -0.77
C TYR B 289 -25.81 -6.50 0.72
N MET B 290 -24.95 -5.88 1.53
CA MET B 290 -25.00 -5.97 2.99
C MET B 290 -24.97 -4.55 3.55
N ALA B 291 -26.11 -4.08 4.06
CA ALA B 291 -26.13 -2.79 4.73
C ALA B 291 -25.09 -2.74 5.85
N TYR B 292 -24.44 -1.59 5.99
CA TYR B 292 -23.51 -1.21 7.06
C TYR B 292 -22.15 -1.88 6.93
N ALA B 293 -21.91 -2.68 5.89
CA ALA B 293 -20.58 -3.17 5.59
C ALA B 293 -19.83 -2.15 4.74
N ASP B 294 -18.50 -2.16 4.87
CA ASP B 294 -17.63 -1.45 3.91
C ASP B 294 -16.72 -2.47 3.22
N TYR B 295 -15.87 -1.99 2.31
CA TYR B 295 -15.15 -2.96 1.49
C TYR B 295 -14.11 -3.73 2.30
N TYR B 296 -13.69 -3.21 3.46
CA TYR B 296 -12.81 -4.01 4.33
C TYR B 296 -13.53 -5.23 4.89
N ASP B 297 -14.76 -5.04 5.38
CA ASP B 297 -15.60 -6.17 5.80
C ASP B 297 -15.74 -7.19 4.69
N LEU B 298 -15.88 -6.72 3.45
CA LEU B 298 -16.11 -7.62 2.32
C LEU B 298 -14.86 -8.42 1.96
N MET B 299 -13.66 -7.83 2.11
CA MET B 299 -12.43 -8.61 1.96
C MET B 299 -12.37 -9.78 2.93
N ASP B 300 -12.63 -9.52 4.21
CA ASP B 300 -12.65 -10.58 5.21
C ASP B 300 -13.64 -11.67 4.82
N LEU B 301 -14.85 -11.26 4.39
CA LEU B 301 -15.86 -12.24 4.04
C LEU B 301 -15.42 -13.07 2.85
N THR B 302 -14.87 -12.41 1.82
CA THR B 302 -14.40 -13.12 0.63
C THR B 302 -13.42 -14.24 1.02
N GLU B 303 -12.46 -13.92 1.86
CA GLU B 303 -11.46 -14.89 2.30
C GLU B 303 -12.11 -16.05 3.04
N GLU B 304 -13.02 -15.74 3.98
CA GLU B 304 -13.67 -16.80 4.74
C GLU B 304 -14.50 -17.70 3.84
N LEU B 305 -15.27 -17.10 2.92
CA LEU B 305 -16.14 -17.86 2.04
C LEU B 305 -15.35 -18.75 1.09
N ILE B 306 -14.38 -18.17 0.40
CA ILE B 306 -13.69 -18.89 -0.66
CA ILE B 306 -13.72 -18.92 -0.66
C ILE B 306 -12.74 -19.94 -0.10
N SER B 307 -11.99 -19.61 0.96
CA SER B 307 -11.09 -20.61 1.51
C SER B 307 -11.88 -21.76 2.12
N GLY B 308 -13.01 -21.45 2.76
CA GLY B 308 -13.85 -22.51 3.29
C GLY B 308 -14.40 -23.43 2.20
N LEU B 309 -14.77 -22.84 1.05
CA LEU B 309 -15.25 -23.64 -0.08
C LEU B 309 -14.16 -24.53 -0.67
N VAL B 310 -12.96 -23.97 -0.86
CA VAL B 310 -11.84 -24.76 -1.35
C VAL B 310 -11.54 -25.91 -0.40
N LEU B 311 -11.57 -25.63 0.91
CA LEU B 311 -11.29 -26.66 1.88
C LEU B 311 -12.35 -27.75 1.81
N GLU B 312 -13.60 -27.36 1.62
CA GLU B 312 -14.69 -28.33 1.52
C GLU B 312 -14.51 -29.24 0.31
N ILE B 313 -14.19 -28.64 -0.85
CA ILE B 313 -14.10 -29.40 -2.09
CA ILE B 313 -14.12 -29.42 -2.08
C ILE B 313 -12.83 -30.24 -2.13
N HIS B 314 -11.71 -29.68 -1.68
CA HIS B 314 -10.42 -30.31 -1.89
C HIS B 314 -9.78 -30.93 -0.66
N GLY B 315 -10.26 -30.61 0.55
CA GLY B 315 -9.64 -31.13 1.75
C GLY B 315 -8.36 -30.44 2.14
N SER B 316 -8.00 -29.36 1.47
CA SER B 316 -6.88 -28.50 1.84
C SER B 316 -7.01 -27.25 1.00
N LEU B 317 -6.16 -26.26 1.29
CA LEU B 317 -6.22 -24.97 0.62
C LEU B 317 -5.27 -24.86 -0.55
N LYS B 318 -4.50 -25.91 -0.82
CA LYS B 318 -3.50 -25.91 -1.89
C LYS B 318 -3.99 -26.85 -2.98
N ILE B 319 -4.31 -26.29 -4.15
CA ILE B 319 -4.99 -27.08 -5.17
C ILE B 319 -4.23 -26.94 -6.49
N PRO B 320 -4.28 -27.95 -7.35
CA PRO B 320 -3.53 -27.89 -8.61
C PRO B 320 -4.30 -27.14 -9.68
N TYR B 321 -3.56 -26.48 -10.57
CA TYR B 321 -4.15 -25.89 -11.75
C TYR B 321 -3.25 -26.08 -12.94
N HIS B 322 -3.83 -26.52 -14.07
CA HIS B 322 -3.06 -26.85 -15.27
C HIS B 322 -3.42 -25.87 -16.37
N PRO B 323 -2.71 -24.75 -16.49
CA PRO B 323 -3.10 -23.71 -17.46
C PRO B 323 -3.10 -24.20 -18.90
N ASP B 324 -2.24 -25.16 -19.24
CA ASP B 324 -2.14 -25.67 -20.60
C ASP B 324 -2.70 -27.07 -20.74
N GLY B 325 -3.59 -27.47 -19.84
CA GLY B 325 -4.17 -28.79 -19.91
C GLY B 325 -3.41 -29.82 -19.08
N PRO B 326 -4.02 -31.00 -18.94
CA PRO B 326 -3.59 -31.93 -17.88
C PRO B 326 -2.21 -32.55 -18.08
N GLU B 327 -1.67 -32.58 -19.31
CA GLU B 327 -0.32 -33.08 -19.52
C GLU B 327 0.75 -31.99 -19.44
N GLY B 328 0.33 -30.72 -19.28
CA GLY B 328 1.24 -29.59 -19.27
C GLY B 328 1.73 -29.25 -17.87
N LYS B 329 2.25 -28.03 -17.74
CA LYS B 329 2.75 -27.59 -16.44
C LYS B 329 1.61 -27.48 -15.44
N CYS B 330 1.95 -27.68 -14.17
CA CYS B 330 0.99 -27.54 -13.09
C CYS B 330 1.44 -26.43 -12.18
N ILE B 331 0.49 -25.59 -11.77
CA ILE B 331 0.71 -24.58 -10.73
C ILE B 331 -0.15 -24.96 -9.54
N GLU B 332 0.44 -24.94 -8.35
CA GLU B 332 -0.33 -25.16 -7.13
C GLU B 332 -0.79 -23.81 -6.60
N ILE B 333 -2.11 -23.61 -6.51
CA ILE B 333 -2.69 -22.37 -6.00
C ILE B 333 -2.93 -22.51 -4.51
N ASP B 334 -2.44 -21.54 -3.74
CA ASP B 334 -2.50 -21.57 -2.29
C ASP B 334 -3.55 -20.56 -1.85
N PHE B 335 -4.66 -21.04 -1.31
CA PHE B 335 -5.75 -20.19 -0.83
C PHE B 335 -5.63 -19.84 0.66
N THR B 336 -4.51 -20.19 1.30
CA THR B 336 -4.31 -19.83 2.72
C THR B 336 -4.55 -18.35 2.95
N THR B 337 -5.32 -18.02 3.98
CA THR B 337 -5.71 -16.64 4.27
C THR B 337 -4.83 -16.04 5.38
N PRO B 338 -4.70 -14.70 5.43
CA PRO B 338 -5.30 -13.69 4.55
C PRO B 338 -4.48 -13.55 3.29
N TRP B 339 -5.02 -12.83 2.30
CA TRP B 339 -4.43 -12.72 0.98
C TRP B 339 -3.73 -11.39 0.78
N LYS B 340 -2.80 -11.37 -0.18
CA LYS B 340 -2.05 -10.17 -0.56
C LYS B 340 -2.98 -9.08 -1.08
N ARG B 341 -2.69 -7.83 -0.71
CA ARG B 341 -3.39 -6.68 -1.25
CA ARG B 341 -3.40 -6.67 -1.25
C ARG B 341 -2.43 -5.86 -2.10
N PHE B 342 -2.86 -5.50 -3.32
CA PHE B 342 -2.09 -4.65 -4.22
C PHE B 342 -2.90 -3.38 -4.46
N SER B 343 -2.31 -2.23 -4.17
CA SER B 343 -3.02 -0.99 -4.44
C SER B 343 -2.88 -0.65 -5.92
N PHE B 344 -4.02 -0.34 -6.56
CA PHE B 344 -4.12 -0.20 -8.03
C PHE B 344 -3.07 0.76 -8.58
N VAL B 345 -3.15 2.04 -8.19
CA VAL B 345 -2.29 3.05 -8.82
C VAL B 345 -0.83 2.86 -8.41
N GLU B 346 -0.59 2.64 -7.11
CA GLU B 346 0.79 2.49 -6.64
C GLU B 346 1.52 1.37 -7.38
N GLU B 347 0.85 0.23 -7.63
CA GLU B 347 1.56 -0.86 -8.28
C GLU B 347 1.80 -0.57 -9.76
N ILE B 348 0.89 0.16 -10.42
CA ILE B 348 1.18 0.61 -11.77
C ILE B 348 2.42 1.50 -11.78
N GLU B 349 2.46 2.45 -10.84
CA GLU B 349 3.57 3.41 -10.83
C GLU B 349 4.89 2.72 -10.50
N SER B 350 4.86 1.72 -9.60
CA SER B 350 6.06 0.92 -9.37
C SER B 350 6.49 0.16 -10.63
N GLY B 351 5.53 -0.34 -11.42
CA GLY B 351 5.90 -0.99 -12.66
C GLY B 351 6.45 -0.02 -13.69
N LEU B 352 5.87 1.19 -13.76
CA LEU B 352 6.31 2.17 -14.75
C LEU B 352 7.65 2.80 -14.40
N GLY B 353 8.00 2.85 -13.12
CA GLY B 353 9.09 3.74 -12.72
C GLY B 353 8.76 5.20 -12.96
N GLU B 354 7.47 5.56 -12.88
CA GLU B 354 7.02 6.94 -13.04
CA GLU B 354 7.05 6.95 -12.98
C GLU B 354 5.61 7.04 -12.48
N LYS B 355 5.25 8.24 -12.04
CA LYS B 355 3.91 8.47 -11.53
C LYS B 355 2.97 8.87 -12.65
N LEU B 356 1.73 8.41 -12.53
CA LEU B 356 0.65 8.93 -13.36
C LEU B 356 0.46 10.42 -13.08
N LYS B 357 -0.07 11.12 -14.08
CA LYS B 357 -0.32 12.54 -13.91
C LYS B 357 -1.70 12.73 -13.30
N ARG B 358 -1.85 13.83 -12.56
CA ARG B 358 -3.11 14.14 -11.87
C ARG B 358 -3.71 15.43 -12.43
N PRO B 359 -5.05 15.51 -12.53
CA PRO B 359 -6.03 14.45 -12.22
C PRO B 359 -5.92 13.25 -13.17
N LEU B 360 -6.25 12.05 -12.67
CA LEU B 360 -6.07 10.84 -13.45
C LEU B 360 -6.87 10.88 -14.77
N ASP B 361 -7.93 11.69 -14.85
CA ASP B 361 -8.74 11.74 -16.06
C ASP B 361 -8.43 12.96 -16.92
N SER B 362 -7.32 13.64 -16.66
CA SER B 362 -6.91 14.76 -17.48
C SER B 362 -6.37 14.28 -18.83
N GLN B 363 -6.43 15.17 -19.83
CA GLN B 363 -5.82 14.88 -21.11
C GLN B 363 -4.32 14.62 -20.97
N GLU B 364 -3.66 15.35 -20.07
CA GLU B 364 -2.25 15.10 -19.79
C GLU B 364 -2.03 13.65 -19.37
N ASN B 365 -2.87 13.14 -18.47
CA ASN B 365 -2.67 11.75 -18.04
C ASN B 365 -3.11 10.78 -19.13
N ILE B 366 -4.16 11.11 -19.89
CA ILE B 366 -4.56 10.24 -21.00
C ILE B 366 -3.41 10.11 -21.99
N ASP B 367 -2.81 11.23 -22.36
CA ASP B 367 -1.67 11.19 -23.28
C ASP B 367 -0.52 10.38 -22.68
N PHE B 368 -0.25 10.57 -21.39
CA PHE B 368 0.83 9.85 -20.73
C PHE B 368 0.57 8.35 -20.76
N MET B 369 -0.67 7.94 -20.42
CA MET B 369 -0.98 6.51 -20.41
C MET B 369 -0.90 5.91 -21.80
N VAL B 370 -1.31 6.67 -22.84
CA VAL B 370 -1.13 6.18 -24.20
C VAL B 370 0.34 5.91 -24.46
N GLU B 371 1.19 6.86 -24.09
CA GLU B 371 2.63 6.72 -24.28
C GLU B 371 3.17 5.52 -23.51
N MET B 372 2.71 5.31 -22.28
CA MET B 372 3.21 4.18 -21.49
C MET B 372 2.77 2.86 -22.10
N CYS B 373 1.53 2.80 -22.62
CA CYS B 373 1.04 1.59 -23.25
C CYS B 373 1.89 1.24 -24.47
N GLU B 374 2.17 2.24 -25.31
CA GLU B 374 3.00 1.99 -26.48
C GLU B 374 4.40 1.56 -26.07
N LYS B 375 4.96 2.22 -25.04
CA LYS B 375 6.30 1.86 -24.57
C LYS B 375 6.36 0.41 -24.10
N HIS B 376 5.34 -0.04 -23.36
CA HIS B 376 5.37 -1.40 -22.82
C HIS B 376 4.60 -2.40 -23.68
N GLU B 377 4.32 -2.05 -24.95
CA GLU B 377 3.66 -2.94 -25.90
C GLU B 377 2.34 -3.48 -25.36
N ILE B 378 1.55 -2.59 -24.76
CA ILE B 378 0.21 -2.89 -24.30
C ILE B 378 -0.78 -2.44 -25.36
N GLU B 379 -1.66 -3.34 -25.79
CA GLU B 379 -2.69 -3.00 -26.76
C GLU B 379 -3.53 -1.83 -26.26
N LEU B 380 -3.72 -0.82 -27.12
CA LEU B 380 -4.50 0.35 -26.73
C LEU B 380 -5.99 0.04 -26.80
N PRO B 381 -6.80 0.58 -25.90
CA PRO B 381 -8.26 0.38 -25.98
C PRO B 381 -8.86 1.42 -26.92
N HIS B 382 -10.14 1.18 -27.27
CA HIS B 382 -10.93 2.17 -28.01
C HIS B 382 -12.32 2.33 -27.42
N PRO B 383 -12.71 3.59 -27.12
CA PRO B 383 -11.91 4.80 -27.26
C PRO B 383 -10.85 4.85 -26.16
N ARG B 384 -9.96 5.84 -26.24
CA ARG B 384 -8.85 5.98 -25.29
C ARG B 384 -9.28 6.83 -24.08
N THR B 385 -10.25 6.32 -23.33
CA THR B 385 -10.67 6.99 -22.09
C THR B 385 -9.66 6.69 -20.98
N ALA B 386 -9.61 7.59 -20.00
CA ALA B 386 -8.74 7.37 -18.86
C ALA B 386 -9.01 6.02 -18.21
N ALA B 387 -10.30 5.69 -18.05
CA ALA B 387 -10.69 4.45 -17.39
C ALA B 387 -10.18 3.23 -18.15
N LYS B 388 -10.37 3.22 -19.48
CA LYS B 388 -9.95 2.05 -20.26
C LYS B 388 -8.44 1.92 -20.29
N LEU B 389 -7.72 3.05 -20.34
CA LEU B 389 -6.26 3.03 -20.31
C LEU B 389 -5.73 2.56 -18.96
N LEU B 390 -6.35 3.02 -17.88
CA LEU B 390 -5.97 2.53 -16.55
C LEU B 390 -6.15 1.03 -16.45
N ASP B 391 -7.25 0.52 -17.01
CA ASP B 391 -7.50 -0.91 -17.00
C ASP B 391 -6.41 -1.67 -17.75
N LYS B 392 -6.02 -1.17 -18.94
CA LYS B 392 -4.93 -1.84 -19.68
C LYS B 392 -3.64 -1.86 -18.88
N LEU B 393 -3.31 -0.75 -18.21
CA LEU B 393 -2.09 -0.70 -17.41
C LEU B 393 -2.16 -1.64 -16.22
N ALA B 394 -3.32 -1.70 -15.55
CA ALA B 394 -3.48 -2.65 -14.45
C ALA B 394 -3.36 -4.08 -14.94
N GLY B 395 -3.93 -4.37 -16.10
CA GLY B 395 -3.83 -5.72 -16.66
C GLY B 395 -2.38 -6.11 -16.91
N HIS B 396 -1.57 -5.18 -17.39
CA HIS B 396 -0.16 -5.47 -17.65
C HIS B 396 0.66 -5.59 -16.37
N PHE B 397 0.50 -4.64 -15.44
CA PHE B 397 1.44 -4.47 -14.34
C PHE B 397 0.99 -5.08 -13.02
N VAL B 398 -0.30 -5.32 -12.83
CA VAL B 398 -0.83 -5.71 -11.52
C VAL B 398 -1.52 -7.06 -11.58
N GLU B 399 -2.46 -7.23 -12.51
CA GLU B 399 -3.13 -8.53 -12.59
C GLU B 399 -2.12 -9.66 -12.78
N THR B 400 -1.00 -9.35 -13.47
CA THR B 400 0.05 -10.33 -13.69
C THR B 400 0.79 -10.75 -12.42
N LYS B 401 0.64 -10.01 -11.31
CA LYS B 401 1.24 -10.40 -10.04
C LYS B 401 0.32 -11.28 -9.21
N CYS B 402 -0.91 -11.50 -9.66
CA CYS B 402 -1.90 -12.18 -8.84
C CYS B 402 -1.92 -13.67 -9.20
N THR B 403 -0.98 -14.41 -8.64
CA THR B 403 -0.95 -15.85 -8.86
C THR B 403 -1.86 -16.52 -7.84
N ASN B 404 -1.43 -16.55 -6.58
CA ASN B 404 -2.33 -16.91 -5.50
C ASN B 404 -3.43 -15.85 -5.39
N PRO B 405 -4.59 -16.19 -4.81
CA PRO B 405 -5.67 -15.20 -4.68
C PRO B 405 -5.12 -13.91 -4.10
N SER B 406 -5.41 -12.80 -4.77
CA SER B 406 -4.86 -11.51 -4.41
C SER B 406 -5.91 -10.44 -4.68
N PHE B 407 -6.01 -9.47 -3.77
CA PHE B 407 -6.93 -8.34 -3.96
C PHE B 407 -6.20 -7.18 -4.62
N ILE B 408 -6.76 -6.66 -5.70
CA ILE B 408 -6.36 -5.37 -6.25
CA ILE B 408 -6.35 -5.37 -6.23
C ILE B 408 -7.32 -4.35 -5.68
N ILE B 409 -6.80 -3.32 -5.01
CA ILE B 409 -7.68 -2.43 -4.26
C ILE B 409 -7.53 -0.97 -4.68
N ASP B 410 -8.56 -0.18 -4.32
CA ASP B 410 -8.53 1.28 -4.35
C ASP B 410 -8.48 1.82 -5.77
N HIS B 411 -9.29 1.23 -6.64
CA HIS B 411 -9.36 1.65 -8.04
C HIS B 411 -9.71 3.14 -8.15
N PRO B 412 -9.15 3.84 -9.14
CA PRO B 412 -9.60 5.20 -9.44
C PRO B 412 -11.11 5.33 -9.65
N GLN B 413 -11.64 6.47 -9.18
CA GLN B 413 -13.05 6.80 -9.38
C GLN B 413 -13.44 6.77 -10.85
N THR B 414 -12.54 7.22 -11.73
CA THR B 414 -12.91 7.39 -13.12
C THR B 414 -13.29 6.07 -13.77
N MET B 415 -12.82 4.94 -13.23
CA MET B 415 -13.19 3.62 -13.77
C MET B 415 -14.21 2.90 -12.89
N SER B 416 -14.75 3.57 -11.86
CA SER B 416 -15.58 2.93 -10.84
C SER B 416 -16.77 3.84 -10.53
N PRO B 417 -17.67 4.05 -11.50
CA PRO B 417 -18.71 5.06 -11.32
C PRO B 417 -19.72 4.74 -10.23
N LEU B 418 -19.81 3.50 -9.75
CA LEU B 418 -20.75 3.17 -8.68
C LEU B 418 -20.10 2.95 -7.32
N ALA B 419 -18.78 3.10 -7.21
CA ALA B 419 -18.04 2.85 -5.98
C ALA B 419 -17.81 4.16 -5.23
N LYS B 420 -17.93 4.10 -3.92
CA LYS B 420 -17.85 5.31 -3.11
C LYS B 420 -16.42 5.84 -3.03
N TRP B 421 -16.27 7.16 -2.99
CA TRP B 421 -14.96 7.78 -2.90
C TRP B 421 -14.17 7.22 -1.70
N HIS B 422 -12.86 7.07 -1.88
CA HIS B 422 -12.03 6.52 -0.83
C HIS B 422 -11.95 7.50 0.32
N ARG B 423 -12.09 6.98 1.55
CA ARG B 423 -12.18 7.88 2.69
C ARG B 423 -10.89 8.66 2.93
N GLU B 424 -9.76 8.23 2.37
CA GLU B 424 -8.48 8.94 2.55
C GLU B 424 -7.72 9.28 1.27
N LYS B 425 -7.85 8.47 0.21
CA LYS B 425 -7.02 8.64 -0.98
C LYS B 425 -7.74 9.45 -2.06
N PRO B 426 -7.30 10.68 -2.35
CA PRO B 426 -7.96 11.47 -3.41
C PRO B 426 -7.99 10.71 -4.75
N GLU B 427 -9.12 10.84 -5.44
CA GLU B 427 -9.41 10.25 -6.76
C GLU B 427 -9.62 8.74 -6.75
N MET B 428 -9.45 8.05 -5.63
CA MET B 428 -9.65 6.62 -5.53
C MET B 428 -11.03 6.29 -4.97
N THR B 429 -11.39 5.02 -5.03
CA THR B 429 -12.65 4.53 -4.47
C THR B 429 -12.37 3.38 -3.53
N GLU B 430 -13.37 3.01 -2.73
CA GLU B 430 -13.23 1.87 -1.82
C GLU B 430 -13.68 0.61 -2.57
N ARG B 431 -12.81 0.16 -3.47
CA ARG B 431 -13.12 -0.95 -4.37
C ARG B 431 -12.05 -2.03 -4.24
N PHE B 432 -12.43 -3.27 -4.52
CA PHE B 432 -11.42 -4.30 -4.76
C PHE B 432 -11.90 -5.26 -5.84
N GLU B 433 -10.93 -5.88 -6.50
CA GLU B 433 -11.16 -7.04 -7.32
C GLU B 433 -10.33 -8.17 -6.75
N LEU B 434 -10.85 -9.40 -6.81
CA LEU B 434 -10.06 -10.58 -6.44
C LEU B 434 -9.58 -11.25 -7.71
N PHE B 435 -8.28 -11.49 -7.80
CA PHE B 435 -7.68 -12.18 -8.94
C PHE B 435 -7.01 -13.47 -8.49
N VAL B 436 -7.19 -14.52 -9.30
CA VAL B 436 -6.47 -15.79 -9.12
C VAL B 436 -5.85 -16.14 -10.46
N LEU B 437 -4.54 -16.41 -10.46
CA LEU B 437 -3.80 -16.68 -11.70
C LEU B 437 -4.11 -15.62 -12.76
N GLY B 438 -4.20 -14.37 -12.31
CA GLY B 438 -4.39 -13.29 -13.25
C GLY B 438 -5.78 -13.18 -13.83
N LYS B 439 -6.76 -13.94 -13.31
CA LYS B 439 -8.13 -13.89 -13.78
C LYS B 439 -9.06 -13.32 -12.70
N GLU B 440 -9.96 -12.44 -13.11
CA GLU B 440 -10.89 -11.83 -12.17
C GLU B 440 -11.92 -12.83 -11.67
N LEU B 441 -12.08 -12.92 -10.35
CA LEU B 441 -13.13 -13.71 -9.68
C LEU B 441 -14.20 -12.86 -9.01
N CYS B 442 -13.81 -11.79 -8.32
CA CYS B 442 -14.75 -10.98 -7.56
C CYS B 442 -14.51 -9.52 -7.88
N ASN B 443 -15.55 -8.72 -7.64
CA ASN B 443 -15.53 -7.28 -7.81
C ASN B 443 -16.49 -6.73 -6.75
N ALA B 444 -16.04 -5.73 -5.98
CA ALA B 444 -16.79 -5.34 -4.77
C ALA B 444 -16.42 -3.93 -4.36
N TYR B 445 -17.34 -3.27 -3.64
CA TYR B 445 -16.96 -1.95 -3.14
C TYR B 445 -17.90 -1.50 -2.03
N THR B 446 -17.41 -0.54 -1.25
CA THR B 446 -18.28 0.34 -0.49
C THR B 446 -19.16 1.11 -1.47
N GLU B 447 -20.48 0.99 -1.34
CA GLU B 447 -21.39 1.47 -2.38
C GLU B 447 -21.54 2.98 -2.38
N LEU B 448 -21.47 3.61 -3.56
CA LEU B 448 -21.74 5.05 -3.63
C LEU B 448 -23.21 5.30 -3.25
N ASN B 449 -23.45 6.15 -2.25
CA ASN B 449 -24.81 6.43 -1.78
C ASN B 449 -25.12 7.92 -1.77
N GLU B 450 -24.29 8.73 -2.41
CA GLU B 450 -24.49 10.18 -2.48
C GLU B 450 -25.01 10.53 -3.86
N PRO B 451 -26.23 11.06 -3.98
CA PRO B 451 -26.88 11.12 -5.31
C PRO B 451 -26.28 12.14 -6.27
N LEU B 452 -25.72 13.24 -5.78
CA LEU B 452 -25.15 14.23 -6.70
C LEU B 452 -23.95 13.66 -7.45
N GLN B 453 -23.01 13.08 -6.72
CA GLN B 453 -21.87 12.45 -7.37
C GLN B 453 -22.33 11.30 -8.28
N GLN B 454 -23.30 10.51 -7.83
CA GLN B 454 -23.74 9.38 -8.66
C GLN B 454 -24.21 9.87 -10.01
N ARG B 455 -25.03 10.93 -10.00
CA ARG B 455 -25.52 11.51 -11.25
C ARG B 455 -24.35 11.98 -12.11
N LYS B 456 -23.38 12.65 -11.51
CA LYS B 456 -22.23 13.14 -12.27
C LYS B 456 -21.45 11.99 -12.91
N PHE B 457 -21.25 10.88 -12.18
CA PHE B 457 -20.51 9.76 -12.75
C PHE B 457 -21.31 9.07 -13.86
N PHE B 458 -22.64 9.00 -13.71
CA PHE B 458 -23.50 8.51 -14.79
C PHE B 458 -23.36 9.39 -16.05
N GLU B 459 -23.35 10.72 -15.86
CA GLU B 459 -23.19 11.60 -17.02
C GLU B 459 -21.88 11.34 -17.75
N GLN B 460 -20.80 11.17 -16.99
CA GLN B 460 -19.51 10.86 -17.59
C GLN B 460 -19.54 9.51 -18.29
N GLN B 461 -20.30 8.55 -17.75
CA GLN B 461 -20.49 7.29 -18.45
C GLN B 461 -21.23 7.50 -19.77
N ALA B 462 -22.32 8.27 -19.75
CA ALA B 462 -23.08 8.48 -20.96
C ALA B 462 -22.25 9.18 -22.03
N ASP B 463 -21.37 10.11 -21.62
CA ASP B 463 -20.47 10.74 -22.57
C ASP B 463 -19.49 9.73 -23.17
N ALA B 464 -19.01 8.78 -22.37
CA ALA B 464 -18.13 7.75 -22.91
C ALA B 464 -18.86 6.91 -23.95
N LYS B 465 -20.11 6.55 -23.67
CA LYS B 465 -20.90 5.76 -24.62
C LYS B 465 -21.14 6.52 -25.91
N ALA B 466 -21.50 7.81 -25.81
CA ALA B 466 -21.68 8.62 -27.02
C ALA B 466 -20.39 8.74 -27.82
N SER B 467 -19.22 8.65 -27.16
CA SER B 467 -17.92 8.71 -27.82
C SER B 467 -17.43 7.36 -28.36
N GLY B 468 -18.24 6.30 -28.23
CA GLY B 468 -17.90 5.02 -28.81
C GLY B 468 -17.51 3.93 -27.85
N ASP B 469 -17.60 4.17 -26.54
CA ASP B 469 -17.34 3.11 -25.56
C ASP B 469 -18.59 2.23 -25.50
N VAL B 470 -18.55 1.08 -26.16
CA VAL B 470 -19.69 0.17 -26.14
C VAL B 470 -19.89 -0.48 -24.78
N GLU B 471 -18.97 -0.27 -23.83
CA GLU B 471 -19.11 -0.84 -22.51
C GLU B 471 -19.58 0.17 -21.47
N ALA B 472 -19.79 1.42 -21.88
CA ALA B 472 -20.30 2.45 -20.97
C ALA B 472 -21.82 2.43 -21.00
N CYS B 473 -22.44 2.79 -19.87
CA CYS B 473 -23.88 2.64 -19.67
C CYS B 473 -24.59 3.98 -19.68
N PRO B 474 -25.87 4.01 -20.01
CA PRO B 474 -26.64 5.27 -19.98
C PRO B 474 -27.01 5.65 -18.56
N ILE B 475 -27.45 6.90 -18.39
CA ILE B 475 -27.89 7.35 -17.07
C ILE B 475 -29.16 6.62 -16.69
N ASP B 476 -29.24 6.16 -15.44
CA ASP B 476 -30.44 5.51 -14.94
C ASP B 476 -31.15 6.45 -13.98
N GLU B 477 -32.20 7.13 -14.45
CA GLU B 477 -32.94 8.07 -13.62
C GLU B 477 -33.68 7.37 -12.49
N THR B 478 -34.16 6.16 -12.71
CA THR B 478 -34.87 5.49 -11.63
C THR B 478 -33.91 5.17 -10.48
N PHE B 479 -32.64 4.86 -10.77
CA PHE B 479 -31.69 4.59 -9.71
C PHE B 479 -31.31 5.86 -8.96
N CYS B 480 -31.09 6.97 -9.69
CA CYS B 480 -30.81 8.23 -9.01
C CYS B 480 -31.93 8.61 -8.06
N LEU B 481 -33.19 8.41 -8.48
CA LEU B 481 -34.33 8.71 -7.60
C LEU B 481 -34.34 7.79 -6.39
N ALA B 482 -33.98 6.52 -6.57
CA ALA B 482 -33.91 5.61 -5.42
C ALA B 482 -32.85 6.07 -4.43
N LEU B 483 -31.69 6.52 -4.94
CA LEU B 483 -30.67 7.04 -4.04
C LEU B 483 -31.16 8.26 -3.27
N GLU B 484 -32.03 9.07 -3.89
CA GLU B 484 -32.61 10.21 -3.17
C GLU B 484 -33.53 9.80 -2.04
N HIS B 485 -33.89 8.52 -1.92
CA HIS B 485 -34.68 8.07 -0.78
C HIS B 485 -33.80 7.52 0.34
N GLY B 486 -32.48 7.55 0.16
CA GLY B 486 -31.55 7.18 1.21
C GLY B 486 -31.12 5.73 1.17
N LEU B 487 -30.01 5.46 0.48
CA LEU B 487 -29.33 4.17 0.58
C LEU B 487 -28.44 4.20 1.81
N PRO B 488 -28.67 3.34 2.80
CA PRO B 488 -27.77 3.26 3.96
C PRO B 488 -26.35 3.00 3.49
N PRO B 489 -25.34 3.35 4.29
CA PRO B 489 -23.98 2.86 3.98
C PRO B 489 -24.02 1.35 3.82
N THR B 490 -23.40 0.85 2.74
CA THR B 490 -23.63 -0.51 2.25
C THR B 490 -22.36 -1.05 1.58
N GLY B 491 -22.14 -2.36 1.69
CA GLY B 491 -21.07 -2.98 0.92
C GLY B 491 -21.66 -3.97 -0.05
N GLY B 492 -21.23 -3.95 -1.32
CA GLY B 492 -21.73 -4.90 -2.30
C GLY B 492 -20.59 -5.61 -3.02
N TRP B 493 -20.94 -6.72 -3.66
CA TRP B 493 -19.92 -7.69 -4.07
C TRP B 493 -20.46 -8.58 -5.17
N GLY B 494 -19.58 -8.98 -6.09
CA GLY B 494 -19.97 -9.87 -7.17
C GLY B 494 -18.91 -10.95 -7.35
N LEU B 495 -19.35 -12.09 -7.85
CA LEU B 495 -18.50 -13.26 -8.04
C LEU B 495 -18.82 -13.92 -9.37
N GLY B 496 -17.80 -14.22 -10.17
CA GLY B 496 -18.04 -14.96 -11.40
C GLY B 496 -18.00 -16.46 -11.11
N ILE B 497 -19.17 -17.08 -11.06
CA ILE B 497 -19.28 -18.48 -10.65
CA ILE B 497 -19.22 -18.47 -10.61
C ILE B 497 -18.52 -19.40 -11.60
N ASP B 498 -18.61 -19.13 -12.90
CA ASP B 498 -17.99 -20.04 -13.88
C ASP B 498 -16.47 -20.07 -13.73
N ARG B 499 -15.83 -18.91 -13.59
CA ARG B 499 -14.39 -18.88 -13.37
CA ARG B 499 -14.39 -18.90 -13.37
C ARG B 499 -14.02 -19.59 -12.07
N LEU B 500 -14.84 -19.43 -11.04
CA LEU B 500 -14.59 -20.16 -9.80
C LEU B 500 -14.62 -21.66 -10.02
N ILE B 501 -15.61 -22.15 -10.78
CA ILE B 501 -15.65 -23.59 -11.07
C ILE B 501 -14.41 -24.02 -11.84
N MET B 502 -13.97 -23.21 -12.80
CA MET B 502 -12.75 -23.54 -13.54
C MET B 502 -11.59 -23.83 -12.59
N PHE B 503 -11.40 -23.00 -11.56
CA PHE B 503 -10.28 -23.25 -10.65
C PHE B 503 -10.53 -24.47 -9.78
N LEU B 504 -11.73 -24.59 -9.22
CA LEU B 504 -12.05 -25.70 -8.33
C LEU B 504 -12.00 -27.05 -9.03
N ALA B 505 -12.38 -27.11 -10.31
CA ALA B 505 -12.38 -28.36 -11.06
C ALA B 505 -11.15 -28.53 -11.93
N ASP B 506 -10.26 -27.55 -11.94
CA ASP B 506 -9.03 -27.54 -12.73
C ASP B 506 -9.34 -27.78 -14.21
N LYS B 507 -10.05 -26.81 -14.76
CA LYS B 507 -10.30 -26.76 -16.20
C LYS B 507 -9.85 -25.40 -16.69
N ASN B 508 -9.24 -25.37 -17.88
CA ASN B 508 -8.64 -24.14 -18.42
C ASN B 508 -9.47 -23.48 -19.51
N ASN B 509 -10.72 -23.90 -19.72
CA ASN B 509 -11.58 -23.11 -20.57
CA ASN B 509 -11.60 -23.21 -20.64
C ASN B 509 -13.01 -23.21 -20.06
N ILE B 510 -13.79 -22.17 -20.35
CA ILE B 510 -15.10 -22.07 -19.74
C ILE B 510 -16.07 -23.10 -20.33
N LYS B 511 -15.81 -23.61 -21.53
CA LYS B 511 -16.72 -24.58 -22.11
C LYS B 511 -16.78 -25.87 -21.29
N GLU B 512 -15.76 -26.14 -20.47
CA GLU B 512 -15.76 -27.34 -19.63
C GLU B 512 -16.71 -27.23 -18.44
N VAL B 513 -17.09 -26.02 -18.02
CA VAL B 513 -17.87 -25.86 -16.80
C VAL B 513 -19.29 -25.36 -17.08
N ILE B 514 -19.69 -25.29 -18.34
CA ILE B 514 -21.03 -24.88 -18.75
C ILE B 514 -21.60 -26.02 -19.60
N LEU B 515 -22.81 -26.47 -19.27
CA LEU B 515 -23.30 -27.69 -19.94
C LEU B 515 -23.40 -27.51 -21.45
N PHE B 516 -23.97 -26.40 -21.89
CA PHE B 516 -24.23 -26.15 -23.31
C PHE B 516 -23.66 -24.79 -23.71
N PRO B 517 -22.33 -24.69 -23.84
CA PRO B 517 -21.73 -23.39 -24.16
C PRO B 517 -22.00 -22.99 -25.60
N ALA B 518 -21.99 -21.68 -25.85
CA ALA B 518 -22.16 -21.20 -27.22
C ALA B 518 -20.98 -21.62 -28.07
N MET B 519 -21.27 -22.00 -29.31
CA MET B 519 -20.27 -22.47 -30.25
C MET B 519 -20.49 -21.78 -31.59
N ARG B 520 -19.41 -21.38 -32.25
CA ARG B 520 -19.52 -20.85 -33.61
C ARG B 520 -20.14 -21.90 -34.53
N ASN B 521 -21.06 -21.47 -35.38
CA ASN B 521 -21.76 -22.39 -36.27
C ASN B 521 -20.99 -22.61 -37.57
N SER C 21 3.31 27.89 38.33
CA SER C 21 2.72 28.94 37.51
C SER C 21 1.30 28.60 37.09
N HIS C 22 0.34 29.45 37.50
CA HIS C 22 -1.04 29.23 37.13
C HIS C 22 -1.24 29.36 35.61
N TYR C 23 -0.45 30.22 34.96
CA TYR C 23 -0.60 30.41 33.51
C TYR C 23 -0.38 29.11 32.75
N THR C 24 0.69 28.39 33.08
CA THR C 24 0.97 27.10 32.43
C THR C 24 -0.12 26.08 32.74
N ASP C 25 -0.52 25.98 34.02
CA ASP C 25 -1.62 25.09 34.40
C ASP C 25 -2.89 25.42 33.63
N ASN C 26 -3.24 26.70 33.56
CA ASN C 26 -4.45 27.10 32.84
C ASN C 26 -4.35 26.79 31.35
N ARG C 27 -3.15 26.84 30.77
CA ARG C 27 -3.07 26.57 29.34
C ARG C 27 -3.24 25.08 29.06
N TYR C 28 -2.69 24.23 29.94
CA TYR C 28 -2.93 22.80 29.79
C TYR C 28 -4.41 22.49 29.92
N LYS C 29 -5.12 23.16 30.84
CA LYS C 29 -6.56 22.96 30.97
C LYS C 29 -7.30 23.44 29.73
N MET C 30 -6.87 24.54 29.13
CA MET C 30 -7.47 24.95 27.87
C MET C 30 -7.27 23.90 26.78
N MET C 31 -6.05 23.35 26.67
CA MET C 31 -5.82 22.37 25.61
C MET C 31 -6.61 21.09 25.84
N GLU C 32 -6.81 20.69 27.10
CA GLU C 32 -7.66 19.54 27.36
C GLU C 32 -9.11 19.85 27.00
N CYS C 33 -9.56 21.08 27.30
CA CYS C 33 -10.91 21.50 26.90
CA CYS C 33 -10.91 21.47 26.90
C CYS C 33 -11.07 21.47 25.38
N ILE C 34 -10.07 21.99 24.67
CA ILE C 34 -10.14 22.02 23.20
C ILE C 34 -10.27 20.61 22.66
N LYS C 35 -9.42 19.70 23.16
CA LYS C 35 -9.42 18.32 22.68
C LYS C 35 -10.77 17.65 22.93
N ASP C 36 -11.38 17.95 24.08
CA ASP C 36 -12.64 17.31 24.43
C ASP C 36 -13.82 17.89 23.66
N ALA C 37 -13.71 19.14 23.22
CA ALA C 37 -14.75 19.77 22.39
C ALA C 37 -14.64 19.35 20.92
N GLY C 38 -13.72 18.46 20.57
CA GLY C 38 -13.57 18.06 19.18
C GLY C 38 -12.94 19.11 18.30
N ARG C 39 -12.33 20.13 18.88
CA ARG C 39 -11.78 21.24 18.13
C ARG C 39 -10.31 20.97 17.80
N PRO C 40 -9.73 21.72 16.87
CA PRO C 40 -8.39 21.39 16.38
C PRO C 40 -7.35 21.31 17.51
N PHE C 41 -6.62 20.20 17.54
CA PHE C 41 -5.68 19.87 18.62
C PHE C 41 -4.38 19.42 17.94
N TYR C 42 -3.40 20.32 17.89
CA TYR C 42 -2.09 20.05 17.28
C TYR C 42 -2.20 19.49 15.86
N PRO C 43 -2.73 20.26 14.90
CA PRO C 43 -2.83 19.75 13.52
C PRO C 43 -1.46 19.29 13.00
N HIS C 44 -1.49 18.17 12.27
CA HIS C 44 -0.24 17.58 11.78
C HIS C 44 0.40 18.42 10.68
N LYS C 45 -0.41 18.94 9.75
CA LYS C 45 0.13 19.62 8.58
C LYS C 45 -0.69 20.88 8.30
N PHE C 46 -0.03 22.03 8.24
CA PHE C 46 -0.62 23.29 7.81
C PHE C 46 0.09 23.71 6.53
N LYS C 47 -0.65 23.84 5.42
CA LYS C 47 -0.05 24.12 4.12
C LYS C 47 -0.03 25.63 3.90
N ILE C 48 1.13 26.26 4.03
CA ILE C 48 1.18 27.70 3.75
C ILE C 48 1.12 27.93 2.25
N SER C 49 0.52 29.05 1.85
CA SER C 49 0.53 29.45 0.44
C SER C 49 1.90 29.98 0.03
N MET C 50 2.60 30.59 0.96
CA MET C 50 3.91 31.19 0.73
C MET C 50 4.45 31.59 2.09
N SER C 51 5.76 31.84 2.11
CA SER C 51 6.40 32.33 3.33
C SER C 51 6.02 33.78 3.61
N LEU C 52 6.24 34.20 4.86
CA LEU C 52 6.03 35.61 5.16
C LEU C 52 6.97 36.52 4.40
N PRO C 53 8.27 36.21 4.23
CA PRO C 53 9.10 37.05 3.35
C PRO C 53 8.54 37.13 1.93
N ALA C 54 8.04 36.01 1.41
CA ALA C 54 7.50 36.01 0.05
C ALA C 54 6.22 36.84 -0.02
N TYR C 55 5.39 36.73 1.01
CA TYR C 55 4.18 37.54 1.14
C TYR C 55 4.51 39.02 1.15
N ALA C 56 5.50 39.42 1.94
CA ALA C 56 5.91 40.82 1.98
C ALA C 56 6.50 41.25 0.64
N LEU C 57 7.22 40.37 -0.03
CA LEU C 57 7.76 40.75 -1.33
C LEU C 57 6.64 41.01 -2.34
N LYS C 58 5.57 40.22 -2.28
CA LYS C 58 4.53 40.34 -3.28
C LYS C 58 3.60 41.51 -2.99
N TYR C 59 3.25 41.71 -1.72
CA TYR C 59 2.21 42.66 -1.35
C TYR C 59 2.71 43.86 -0.56
N GLY C 60 3.99 43.91 -0.21
CA GLY C 60 4.49 45.00 0.61
C GLY C 60 4.34 46.39 0.01
N ASN C 61 4.25 46.49 -1.31
CA ASN C 61 4.21 47.81 -1.97
C ASN C 61 2.86 48.13 -2.60
N VAL C 62 1.79 47.40 -2.23
CA VAL C 62 0.47 47.81 -2.69
C VAL C 62 0.08 49.12 -2.01
N GLU C 63 -0.91 49.79 -2.59
CA GLU C 63 -1.45 51.03 -2.03
C GLU C 63 -2.15 50.77 -0.71
N ASN C 64 -2.20 51.82 0.12
CA ASN C 64 -2.96 51.71 1.36
C ASN C 64 -4.40 51.33 1.05
N GLY C 65 -4.95 50.39 1.82
CA GLY C 65 -6.33 49.98 1.65
C GLY C 65 -6.57 48.96 0.57
N TYR C 66 -5.55 48.61 -0.22
CA TYR C 66 -5.71 47.57 -1.22
C TYR C 66 -6.13 46.26 -0.56
N ILE C 67 -7.09 45.58 -1.18
CA ILE C 67 -7.41 44.22 -0.79
C ILE C 67 -7.81 43.45 -2.05
N ASP C 68 -7.35 42.21 -2.18
CA ASP C 68 -7.74 41.33 -3.27
C ASP C 68 -8.63 40.23 -2.70
N LYS C 69 -9.94 40.42 -2.77
CA LYS C 69 -10.83 39.39 -2.25
C LYS C 69 -11.00 38.22 -3.20
N ASP C 70 -10.36 38.21 -4.37
CA ASP C 70 -10.39 37.02 -5.24
C ASP C 70 -9.30 36.01 -4.92
N THR C 71 -8.42 36.32 -3.98
CA THR C 71 -7.26 35.48 -3.67
C THR C 71 -7.30 35.12 -2.18
N THR C 72 -7.41 33.83 -1.89
CA THR C 72 -7.36 33.36 -0.51
C THR C 72 -6.01 32.69 -0.28
N LEU C 73 -5.31 33.11 0.80
CA LEU C 73 -3.96 32.62 1.11
C LEU C 73 -3.91 32.10 2.55
N SER C 74 -3.04 31.12 2.79
CA SER C 74 -2.76 30.62 4.13
C SER C 74 -1.37 31.06 4.54
N LEU C 75 -1.26 31.67 5.73
CA LEU C 75 0.02 32.06 6.31
C LEU C 75 0.14 31.52 7.72
N SER C 76 1.38 31.43 8.20
CA SER C 76 1.62 30.95 9.56
C SER C 76 2.87 31.61 10.15
N GLY C 77 2.86 31.77 11.47
CA GLY C 77 4.00 32.30 12.19
C GLY C 77 3.72 32.23 13.68
N ARG C 78 4.62 32.80 14.46
CA ARG C 78 4.38 32.91 15.89
C ARG C 78 3.74 34.26 16.19
N VAL C 79 2.71 34.25 17.04
CA VAL C 79 2.02 35.47 17.44
C VAL C 79 2.94 36.29 18.33
N THR C 80 3.21 37.53 17.93
CA THR C 80 3.98 38.44 18.77
C THR C 80 3.14 39.55 19.39
N SER C 81 1.91 39.75 18.91
CA SER C 81 1.02 40.77 19.47
C SER C 81 -0.42 40.35 19.20
N ILE C 82 -1.30 40.62 20.16
CA ILE C 82 -2.75 40.50 19.99
C ILE C 82 -3.37 41.77 20.53
N ARG C 83 -4.12 42.47 19.68
CA ARG C 83 -4.88 43.64 20.13
C ARG C 83 -6.33 43.40 19.78
N SER C 84 -7.17 43.19 20.79
CA SER C 84 -8.60 43.08 20.54
C SER C 84 -9.14 44.50 20.59
N SER C 85 -9.24 45.11 19.40
CA SER C 85 -9.66 46.51 19.30
C SER C 85 -11.10 46.69 19.74
N SER C 86 -11.98 45.78 19.32
CA SER C 86 -13.39 45.85 19.69
C SER C 86 -13.88 44.41 19.82
N SER C 87 -15.18 44.26 20.11
CA SER C 87 -15.78 42.93 20.12
C SER C 87 -15.78 42.30 18.73
N LYS C 88 -15.61 43.10 17.68
CA LYS C 88 -15.75 42.64 16.30
C LYS C 88 -14.45 42.61 15.52
N LEU C 89 -13.34 43.04 16.12
CA LEU C 89 -12.13 43.27 15.34
C LEU C 89 -10.91 42.98 16.20
N ILE C 90 -10.07 42.03 15.75
CA ILE C 90 -8.85 41.67 16.46
C ILE C 90 -7.67 41.82 15.51
N PHE C 91 -6.61 42.44 15.99
CA PHE C 91 -5.37 42.56 15.23
C PHE C 91 -4.31 41.66 15.83
N TYR C 92 -3.64 40.89 14.99
CA TYR C 92 -2.49 40.08 15.38
C TYR C 92 -1.25 40.56 14.63
N ASP C 93 -0.09 40.45 15.27
CA ASP C 93 1.16 40.40 14.53
C ASP C 93 1.66 38.96 14.58
N ILE C 94 2.05 38.41 13.43
CA ILE C 94 2.75 37.14 13.42
C ILE C 94 4.13 37.35 12.83
N PHE C 95 5.05 36.48 13.23
CA PHE C 95 6.45 36.61 12.86
C PHE C 95 6.95 35.26 12.35
N CYS C 96 7.64 35.25 11.21
CA CYS C 96 8.23 34.01 10.71
C CYS C 96 9.33 34.35 9.73
N GLU C 97 10.48 33.67 9.85
CA GLU C 97 11.56 33.81 8.90
C GLU C 97 11.97 35.27 8.73
N GLU C 98 12.11 35.97 9.86
CA GLU C 98 12.53 37.36 9.92
C GLU C 98 11.53 38.35 9.35
N GLN C 99 10.26 37.98 9.18
CA GLN C 99 9.27 38.92 8.62
C GLN C 99 8.03 38.99 9.50
N LYS C 100 7.57 40.21 9.79
CA LYS C 100 6.32 40.43 10.49
C LYS C 100 5.17 40.71 9.49
N VAL C 101 4.01 40.13 9.76
CA VAL C 101 2.79 40.44 9.00
C VAL C 101 1.66 40.68 10.00
N GLN C 102 0.85 41.71 9.73
CA GLN C 102 -0.34 41.93 10.55
C GLN C 102 -1.50 41.10 10.03
N ILE C 103 -2.29 40.53 10.96
CA ILE C 103 -3.51 39.82 10.61
C ILE C 103 -4.67 40.65 11.13
N ILE C 104 -5.62 40.96 10.26
CA ILE C 104 -6.81 41.73 10.64
C ILE C 104 -8.00 40.78 10.60
N ALA C 105 -8.56 40.47 11.77
CA ALA C 105 -9.63 39.48 11.89
C ALA C 105 -10.91 40.23 12.21
N ASN C 106 -11.78 40.36 11.21
CA ASN C 106 -13.05 41.06 11.35
C ASN C 106 -14.15 40.01 11.46
N ILE C 107 -15.02 40.15 12.46
CA ILE C 107 -16.08 39.16 12.67
C ILE C 107 -16.88 38.91 11.40
N MET C 108 -17.02 39.92 10.53
CA MET C 108 -17.89 39.76 9.37
C MET C 108 -17.28 38.86 8.31
N GLU C 109 -15.97 38.63 8.34
CA GLU C 109 -15.33 37.71 7.42
C GLU C 109 -15.13 36.33 8.03
N HIS C 110 -15.50 36.14 9.29
CA HIS C 110 -15.14 34.92 10.00
C HIS C 110 -15.89 33.72 9.45
N ASP C 111 -15.16 32.63 9.23
CA ASP C 111 -15.77 31.38 8.75
C ASP C 111 -16.38 30.64 9.93
N ILE C 112 -17.69 30.75 10.07
CA ILE C 112 -18.44 30.14 11.17
C ILE C 112 -18.27 28.63 11.26
N SER C 113 -17.93 27.96 10.17
CA SER C 113 -17.73 26.51 10.25
C SER C 113 -16.56 26.13 11.16
N THR C 114 -15.64 27.07 11.42
CA THR C 114 -14.51 26.79 12.30
C THR C 114 -14.85 27.08 13.76
N GLY C 115 -16.03 27.61 14.03
CA GLY C 115 -16.44 28.04 15.35
C GLY C 115 -16.96 29.47 15.34
N GLU C 116 -17.64 29.82 16.42
CA GLU C 116 -18.03 31.21 16.56
C GLU C 116 -16.78 32.08 16.72
N PHE C 117 -16.84 33.30 16.17
CA PHE C 117 -15.70 34.20 16.18
C PHE C 117 -15.07 34.29 17.57
N SER C 118 -15.88 34.54 18.59
CA SER C 118 -15.30 34.71 19.92
C SER C 118 -14.62 33.42 20.40
N VAL C 119 -15.21 32.26 20.06
CA VAL C 119 -14.63 31.00 20.51
C VAL C 119 -13.29 30.75 19.83
N SER C 120 -13.24 30.91 18.49
CA SER C 120 -12.00 30.67 17.76
C SER C 120 -10.85 31.53 18.28
N HIS C 121 -11.10 32.82 18.53
CA HIS C 121 -10.01 33.69 18.94
C HIS C 121 -9.73 33.64 20.44
N SER C 122 -10.66 33.13 21.24
CA SER C 122 -10.41 32.96 22.67
C SER C 122 -9.33 31.92 22.93
N GLU C 123 -9.03 31.07 21.95
CA GLU C 123 -8.04 30.01 22.11
C GLU C 123 -6.61 30.45 21.83
N ILE C 124 -6.40 31.69 21.35
CA ILE C 124 -5.08 32.13 20.88
C ILE C 124 -4.46 33.06 21.92
N ARG C 125 -3.14 32.91 22.12
CA ARG C 125 -2.37 33.73 23.04
CA ARG C 125 -2.36 33.72 23.05
C ARG C 125 -1.07 34.19 22.39
N ARG C 126 -0.54 35.32 22.87
CA ARG C 126 0.78 35.75 22.44
C ARG C 126 1.77 34.61 22.66
N GLY C 127 2.61 34.35 21.66
CA GLY C 127 3.55 33.25 21.71
C GLY C 127 3.11 32.00 20.97
N ASP C 128 1.82 31.85 20.71
CA ASP C 128 1.34 30.68 20.00
C ASP C 128 1.83 30.63 18.55
N VAL C 129 2.08 29.43 18.05
CA VAL C 129 2.27 29.19 16.61
C VAL C 129 0.89 28.95 16.01
N VAL C 130 0.53 29.75 15.01
CA VAL C 130 -0.83 29.75 14.50
C VAL C 130 -0.81 29.84 12.98
N GLY C 131 -1.92 29.41 12.38
CA GLY C 131 -2.15 29.61 10.96
C GLY C 131 -3.36 30.50 10.76
N PHE C 132 -3.37 31.22 9.65
CA PHE C 132 -4.51 32.04 9.27
C PHE C 132 -4.78 31.85 7.79
N THR C 133 -6.04 31.96 7.40
CA THR C 133 -6.41 32.02 5.99
CA THR C 133 -6.41 32.02 5.98
C THR C 133 -7.14 33.33 5.73
N GLY C 134 -6.92 33.93 4.57
CA GLY C 134 -7.55 35.21 4.34
C GLY C 134 -7.16 35.81 3.01
N PHE C 135 -7.50 37.15 2.85
CA PHE C 135 -7.28 37.92 1.62
C PHE C 135 -6.09 38.85 1.82
N PRO C 136 -5.24 39.00 0.81
CA PRO C 136 -4.05 39.86 0.98
C PRO C 136 -4.35 41.33 0.73
N GLY C 137 -3.55 42.17 1.37
CA GLY C 137 -3.58 43.59 1.07
C GLY C 137 -2.87 44.40 2.12
N LYS C 138 -3.39 45.60 2.35
CA LYS C 138 -2.78 46.56 3.24
C LYS C 138 -3.89 47.36 3.91
N SER C 139 -3.76 47.58 5.22
CA SER C 139 -4.76 48.36 5.95
C SER C 139 -4.78 49.80 5.44
N LYS C 140 -5.85 50.51 5.79
CA LYS C 140 -5.97 51.90 5.37
C LYS C 140 -4.80 52.74 5.89
N ARG C 141 -4.24 52.39 7.06
CA ARG C 141 -3.11 53.09 7.66
C ARG C 141 -1.77 52.63 7.10
N GLY C 142 -1.76 51.65 6.22
CA GLY C 142 -0.57 51.28 5.49
C GLY C 142 0.15 50.03 5.93
N GLU C 143 -0.46 49.20 6.79
CA GLU C 143 0.22 48.02 7.32
C GLU C 143 -0.01 46.83 6.39
N LEU C 144 1.07 46.21 5.93
CA LEU C 144 0.96 44.92 5.24
C LEU C 144 0.13 43.97 6.08
N SER C 145 -0.95 43.43 5.48
CA SER C 145 -1.89 42.67 6.29
C SER C 145 -2.47 41.51 5.49
N LEU C 146 -2.93 40.51 6.25
CA LEU C 146 -3.86 39.50 5.76
C LEU C 146 -5.20 39.76 6.43
N PHE C 147 -6.25 39.89 5.62
CA PHE C 147 -7.63 40.06 6.13
C PHE C 147 -8.22 38.67 6.31
N SER C 148 -8.23 38.20 7.55
CA SER C 148 -8.40 36.77 7.76
C SER C 148 -9.86 36.35 7.81
N LYS C 149 -10.07 35.08 7.48
CA LYS C 149 -11.36 34.42 7.61
C LYS C 149 -11.34 33.29 8.64
N SER C 150 -10.17 32.84 9.06
CA SER C 150 -10.10 31.73 10.00
C SER C 150 -8.79 31.82 10.74
N VAL C 151 -8.72 31.15 11.89
CA VAL C 151 -7.48 31.02 12.65
C VAL C 151 -7.39 29.58 13.14
N VAL C 152 -6.19 29.01 13.09
CA VAL C 152 -5.98 27.66 13.59
CA VAL C 152 -5.93 27.63 13.52
C VAL C 152 -4.78 27.65 14.52
N LEU C 153 -5.01 27.12 15.72
CA LEU C 153 -3.95 26.98 16.71
C LEU C 153 -3.10 25.76 16.36
N LEU C 154 -1.83 25.98 16.02
CA LEU C 154 -0.93 24.89 15.61
C LEU C 154 -0.09 24.36 16.77
N SER C 155 0.44 25.23 17.61
CA SER C 155 1.28 24.80 18.71
C SER C 155 1.30 25.90 19.76
N PRO C 156 0.60 25.71 20.88
CA PRO C 156 0.50 26.80 21.87
C PRO C 156 1.77 26.97 22.66
N CYS C 157 1.96 28.19 23.15
CA CYS C 157 3.02 28.50 24.09
C CYS C 157 2.41 28.44 25.48
N TYR C 158 3.00 27.62 26.35
CA TYR C 158 2.40 27.39 27.66
C TYR C 158 2.94 28.33 28.72
N HIS C 159 3.73 29.33 28.34
CA HIS C 159 4.40 30.19 29.29
C HIS C 159 4.24 31.64 28.85
N MET C 160 4.10 32.55 29.80
CA MET C 160 4.08 33.96 29.46
CA MET C 160 4.07 33.95 29.41
C MET C 160 5.48 34.39 29.02
N LEU C 161 5.57 35.08 27.85
CA LEU C 161 6.91 35.43 27.40
C LEU C 161 7.19 36.90 27.68
N PRO C 162 8.44 37.29 27.90
CA PRO C 162 8.77 38.72 27.93
C PRO C 162 8.59 39.34 26.56
N THR C 163 8.59 40.67 26.55
CA THR C 163 8.53 41.39 25.27
C THR C 163 9.91 41.48 24.62
N ALA C 164 10.99 41.40 25.41
CA ALA C 164 12.35 41.40 24.91
C ALA C 164 13.25 40.73 25.94
N ILE C 165 14.45 40.33 25.50
CA ILE C 165 15.42 39.65 26.39
C ILE C 165 15.66 40.41 27.71
N ASP C 170 18.59 36.65 32.57
CA ASP C 170 19.68 37.54 32.20
C ASP C 170 20.30 37.11 30.87
N GLN C 171 21.61 37.33 30.72
CA GLN C 171 22.34 36.53 29.75
C GLN C 171 22.30 35.06 30.13
N GLU C 172 22.03 34.75 31.40
CA GLU C 172 21.88 33.36 31.82
C GLU C 172 20.74 32.68 31.08
N VAL C 173 19.57 33.32 31.03
CA VAL C 173 18.44 32.68 30.36
C VAL C 173 18.71 32.57 28.87
N ARG C 174 19.39 33.58 28.30
CA ARG C 174 19.69 33.52 26.87
C ARG C 174 20.55 32.32 26.53
N TYR C 175 21.46 31.91 27.43
CA TYR C 175 22.34 30.81 27.08
C TYR C 175 21.77 29.45 27.46
N ARG C 176 20.99 29.39 28.56
CA ARG C 176 20.41 28.14 29.02
C ARG C 176 19.13 27.77 28.29
N GLN C 177 18.41 28.77 27.75
CA GLN C 177 17.21 28.56 26.96
C GLN C 177 17.37 29.34 25.66
N ARG C 178 18.26 28.86 24.78
CA ARG C 178 18.63 29.61 23.59
C ARG C 178 17.44 29.86 22.69
N TYR C 179 16.40 29.02 22.76
CA TYR C 179 15.23 29.24 21.92
C TYR C 179 14.54 30.57 22.27
N LEU C 180 14.54 30.96 23.54
CA LEU C 180 13.99 32.26 23.90
C LEU C 180 14.80 33.40 23.30
N ASP C 181 16.13 33.30 23.36
CA ASP C 181 16.99 34.32 22.75
C ASP C 181 16.73 34.43 21.25
N LEU C 182 16.73 33.29 20.55
CA LEU C 182 16.46 33.29 19.11
C LEU C 182 15.06 33.79 18.80
N MET C 183 14.07 33.41 19.62
CA MET C 183 12.69 33.80 19.34
C MET C 183 12.48 35.31 19.50
N LEU C 184 13.18 35.95 20.43
CA LEU C 184 12.86 37.32 20.79
C LEU C 184 13.92 38.34 20.39
N ASN C 185 15.13 37.93 20.01
CA ASN C 185 16.25 38.87 19.87
C ASN C 185 16.88 38.71 18.49
N GLU C 186 16.57 39.63 17.57
CA GLU C 186 17.13 39.58 16.22
C GLU C 186 18.65 39.53 16.23
N GLU C 187 19.29 40.19 17.20
CA GLU C 187 20.75 40.25 17.21
C GLU C 187 21.37 38.86 17.36
N SER C 188 20.72 37.98 18.13
CA SER C 188 21.26 36.63 18.29
CA SER C 188 21.25 36.61 18.30
C SER C 188 21.13 35.82 17.00
N ARG C 189 19.99 35.95 16.31
CA ARG C 189 19.85 35.27 15.03
C ARG C 189 20.90 35.74 14.03
N LYS C 190 21.25 37.03 14.04
CA LYS C 190 22.27 37.55 13.13
C LYS C 190 23.64 36.88 13.35
N VAL C 191 24.03 36.67 14.61
CA VAL C 191 25.31 36.03 14.91
C VAL C 191 25.42 34.69 14.20
N PHE C 192 24.38 33.86 14.29
CA PHE C 192 24.57 32.51 13.78
C PHE C 192 24.42 32.43 12.27
N LYS C 193 23.71 33.39 11.67
CA LYS C 193 23.78 33.55 10.20
C LYS C 193 25.15 34.03 9.78
N LEU C 194 25.72 35.00 10.47
CA LEU C 194 27.09 35.43 10.17
C LEU C 194 28.08 34.27 10.33
N ARG C 195 27.93 33.46 11.39
CA ARG C 195 28.78 32.30 11.60
C ARG C 195 28.76 31.38 10.38
N SER C 196 27.57 31.06 9.89
CA SER C 196 27.46 30.23 8.69
C SER C 196 28.13 30.86 7.50
N ARG C 197 27.87 32.16 7.28
CA ARG C 197 28.44 32.86 6.13
C ARG C 197 29.96 32.85 6.16
N ALA C 198 30.55 33.07 7.34
CA ALA C 198 32.00 33.08 7.44
C ALA C 198 32.58 31.69 7.16
N ILE C 199 31.93 30.64 7.66
CA ILE C 199 32.47 29.30 7.40
C ILE C 199 32.33 28.93 5.93
N LYS C 200 31.24 29.33 5.29
CA LYS C 200 31.10 29.15 3.84
C LYS C 200 32.21 29.83 3.08
N TYR C 201 32.52 31.09 3.44
CA TYR C 201 33.60 31.82 2.78
C TYR C 201 34.92 31.06 2.92
N ILE C 202 35.18 30.54 4.11
CA ILE C 202 36.42 29.82 4.38
C ILE C 202 36.52 28.54 3.55
N ARG C 203 35.45 27.73 3.53
CA ARG C 203 35.48 26.55 2.68
C ARG C 203 35.74 26.93 1.22
N ASN C 204 35.08 27.98 0.75
CA ASN C 204 35.20 28.34 -0.66
C ASN C 204 36.62 28.75 -0.99
N TYR C 205 37.26 29.50 -0.08
CA TYR C 205 38.64 29.93 -0.27
C TYR C 205 39.56 28.74 -0.53
N PHE C 206 39.43 27.70 0.31
CA PHE C 206 40.30 26.55 0.18
C PHE C 206 39.86 25.63 -0.95
N ASP C 207 38.55 25.48 -1.14
CA ASP C 207 38.07 24.69 -2.26
C ASP C 207 38.62 25.21 -3.58
N ARG C 208 38.62 26.54 -3.73
CA ARG C 208 39.17 27.16 -4.95
C ARG C 208 40.65 26.86 -5.14
N LEU C 209 41.37 26.61 -4.05
CA LEU C 209 42.79 26.30 -4.14
C LEU C 209 43.05 24.83 -4.42
N GLY C 210 42.00 24.01 -4.56
CA GLY C 210 42.16 22.61 -4.83
C GLY C 210 42.34 21.76 -3.59
N PHE C 211 42.00 22.28 -2.42
CA PHE C 211 42.06 21.49 -1.20
C PHE C 211 40.97 20.43 -1.17
N LEU C 212 41.23 19.36 -0.41
CA LEU C 212 40.26 18.30 -0.17
C LEU C 212 39.86 18.35 1.30
N GLU C 213 38.57 18.47 1.57
CA GLU C 213 38.12 18.42 2.95
C GLU C 213 38.02 16.97 3.40
N VAL C 214 38.51 16.71 4.62
CA VAL C 214 38.57 15.37 5.17
C VAL C 214 38.00 15.37 6.58
N GLU C 215 37.70 14.17 7.08
CA GLU C 215 37.34 13.97 8.48
C GLU C 215 38.29 12.95 9.09
N THR C 216 38.83 13.27 10.28
CA THR C 216 39.71 12.35 10.98
C THR C 216 39.12 12.10 12.38
N PRO C 217 39.59 11.08 13.11
CA PRO C 217 38.85 10.62 14.29
C PRO C 217 38.80 11.61 15.44
N MET C 218 37.64 11.71 16.07
CA MET C 218 37.53 12.44 17.32
C MET C 218 37.79 11.55 18.52
N LEU C 219 37.74 10.23 18.34
CA LEU C 219 38.06 9.26 19.39
C LEU C 219 39.33 8.52 18.98
N ASN C 220 40.35 8.58 19.83
CA ASN C 220 41.63 7.94 19.48
C ASN C 220 42.20 7.20 20.69
N MET C 221 43.01 6.19 20.40
CA MET C 221 43.71 5.52 21.51
C MET C 221 44.80 6.40 22.10
N ILE C 222 45.20 7.47 21.43
CA ILE C 222 46.21 8.38 21.96
C ILE C 222 45.90 9.80 21.48
N TYR C 223 46.06 10.77 22.37
CA TYR C 223 45.75 12.17 22.02
C TYR C 223 47.05 12.91 21.73
N GLY C 224 46.95 13.99 20.97
CA GLY C 224 48.15 14.74 20.65
C GLY C 224 47.83 15.91 19.75
N GLY C 225 48.87 16.67 19.42
CA GLY C 225 48.77 17.74 18.45
C GLY C 225 48.42 19.10 19.00
N ALA C 226 48.34 19.25 20.32
CA ALA C 226 48.04 20.52 20.94
C ALA C 226 48.48 20.43 22.40
N ALA C 227 48.41 21.55 23.10
CA ALA C 227 48.73 21.61 24.51
C ALA C 227 47.41 21.79 25.24
N ALA C 228 46.81 20.66 25.65
CA ALA C 228 45.50 20.71 26.26
C ALA C 228 45.27 19.40 27.01
N ARG C 229 44.48 19.45 28.05
CA ARG C 229 44.12 18.23 28.76
C ARG C 229 42.94 17.56 28.07
N PRO C 230 42.99 16.27 27.79
CA PRO C 230 41.90 15.60 27.09
C PRO C 230 40.80 15.08 28.01
N PHE C 231 39.63 14.84 27.41
CA PHE C 231 38.60 14.01 28.01
C PHE C 231 38.94 12.56 27.73
N ILE C 232 38.73 11.69 28.73
CA ILE C 232 39.01 10.27 28.63
C ILE C 232 37.68 9.50 28.62
N THR C 233 37.54 8.54 27.71
CA THR C 233 36.38 7.66 27.79
C THR C 233 36.83 6.21 27.67
N TYR C 234 35.89 5.27 27.57
CA TYR C 234 36.20 3.84 27.52
C TYR C 234 35.35 3.16 26.46
N HIS C 235 35.95 2.26 25.69
CA HIS C 235 35.21 1.51 24.68
C HIS C 235 35.02 0.09 25.21
N ASN C 236 33.76 -0.31 25.40
CA ASN C 236 33.48 -1.55 26.13
C ASN C 236 34.03 -2.78 25.41
N GLU C 237 33.73 -2.92 24.11
CA GLU C 237 34.15 -4.13 23.40
C GLU C 237 35.65 -4.17 23.16
N LEU C 238 36.25 -3.02 22.85
CA LEU C 238 37.71 -2.96 22.70
C LEU C 238 38.42 -3.02 24.04
N GLU C 239 37.71 -2.78 25.15
CA GLU C 239 38.27 -2.93 26.49
C GLU C 239 39.52 -2.07 26.68
N THR C 240 39.41 -0.78 26.35
CA THR C 240 40.53 0.13 26.54
C THR C 240 40.02 1.56 26.52
N GLN C 241 40.88 2.48 26.95
CA GLN C 241 40.54 3.88 26.97
C GLN C 241 40.59 4.46 25.56
N LEU C 242 39.71 5.44 25.32
CA LEU C 242 39.81 6.33 24.18
C LEU C 242 39.83 7.74 24.72
N TYR C 243 40.51 8.63 23.98
CA TYR C 243 40.56 10.06 24.28
C TYR C 243 39.78 10.82 23.23
N MET C 244 39.01 11.82 23.66
CA MET C 244 38.48 12.77 22.69
C MET C 244 39.61 13.63 22.18
N ARG C 245 39.61 13.93 20.89
CA ARG C 245 40.78 14.60 20.32
C ARG C 245 40.92 16.02 20.87
N ILE C 246 42.18 16.44 21.02
CA ILE C 246 42.45 17.83 21.29
C ILE C 246 42.84 18.57 20.02
N ALA C 247 43.20 17.85 18.94
CA ALA C 247 43.51 18.47 17.65
C ALA C 247 43.63 17.36 16.61
N PRO C 248 43.36 17.62 15.34
CA PRO C 248 43.46 16.58 14.30
C PRO C 248 44.85 16.46 13.65
N GLU C 249 45.80 17.26 14.12
CA GLU C 249 47.09 17.50 13.45
C GLU C 249 47.83 16.21 13.05
N LEU C 250 47.95 15.26 13.96
CA LEU C 250 48.78 14.09 13.66
CA LEU C 250 48.78 14.09 13.66
C LEU C 250 48.15 13.22 12.58
N TYR C 251 46.82 13.12 12.56
CA TYR C 251 46.16 12.40 11.47
C TYR C 251 46.32 13.16 10.14
N LEU C 252 46.14 14.48 10.17
CA LEU C 252 46.18 15.24 8.93
C LEU C 252 47.55 15.17 8.28
N LYS C 253 48.62 15.16 9.07
CA LYS C 253 49.95 15.01 8.47
C LYS C 253 50.11 13.65 7.80
N GLN C 254 49.51 12.60 8.36
CA GLN C 254 49.58 11.30 7.69
C GLN C 254 48.97 11.36 6.29
N LEU C 255 47.96 12.21 6.09
CA LEU C 255 47.36 12.33 4.77
C LEU C 255 48.32 12.99 3.79
N ILE C 256 49.22 13.84 4.30
CA ILE C 256 50.23 14.44 3.43
C ILE C 256 51.34 13.42 3.11
N VAL C 257 51.70 12.56 4.07
CA VAL C 257 52.54 11.40 3.72
C VAL C 257 51.86 10.61 2.60
N GLY C 258 50.54 10.44 2.71
CA GLY C 258 49.70 9.72 1.76
C GLY C 258 49.61 10.34 0.38
N GLY C 259 50.09 11.57 0.21
CA GLY C 259 50.10 12.24 -1.09
C GLY C 259 48.89 13.11 -1.40
N LEU C 260 47.99 13.33 -0.45
CA LEU C 260 46.82 14.13 -0.79
C LEU C 260 47.15 15.61 -0.99
N ASP C 261 48.36 16.06 -0.62
CA ASP C 261 48.96 17.35 -0.98
C ASP C 261 48.36 18.59 -0.32
N LYS C 262 47.03 18.72 -0.32
CA LYS C 262 46.33 19.86 0.31
C LYS C 262 45.06 19.33 0.97
N VAL C 263 45.01 19.32 2.30
CA VAL C 263 43.82 18.85 3.01
C VAL C 263 43.40 19.89 4.04
N TYR C 264 42.10 19.92 4.33
CA TYR C 264 41.64 20.67 5.50
C TYR C 264 40.53 19.93 6.20
N GLU C 265 40.33 20.31 7.46
CA GLU C 265 39.28 19.74 8.30
C GLU C 265 38.71 20.87 9.16
N ILE C 266 37.39 20.92 9.30
CA ILE C 266 36.74 21.89 10.18
C ILE C 266 35.83 21.12 11.11
N GLY C 267 36.07 21.22 12.41
CA GLY C 267 35.22 20.44 13.30
C GLY C 267 35.62 20.67 14.74
N LYS C 268 34.93 19.96 15.63
CA LYS C 268 35.13 20.18 17.06
C LYS C 268 36.45 19.60 17.55
N ASN C 269 37.09 20.33 18.47
CA ASN C 269 38.12 19.83 19.38
C ASN C 269 37.59 19.93 20.80
N PHE C 270 38.18 19.15 21.70
CA PHE C 270 37.67 19.03 23.06
C PHE C 270 38.78 19.35 24.07
N ARG C 271 38.43 20.14 25.08
CA ARG C 271 39.37 20.53 26.12
CA ARG C 271 39.37 20.56 26.12
C ARG C 271 38.74 20.36 27.48
N ASN C 272 39.42 19.64 28.35
CA ASN C 272 38.96 19.32 29.69
C ASN C 272 39.63 20.31 30.65
N GLU C 273 38.99 21.47 30.85
CA GLU C 273 39.61 22.53 31.64
C GLU C 273 38.54 23.39 32.31
N GLY C 274 38.81 24.68 32.51
CA GLY C 274 37.82 25.54 33.13
C GLY C 274 36.73 25.96 32.16
N ILE C 275 35.54 26.20 32.69
CA ILE C 275 34.39 26.65 31.90
C ILE C 275 33.98 28.03 32.41
N ASP C 276 33.96 29.01 31.51
CA ASP C 276 33.63 30.38 31.88
C ASP C 276 33.16 31.14 30.65
N LEU C 277 33.19 32.47 30.72
CA LEU C 277 32.69 33.30 29.62
C LEU C 277 33.49 33.14 28.33
N THR C 278 34.76 32.68 28.42
CA THR C 278 35.60 32.56 27.23
C THR C 278 36.20 31.17 27.06
N HIS C 279 35.77 30.20 27.84
CA HIS C 279 36.23 28.83 27.69
C HIS C 279 35.05 27.89 27.64
N ASN C 280 35.02 27.06 26.61
CA ASN C 280 33.99 26.05 26.42
C ASN C 280 34.65 24.69 26.20
N PRO C 281 34.11 23.61 26.78
CA PRO C 281 34.79 22.31 26.68
C PRO C 281 34.89 21.80 25.25
N GLU C 282 34.09 22.31 24.33
CA GLU C 282 34.23 21.94 22.92
C GLU C 282 34.18 23.23 22.11
N PHE C 283 34.99 23.28 21.07
CA PHE C 283 35.10 24.49 20.25
C PHE C 283 35.35 24.07 18.81
N THR C 284 34.99 24.94 17.89
CA THR C 284 35.14 24.62 16.47
C THR C 284 36.46 25.19 15.97
N ALA C 285 37.25 24.34 15.33
CA ALA C 285 38.57 24.70 14.87
C ALA C 285 38.73 24.19 13.45
N MET C 286 39.60 24.87 12.71
CA MET C 286 39.99 24.41 11.39
C MET C 286 41.49 24.13 11.39
N GLU C 287 41.90 23.09 10.67
CA GLU C 287 43.32 22.91 10.33
C GLU C 287 43.44 22.66 8.84
N PHE C 288 44.55 23.14 8.23
CA PHE C 288 44.89 22.69 6.88
C PHE C 288 46.37 22.38 6.81
N TYR C 289 46.72 21.50 5.87
CA TYR C 289 48.09 21.09 5.62
C TYR C 289 48.32 21.22 4.13
N MET C 290 49.40 21.92 3.79
CA MET C 290 49.74 22.25 2.41
C MET C 290 51.16 21.76 2.15
N ALA C 291 51.31 20.70 1.34
CA ALA C 291 52.65 20.29 0.94
C ALA C 291 53.37 21.43 0.23
N TYR C 292 54.68 21.52 0.50
CA TYR C 292 55.67 22.45 -0.05
C TYR C 292 55.54 23.88 0.44
N ALA C 293 54.66 24.17 1.39
CA ALA C 293 54.59 25.48 2.02
C ALA C 293 55.55 25.54 3.21
N ASP C 294 56.10 26.73 3.48
CA ASP C 294 56.77 26.97 4.77
C ASP C 294 55.98 28.04 5.54
N TYR C 295 56.45 28.43 6.72
CA TYR C 295 55.63 29.31 7.54
C TYR C 295 55.57 30.73 6.99
N TYR C 296 56.53 31.14 6.16
CA TYR C 296 56.40 32.41 5.45
C TYR C 296 55.20 32.39 4.50
N ASP C 297 55.06 31.32 3.70
CA ASP C 297 53.90 31.16 2.84
C ASP C 297 52.60 31.24 3.64
N LEU C 298 52.59 30.60 4.81
CA LEU C 298 51.39 30.55 5.63
C LEU C 298 51.02 31.91 6.21
N MET C 299 52.02 32.74 6.54
CA MET C 299 51.70 34.09 7.00
C MET C 299 51.01 34.88 5.91
N ASP C 300 51.50 34.78 4.66
CA ASP C 300 50.87 35.49 3.55
C ASP C 300 49.45 34.98 3.31
N LEU C 301 49.27 33.65 3.37
CA LEU C 301 47.95 33.08 3.19
C LEU C 301 47.01 33.54 4.28
N THR C 302 47.47 33.53 5.54
CA THR C 302 46.62 34.00 6.63
C THR C 302 46.17 35.43 6.42
N GLU C 303 47.09 36.31 6.01
CA GLU C 303 46.74 37.71 5.74
C GLU C 303 45.70 37.81 4.63
N GLU C 304 45.90 37.08 3.52
CA GLU C 304 44.95 37.15 2.40
C GLU C 304 43.58 36.61 2.78
N LEU C 305 43.54 35.46 3.44
CA LEU C 305 42.28 34.82 3.81
C LEU C 305 41.49 35.71 4.76
N ILE C 306 42.11 36.09 5.86
CA ILE C 306 41.39 36.80 6.93
CA ILE C 306 41.37 36.80 6.91
C ILE C 306 41.03 38.21 6.49
N SER C 307 41.95 38.92 5.83
CA SER C 307 41.57 40.28 5.42
C SER C 307 40.45 40.24 4.39
N GLY C 308 40.45 39.25 3.50
CA GLY C 308 39.38 39.13 2.53
C GLY C 308 38.04 38.82 3.17
N LEU C 309 38.05 37.97 4.20
CA LEU C 309 36.82 37.67 4.91
C LEU C 309 36.31 38.90 5.65
N VAL C 310 37.21 39.63 6.32
CA VAL C 310 36.82 40.88 6.97
C VAL C 310 36.22 41.85 5.97
N LEU C 311 36.89 42.01 4.82
CA LEU C 311 36.36 42.87 3.77
C LEU C 311 34.98 42.41 3.29
N GLU C 312 34.81 41.11 3.09
CA GLU C 312 33.52 40.59 2.63
C GLU C 312 32.40 40.93 3.61
N ILE C 313 32.67 40.78 4.90
CA ILE C 313 31.59 41.00 5.87
CA ILE C 313 31.61 40.99 5.91
C ILE C 313 31.39 42.47 6.16
N HIS C 314 32.48 43.24 6.31
CA HIS C 314 32.41 44.60 6.82
C HIS C 314 32.58 45.71 5.79
N GLY C 315 33.08 45.41 4.60
CA GLY C 315 33.21 46.42 3.58
C GLY C 315 34.50 47.22 3.66
N SER C 316 35.29 47.01 4.70
CA SER C 316 36.61 47.63 4.85
C SER C 316 37.39 46.76 5.82
N LEU C 317 38.67 47.06 5.97
CA LEU C 317 39.50 46.29 6.89
C LEU C 317 39.54 46.86 8.30
N LYS C 318 38.81 47.94 8.56
CA LYS C 318 38.78 48.56 9.88
C LYS C 318 37.40 48.34 10.48
N ILE C 319 37.35 47.61 11.59
CA ILE C 319 36.05 47.18 12.11
C ILE C 319 35.91 47.50 13.61
N PRO C 320 34.68 47.67 14.10
CA PRO C 320 34.51 48.05 15.51
C PRO C 320 34.59 46.84 16.41
N TYR C 321 35.03 47.08 17.65
CA TYR C 321 34.95 46.03 18.67
C TYR C 321 34.64 46.69 20.01
N HIS C 322 33.75 46.05 20.79
CA HIS C 322 33.36 46.59 22.09
C HIS C 322 33.88 45.67 23.17
N PRO C 323 35.06 45.94 23.75
CA PRO C 323 35.67 44.97 24.68
C PRO C 323 34.86 44.73 25.93
N ASP C 324 34.07 45.69 26.37
CA ASP C 324 33.26 45.59 27.58
C ASP C 324 31.79 45.66 27.24
N GLY C 325 31.42 45.02 26.13
CA GLY C 325 30.04 45.00 25.71
C GLY C 325 29.61 46.30 25.10
N PRO C 326 28.39 46.33 24.56
CA PRO C 326 27.91 47.53 23.87
C PRO C 326 27.53 48.61 24.87
N GLU C 327 27.27 49.79 24.32
CA GLU C 327 27.10 51.05 25.06
C GLU C 327 28.43 51.45 25.72
N GLY C 328 29.36 50.50 25.87
CA GLY C 328 30.69 50.76 26.37
C GLY C 328 31.60 51.36 25.31
N LYS C 329 32.90 51.36 25.60
CA LYS C 329 33.85 51.94 24.66
C LYS C 329 33.94 51.07 23.41
N CYS C 330 34.11 51.74 22.27
CA CYS C 330 34.32 51.07 20.99
C CYS C 330 35.73 51.36 20.51
N ILE C 331 36.45 50.31 20.16
CA ILE C 331 37.78 50.46 19.57
C ILE C 331 37.69 49.99 18.13
N GLU C 332 38.71 50.32 17.35
CA GLU C 332 38.78 49.92 15.96
C GLU C 332 39.93 48.93 15.81
N ILE C 333 39.65 47.78 15.20
CA ILE C 333 40.66 46.80 14.85
C ILE C 333 41.00 46.97 13.38
N ASP C 334 42.28 47.09 13.04
CA ASP C 334 42.72 47.35 11.67
C ASP C 334 43.39 46.11 11.11
N PHE C 335 42.77 45.50 10.10
CA PHE C 335 43.28 44.29 9.48
C PHE C 335 44.10 44.58 8.21
N THR C 336 44.44 45.84 7.94
CA THR C 336 45.30 46.14 6.80
C THR C 336 46.58 45.30 6.85
N THR C 337 46.93 44.70 5.73
CA THR C 337 48.12 43.86 5.61
C THR C 337 49.28 44.64 4.99
N PRO C 338 50.53 44.24 5.29
CA PRO C 338 50.94 43.11 6.14
C PRO C 338 50.88 43.46 7.62
N TRP C 339 50.76 42.44 8.44
CA TRP C 339 50.62 42.61 9.88
C TRP C 339 51.98 42.68 10.58
N LYS C 340 51.99 43.34 11.72
CA LYS C 340 53.17 43.38 12.58
C LYS C 340 53.64 41.98 12.93
N ARG C 341 54.95 41.77 12.96
CA ARG C 341 55.55 40.56 13.50
C ARG C 341 56.26 40.88 14.81
N PHE C 342 56.10 40.03 15.83
CA PHE C 342 56.86 40.11 17.07
C PHE C 342 57.67 38.83 17.23
N SER C 343 58.98 38.96 17.42
CA SER C 343 59.79 37.78 17.68
C SER C 343 59.66 37.37 19.16
N PHE C 344 59.29 36.10 19.38
CA PHE C 344 58.90 35.59 20.70
C PHE C 344 59.93 35.94 21.78
N VAL C 345 61.17 35.47 21.63
CA VAL C 345 62.17 35.62 22.68
C VAL C 345 62.60 37.08 22.82
N GLU C 346 62.89 37.74 21.70
CA GLU C 346 63.40 39.09 21.78
C GLU C 346 62.41 40.04 22.44
N GLU C 347 61.11 39.81 22.22
CA GLU C 347 60.12 40.70 22.84
C GLU C 347 59.97 40.43 24.34
N ILE C 348 60.04 39.16 24.76
CA ILE C 348 60.16 38.89 26.19
C ILE C 348 61.38 39.63 26.76
N GLU C 349 62.54 39.49 26.11
CA GLU C 349 63.74 40.12 26.62
C GLU C 349 63.63 41.64 26.64
N SER C 350 62.93 42.23 25.66
CA SER C 350 62.69 43.67 25.67
CA SER C 350 62.71 43.66 25.69
C SER C 350 61.81 44.07 26.85
N GLY C 351 60.76 43.29 27.12
CA GLY C 351 59.95 43.54 28.30
C GLY C 351 60.72 43.36 29.59
N LEU C 352 61.60 42.34 29.63
CA LEU C 352 62.37 42.09 30.86
C LEU C 352 63.48 43.11 31.06
N GLY C 353 64.03 43.64 29.98
CA GLY C 353 65.24 44.44 30.12
C GLY C 353 66.50 43.62 30.29
N GLU C 354 66.43 42.30 30.14
CA GLU C 354 67.63 41.48 30.12
C GLU C 354 67.34 40.23 29.31
N LYS C 355 68.40 39.46 29.04
CA LYS C 355 68.28 38.27 28.20
C LYS C 355 67.93 37.03 29.02
N LEU C 356 67.11 36.17 28.44
CA LEU C 356 66.95 34.82 28.95
C LEU C 356 68.28 34.08 28.89
N LYS C 357 68.41 33.07 29.76
CA LYS C 357 69.64 32.29 29.77
C LYS C 357 69.56 31.21 28.70
N ARG C 358 70.72 30.84 28.17
CA ARG C 358 70.81 29.81 27.13
C ARG C 358 71.61 28.61 27.64
N PRO C 359 71.24 27.39 27.22
CA PRO C 359 70.05 27.02 26.43
C PRO C 359 68.77 27.38 27.15
N LEU C 360 67.70 27.62 26.38
CA LEU C 360 66.44 28.10 26.96
C LEU C 360 65.81 27.06 27.88
N ASP C 361 66.08 25.78 27.66
CA ASP C 361 65.50 24.74 28.48
C ASP C 361 66.45 24.25 29.56
N SER C 362 67.54 24.99 29.83
CA SER C 362 68.43 24.55 30.89
C SER C 362 67.85 24.90 32.26
N GLN C 363 68.37 24.21 33.28
CA GLN C 363 67.96 24.52 34.64
C GLN C 363 68.24 25.97 34.97
N GLU C 364 69.36 26.50 34.48
CA GLU C 364 69.71 27.90 34.76
C GLU C 364 68.61 28.83 34.27
N ASN C 365 68.10 28.61 33.06
CA ASN C 365 67.07 29.52 32.55
C ASN C 365 65.71 29.26 33.19
N ILE C 366 65.41 28.00 33.50
CA ILE C 366 64.17 27.69 34.23
C ILE C 366 64.14 28.48 35.55
N ASP C 367 65.19 28.33 36.37
CA ASP C 367 65.29 29.12 37.60
C ASP C 367 65.19 30.61 37.34
N PHE C 368 65.86 31.09 36.30
CA PHE C 368 65.80 32.50 35.96
C PHE C 368 64.37 32.92 35.58
N MET C 369 63.66 32.09 34.81
CA MET C 369 62.32 32.47 34.41
C MET C 369 61.35 32.47 35.58
N VAL C 370 61.54 31.57 36.54
CA VAL C 370 60.78 31.63 37.78
C VAL C 370 61.05 32.94 38.50
N GLU C 371 62.33 33.31 38.63
CA GLU C 371 62.68 34.57 39.25
C GLU C 371 62.00 35.74 38.54
N MET C 372 62.00 35.73 37.20
CA MET C 372 61.38 36.82 36.46
C MET C 372 59.87 36.84 36.66
N CYS C 373 59.24 35.67 36.67
CA CYS C 373 57.80 35.63 36.93
C CYS C 373 57.48 36.18 38.30
N GLU C 374 58.30 35.85 39.31
CA GLU C 374 58.04 36.35 40.64
C GLU C 374 58.27 37.86 40.71
N LYS C 375 59.32 38.34 40.04
CA LYS C 375 59.58 39.77 40.02
C LYS C 375 58.45 40.54 39.35
N HIS C 376 57.91 40.01 38.25
CA HIS C 376 56.88 40.72 37.51
C HIS C 376 55.47 40.29 37.90
N GLU C 377 55.34 39.55 39.00
CA GLU C 377 54.04 39.12 39.51
C GLU C 377 53.24 38.38 38.45
N ILE C 378 53.90 37.49 37.73
CA ILE C 378 53.24 36.61 36.77
C ILE C 378 52.96 35.29 37.47
N GLU C 379 51.72 34.83 37.40
CA GLU C 379 51.35 33.58 38.05
C GLU C 379 52.16 32.43 37.46
N LEU C 380 52.76 31.61 38.34
CA LEU C 380 53.61 30.53 37.87
C LEU C 380 52.79 29.37 37.33
N PRO C 381 53.27 28.69 36.30
CA PRO C 381 52.62 27.45 35.84
C PRO C 381 52.95 26.30 36.77
N HIS C 382 52.21 25.21 36.61
CA HIS C 382 52.59 23.93 37.19
C HIS C 382 52.45 22.81 36.18
N PRO C 383 53.51 22.03 35.99
CA PRO C 383 54.81 22.22 36.63
C PRO C 383 55.58 23.35 35.94
N ARG C 384 56.69 23.74 36.55
CA ARG C 384 57.49 24.84 36.04
C ARG C 384 58.50 24.35 35.00
N THR C 385 57.96 23.86 33.88
CA THR C 385 58.80 23.48 32.76
C THR C 385 59.23 24.70 31.97
N ALA C 386 60.33 24.57 31.24
CA ALA C 386 60.81 25.68 30.43
C ALA C 386 59.71 26.19 29.50
N ALA C 387 59.00 25.26 28.85
CA ALA C 387 57.97 25.64 27.90
C ALA C 387 56.85 26.42 28.58
N LYS C 388 56.41 25.97 29.75
CA LYS C 388 55.27 26.64 30.37
C LYS C 388 55.69 27.98 30.98
N LEU C 389 56.93 28.10 31.46
CA LEU C 389 57.42 29.39 31.91
C LEU C 389 57.52 30.38 30.75
N LEU C 390 58.09 29.93 29.62
CA LEU C 390 58.18 30.75 28.43
C LEU C 390 56.81 31.27 28.02
N ASP C 391 55.80 30.39 28.08
CA ASP C 391 54.44 30.76 27.71
C ASP C 391 53.88 31.85 28.63
N LYS C 392 54.09 31.70 29.95
CA LYS C 392 53.65 32.74 30.89
C LYS C 392 54.31 34.08 30.60
N LEU C 393 55.59 34.07 30.22
CA LEU C 393 56.29 35.32 29.96
C LEU C 393 55.78 35.97 28.68
N ALA C 394 55.51 35.17 27.64
CA ALA C 394 54.95 35.72 26.41
C ALA C 394 53.53 36.23 26.62
N GLY C 395 52.73 35.52 27.42
CA GLY C 395 51.39 36.03 27.71
C GLY C 395 51.43 37.39 28.37
N HIS C 396 52.46 37.64 29.18
CA HIS C 396 52.56 38.89 29.92
C HIS C 396 53.15 40.02 29.09
N PHE C 397 54.20 39.73 28.30
CA PHE C 397 55.00 40.77 27.66
C PHE C 397 54.73 40.94 26.16
N VAL C 398 54.17 39.94 25.49
CA VAL C 398 54.08 39.93 24.04
C VAL C 398 52.63 39.88 23.57
N GLU C 399 51.83 38.95 24.08
CA GLU C 399 50.43 38.86 23.68
C GLU C 399 49.69 40.16 23.97
N THR C 400 50.01 40.82 25.07
CA THR C 400 49.39 42.10 25.43
C THR C 400 49.79 43.25 24.52
N LYS C 401 50.72 43.04 23.60
CA LYS C 401 51.04 44.04 22.60
C LYS C 401 50.25 43.87 21.30
N CYS C 402 49.44 42.82 21.21
CA CYS C 402 48.81 42.43 19.94
C CYS C 402 47.37 42.92 19.91
N THR C 403 47.20 44.21 19.62
CA THR C 403 45.84 44.75 19.49
C THR C 403 45.31 44.50 18.07
N ASN C 404 45.86 45.21 17.09
CA ASN C 404 45.63 44.81 15.71
C ASN C 404 46.19 43.40 15.50
N PRO C 405 45.66 42.65 14.53
CA PRO C 405 46.24 41.34 14.20
C PRO C 405 47.75 41.40 14.10
N SER C 406 48.41 40.53 14.87
CA SER C 406 49.86 40.53 14.96
C SER C 406 50.33 39.09 15.00
N PHE C 407 51.46 38.84 14.35
CA PHE C 407 52.09 37.54 14.38
C PHE C 407 53.15 37.52 15.47
N ILE C 408 53.04 36.59 16.41
CA ILE C 408 54.16 36.24 17.28
C ILE C 408 54.90 35.07 16.62
N ILE C 409 56.21 35.23 16.38
CA ILE C 409 56.92 34.25 15.55
C ILE C 409 58.13 33.67 16.26
N ASP C 410 58.58 32.52 15.71
CA ASP C 410 59.87 31.89 16.03
C ASP C 410 59.93 31.38 17.46
N HIS C 411 58.87 30.68 17.86
CA HIS C 411 58.77 30.10 19.20
C HIS C 411 59.91 29.13 19.48
N PRO C 412 60.42 29.08 20.71
CA PRO C 412 61.42 28.07 21.09
C PRO C 412 60.97 26.65 20.79
N GLN C 413 61.93 25.80 20.39
CA GLN C 413 61.62 24.40 20.12
C GLN C 413 61.01 23.72 21.34
N THR C 414 61.47 24.08 22.53
CA THR C 414 61.05 23.38 23.74
C THR C 414 59.55 23.49 23.99
N MET C 415 58.88 24.51 23.45
CA MET C 415 57.42 24.63 23.57
C MET C 415 56.69 24.28 22.27
N SER C 416 57.42 23.77 21.27
CA SER C 416 56.87 23.57 19.92
C SER C 416 57.30 22.20 19.38
N PRO C 417 56.82 21.12 20.01
CA PRO C 417 57.38 19.78 19.74
C PRO C 417 57.14 19.26 18.33
N LEU C 418 56.18 19.82 17.58
CA LEU C 418 55.88 19.36 16.24
C LEU C 418 56.31 20.36 15.18
N ALA C 419 56.96 21.46 15.56
CA ALA C 419 57.36 22.49 14.61
C ALA C 419 58.82 22.30 14.20
N LYS C 420 59.11 22.56 12.93
CA LYS C 420 60.46 22.31 12.44
C LYS C 420 61.45 23.36 12.94
N TRP C 421 62.67 22.90 13.25
CA TRP C 421 63.71 23.81 13.73
C TRP C 421 63.88 24.99 12.78
N HIS C 422 64.14 26.17 13.35
CA HIS C 422 64.27 27.36 12.52
C HIS C 422 65.52 27.28 11.67
N ARG C 423 65.40 27.61 10.38
CA ARG C 423 66.53 27.43 9.48
C ARG C 423 67.69 28.41 9.76
N GLU C 424 67.45 29.46 10.52
CA GLU C 424 68.52 30.41 10.85
C GLU C 424 68.82 30.54 12.33
N LYS C 425 67.86 30.26 13.21
CA LYS C 425 67.97 30.63 14.62
C LYS C 425 68.02 29.40 15.51
N PRO C 426 69.15 29.11 16.15
CA PRO C 426 69.22 27.95 17.05
C PRO C 426 68.21 28.05 18.17
N GLU C 427 67.64 26.89 18.53
CA GLU C 427 66.69 26.68 19.62
C GLU C 427 65.29 27.14 19.27
N MET C 428 65.09 27.82 18.16
CA MET C 428 63.77 28.30 17.75
C MET C 428 63.19 27.40 16.68
N THR C 429 61.93 27.67 16.31
CA THR C 429 61.21 26.92 15.27
C THR C 429 60.55 27.87 14.29
N GLU C 430 60.13 27.33 13.13
CA GLU C 430 59.43 28.13 12.12
C GLU C 430 57.93 28.12 12.40
N ARG C 431 57.56 28.87 13.44
CA ARG C 431 56.20 28.86 13.97
C ARG C 431 55.68 30.28 14.10
N PHE C 432 54.37 30.45 13.94
CA PHE C 432 53.74 31.70 14.33
C PHE C 432 52.40 31.42 14.99
N GLU C 433 51.99 32.37 15.81
CA GLU C 433 50.63 32.49 16.30
C GLU C 433 50.07 33.82 15.82
N LEU C 434 48.81 33.83 15.45
CA LEU C 434 48.12 35.09 15.18
C LEU C 434 47.35 35.50 16.43
N PHE C 435 47.59 36.72 16.93
CA PHE C 435 46.82 37.27 18.03
C PHE C 435 46.08 38.52 17.56
N VAL C 436 44.83 38.65 18.01
CA VAL C 436 44.03 39.86 17.81
C VAL C 436 43.46 40.25 19.16
N LEU C 437 43.68 41.51 19.56
CA LEU C 437 43.27 42.02 20.86
C LEU C 437 43.72 41.09 21.99
N GLY C 438 44.97 40.67 21.92
CA GLY C 438 45.56 39.82 22.94
C GLY C 438 45.06 38.38 22.97
N LYS C 439 44.31 37.93 21.97
CA LYS C 439 43.74 36.58 21.98
C LYS C 439 44.20 35.78 20.77
N GLU C 440 44.46 34.48 21.00
CA GLU C 440 45.01 33.65 19.94
C GLU C 440 43.92 33.29 18.91
N LEU C 441 44.19 33.57 17.64
CA LEU C 441 43.35 33.15 16.52
C LEU C 441 43.92 31.99 15.72
N CYS C 442 45.23 32.02 15.42
CA CYS C 442 45.88 31.02 14.58
C CYS C 442 47.16 30.54 15.23
N ASN C 443 47.57 29.34 14.82
CA ASN C 443 48.79 28.67 15.25
C ASN C 443 49.28 27.85 14.05
N ALA C 444 50.54 28.03 13.64
CA ALA C 444 50.94 27.47 12.36
C ALA C 444 52.45 27.27 12.35
N TYR C 445 52.92 26.33 11.53
CA TYR C 445 54.37 26.24 11.39
C TYR C 445 54.77 25.42 10.16
N THR C 446 56.03 25.61 9.75
CA THR C 446 56.70 24.61 8.93
C THR C 446 56.73 23.31 9.72
N GLU C 447 56.22 22.22 9.15
CA GLU C 447 56.02 20.99 9.91
C GLU C 447 57.34 20.23 10.11
N LEU C 448 57.61 19.81 11.37
CA LEU C 448 58.74 18.92 11.63
C LEU C 448 58.54 17.62 10.85
N ASN C 449 59.51 17.27 9.98
CA ASN C 449 59.37 16.07 9.17
C ASN C 449 60.59 15.16 9.31
N GLU C 450 61.37 15.36 10.36
CA GLU C 450 62.57 14.58 10.63
C GLU C 450 62.29 13.66 11.83
N PRO C 451 62.28 12.34 11.63
CA PRO C 451 61.70 11.43 12.65
C PRO C 451 62.53 11.30 13.92
N LEU C 452 63.87 11.39 13.85
CA LEU C 452 64.69 11.26 15.06
C LEU C 452 64.38 12.36 16.06
N GLN C 453 64.48 13.61 15.60
CA GLN C 453 64.07 14.76 16.42
C GLN C 453 62.64 14.62 16.91
N GLN C 454 61.72 14.25 16.02
CA GLN C 454 60.32 14.15 16.44
C GLN C 454 60.17 13.22 17.62
N ARG C 455 60.84 12.07 17.59
CA ARG C 455 60.79 11.14 18.71
C ARG C 455 61.39 11.77 19.97
N LYS C 456 62.49 12.51 19.82
CA LYS C 456 63.12 13.12 20.98
C LYS C 456 62.18 14.13 21.63
N PHE C 457 61.49 14.94 20.83
CA PHE C 457 60.59 15.95 21.40
C PHE C 457 59.35 15.29 22.02
N PHE C 458 58.85 14.21 21.41
CA PHE C 458 57.78 13.40 22.03
C PHE C 458 58.23 12.85 23.37
N GLU C 459 59.48 12.35 23.47
CA GLU C 459 59.95 11.83 24.75
C GLU C 459 59.97 12.94 25.80
N GLN C 460 60.41 14.15 25.41
CA GLN C 460 60.42 15.24 26.37
C GLN C 460 58.99 15.59 26.81
N GLN C 461 58.03 15.56 25.86
CA GLN C 461 56.62 15.76 26.21
CA GLN C 461 56.65 15.79 26.26
C GLN C 461 56.14 14.69 27.20
N ALA C 462 56.48 13.44 26.93
CA ALA C 462 56.07 12.37 27.83
C ALA C 462 56.63 12.59 29.23
N ASP C 463 57.88 13.09 29.31
CA ASP C 463 58.49 13.38 30.61
C ASP C 463 57.71 14.45 31.34
N ALA C 464 57.33 15.50 30.63
CA ALA C 464 56.55 16.59 31.21
C ALA C 464 55.22 16.06 31.72
N LYS C 465 54.53 15.25 30.91
CA LYS C 465 53.26 14.67 31.34
C LYS C 465 53.42 13.86 32.62
N ALA C 466 54.51 13.08 32.72
CA ALA C 466 54.70 12.28 33.93
C ALA C 466 54.99 13.13 35.14
N SER C 467 55.60 14.30 34.95
CA SER C 467 55.82 15.30 36.01
C SER C 467 54.55 16.00 36.44
N GLY C 468 53.44 15.80 35.73
CA GLY C 468 52.18 16.40 36.09
C GLY C 468 51.68 17.50 35.18
N ASP C 469 52.32 17.72 34.03
CA ASP C 469 51.81 18.64 33.01
C ASP C 469 50.61 18.00 32.34
N VAL C 470 49.40 18.39 32.75
CA VAL C 470 48.20 17.80 32.18
C VAL C 470 47.97 18.21 30.73
N GLU C 471 48.76 19.16 30.20
CA GLU C 471 48.64 19.56 28.79
C GLU C 471 49.74 18.98 27.90
N ALA C 472 50.63 18.16 28.45
CA ALA C 472 51.65 17.46 27.68
C ALA C 472 51.08 16.14 27.15
N CYS C 473 51.60 15.70 25.97
CA CYS C 473 51.04 14.55 25.28
C CYS C 473 51.97 13.34 25.32
N PRO C 474 51.42 12.13 25.26
CA PRO C 474 52.25 10.93 25.22
C PRO C 474 52.91 10.77 23.85
N ILE C 475 53.88 9.87 23.79
CA ILE C 475 54.55 9.56 22.53
C ILE C 475 53.55 8.85 21.62
N ASP C 476 53.48 9.26 20.35
CA ASP C 476 52.63 8.58 19.38
C ASP C 476 53.53 7.82 18.39
N GLU C 477 53.65 6.52 18.62
CA GLU C 477 54.47 5.65 17.78
C GLU C 477 53.90 5.49 16.37
N THR C 478 52.58 5.50 16.21
CA THR C 478 52.03 5.45 14.85
C THR C 478 52.43 6.68 14.06
N PHE C 479 52.51 7.84 14.71
CA PHE C 479 52.90 9.02 13.98
C PHE C 479 54.38 9.01 13.64
N CYS C 480 55.22 8.52 14.55
CA CYS C 480 56.64 8.41 14.24
C CYS C 480 56.87 7.48 13.06
N LEU C 481 56.12 6.37 12.99
CA LEU C 481 56.26 5.46 11.86
C LEU C 481 55.82 6.12 10.57
N ALA C 482 54.76 6.93 10.63
CA ALA C 482 54.32 7.67 9.45
C ALA C 482 55.41 8.60 8.94
N LEU C 483 56.08 9.33 9.85
CA LEU C 483 57.17 10.19 9.41
C LEU C 483 58.29 9.39 8.75
N GLU C 484 58.52 8.15 9.21
CA GLU C 484 59.54 7.31 8.57
C GLU C 484 59.16 6.92 7.15
N HIS C 485 57.94 7.19 6.70
CA HIS C 485 57.62 6.94 5.31
C HIS C 485 57.78 8.19 4.46
N GLY C 486 58.24 9.29 5.06
CA GLY C 486 58.52 10.51 4.33
C GLY C 486 57.37 11.52 4.26
N LEU C 487 57.33 12.44 5.23
CA LEU C 487 56.46 13.60 5.11
C LEU C 487 57.15 14.64 4.24
N PRO C 488 56.58 15.03 3.09
CA PRO C 488 57.17 16.11 2.29
C PRO C 488 57.36 17.35 3.14
N PRO C 489 58.27 18.24 2.75
CA PRO C 489 58.23 19.60 3.34
C PRO C 489 56.81 20.12 3.21
N THR C 490 56.30 20.67 4.31
CA THR C 490 54.86 20.93 4.47
C THR C 490 54.67 22.09 5.45
N GLY C 491 53.63 22.89 5.21
CA GLY C 491 53.20 23.91 6.17
C GLY C 491 51.79 23.61 6.64
N GLY C 492 51.57 23.71 7.95
CA GLY C 492 50.26 23.44 8.53
C GLY C 492 49.84 24.56 9.44
N TRP C 493 48.54 24.62 9.74
CA TRP C 493 47.90 25.84 10.22
C TRP C 493 46.61 25.49 10.91
N GLY C 494 46.28 26.22 11.97
CA GLY C 494 45.03 26.02 12.66
C GLY C 494 44.41 27.36 12.96
N LEU C 495 43.07 27.38 12.98
CA LEU C 495 42.30 28.58 13.29
C LEU C 495 41.20 28.24 14.28
N GLY C 496 41.02 29.11 15.28
CA GLY C 496 39.92 29.00 16.22
C GLY C 496 38.73 29.74 15.64
N ILE C 497 37.74 28.99 15.14
CA ILE C 497 36.61 29.60 14.45
CA ILE C 497 36.64 29.65 14.45
C ILE C 497 35.79 30.45 15.42
N ASP C 498 35.60 29.96 16.64
CA ASP C 498 34.73 30.66 17.58
C ASP C 498 35.26 32.03 17.87
N ARG C 499 36.56 32.14 18.16
CA ARG C 499 37.16 33.44 18.41
CA ARG C 499 37.15 33.44 18.42
C ARG C 499 37.06 34.33 17.19
N LEU C 500 37.22 33.75 16.02
CA LEU C 500 37.10 34.52 14.79
C LEU C 500 35.72 35.16 14.67
N ILE C 501 34.66 34.39 14.98
CA ILE C 501 33.30 34.91 14.93
C ILE C 501 33.11 36.00 15.97
N MET C 502 33.68 35.80 17.17
CA MET C 502 33.66 36.84 18.18
C MET C 502 34.09 38.18 17.62
N PHE C 503 35.22 38.23 16.92
CA PHE C 503 35.65 39.51 16.37
C PHE C 503 34.75 39.97 15.22
N LEU C 504 34.37 39.05 14.32
CA LEU C 504 33.59 39.46 13.15
C LEU C 504 32.22 39.98 13.57
N ALA C 505 31.63 39.36 14.60
CA ALA C 505 30.30 39.72 15.07
C ALA C 505 30.31 40.73 16.21
N ASP C 506 31.49 41.13 16.70
CA ASP C 506 31.62 42.06 17.83
C ASP C 506 30.90 41.53 19.07
N LYS C 507 31.39 40.40 19.55
CA LYS C 507 30.92 39.82 20.80
C LYS C 507 32.13 39.58 21.70
N ASN C 508 31.98 39.81 23.00
CA ASN C 508 33.14 39.74 23.89
C ASN C 508 33.14 38.50 24.77
N ASN C 509 32.27 37.53 24.51
CA ASN C 509 32.46 36.25 25.19
C ASN C 509 32.06 35.13 24.23
N ILE C 510 32.58 33.93 24.49
CA ILE C 510 32.39 32.85 23.52
C ILE C 510 30.96 32.30 23.59
N LYS C 511 30.26 32.51 24.71
CA LYS C 511 28.89 32.01 24.81
C LYS C 511 27.96 32.67 23.82
N GLU C 512 28.31 33.85 23.31
CA GLU C 512 27.49 34.53 22.31
C GLU C 512 27.57 33.91 20.93
N VAL C 513 28.63 33.14 20.62
CA VAL C 513 28.81 32.64 19.26
C VAL C 513 28.66 31.12 19.18
N ILE C 514 28.25 30.47 20.27
CA ILE C 514 27.95 29.05 20.33
C ILE C 514 26.48 28.91 20.72
N LEU C 515 25.72 28.14 19.94
CA LEU C 515 24.28 28.07 20.19
C LEU C 515 23.97 27.59 21.61
N PHE C 516 24.63 26.52 22.07
CA PHE C 516 24.33 25.90 23.36
C PHE C 516 25.62 25.76 24.16
N PRO C 517 26.12 26.86 24.71
CA PRO C 517 27.38 26.81 25.45
C PRO C 517 27.20 26.05 26.74
N ALA C 518 28.28 25.40 27.17
CA ALA C 518 28.26 24.75 28.48
C ALA C 518 28.05 25.79 29.57
N MET C 519 27.19 25.45 30.53
CA MET C 519 26.86 26.32 31.66
C MET C 519 26.99 25.51 32.95
N ARG C 520 27.46 26.16 34.01
CA ARG C 520 27.53 25.50 35.31
C ARG C 520 26.13 25.27 35.86
N ASN C 521 25.88 24.05 36.35
CA ASN C 521 24.56 23.65 36.85
C ASN C 521 24.35 24.05 38.31
N SER D 21 64.42 -3.98 10.66
CA SER D 21 65.07 -4.38 9.42
C SER D 21 66.33 -3.56 9.19
N HIS D 22 67.30 -4.19 8.52
CA HIS D 22 68.55 -3.50 8.18
C HIS D 22 68.29 -2.26 7.34
N TYR D 23 67.34 -2.33 6.41
CA TYR D 23 67.08 -1.21 5.52
C TYR D 23 66.83 0.08 6.30
N THR D 24 65.95 0.03 7.31
CA THR D 24 65.64 1.23 8.08
C THR D 24 66.88 1.75 8.82
N ASP D 25 67.56 0.87 9.57
CA ASP D 25 68.73 1.30 10.33
C ASP D 25 69.78 1.92 9.42
N ASN D 26 69.97 1.34 8.23
CA ASN D 26 70.99 1.87 7.33
C ASN D 26 70.56 3.20 6.72
N ARG D 27 69.27 3.43 6.55
CA ARG D 27 68.87 4.73 6.04
C ARG D 27 69.11 5.81 7.10
N TYR D 28 68.87 5.50 8.38
CA TYR D 28 69.23 6.45 9.42
C TYR D 28 70.73 6.75 9.38
N LYS D 29 71.55 5.72 9.19
CA LYS D 29 73.01 5.91 9.09
C LYS D 29 73.37 6.81 7.90
N MET D 30 72.77 6.56 6.74
CA MET D 30 73.00 7.44 5.59
C MET D 30 72.61 8.89 5.91
N MET D 31 71.46 9.09 6.56
CA MET D 31 71.05 10.46 6.85
C MET D 31 72.00 11.13 7.83
N GLU D 32 72.51 10.39 8.81
CA GLU D 32 73.52 10.97 9.71
C GLU D 32 74.78 11.36 8.95
N CYS D 33 75.22 10.50 8.04
N CYS D 33 75.21 10.52 8.01
CA CYS D 33 76.37 10.78 7.19
CA CYS D 33 76.40 10.83 7.22
C CYS D 33 76.16 12.06 6.38
C CYS D 33 76.18 12.06 6.34
N ILE D 34 74.97 12.20 5.78
CA ILE D 34 74.65 13.41 5.01
C ILE D 34 74.72 14.63 5.92
N LYS D 35 74.12 14.53 7.11
CA LYS D 35 74.12 15.66 8.04
C LYS D 35 75.54 16.06 8.44
N ASP D 36 76.37 15.08 8.79
CA ASP D 36 77.72 15.39 9.24
C ASP D 36 78.59 15.96 8.13
N ALA D 37 78.32 15.57 6.88
CA ALA D 37 79.11 16.07 5.76
C ALA D 37 78.73 17.47 5.32
N GLY D 38 77.67 18.05 5.90
CA GLY D 38 77.18 19.32 5.44
C GLY D 38 76.35 19.29 4.17
N ARG D 39 75.90 18.10 3.74
CA ARG D 39 75.08 18.01 2.56
C ARG D 39 73.60 18.27 2.92
N PRO D 40 72.76 18.53 1.93
CA PRO D 40 71.37 18.93 2.23
C PRO D 40 70.65 17.89 3.08
N PHE D 41 70.13 18.35 4.22
CA PHE D 41 69.52 17.48 5.23
C PHE D 41 68.15 18.08 5.54
N TYR D 42 67.09 17.47 5.00
CA TYR D 42 65.72 17.94 5.21
C TYR D 42 65.55 19.45 4.93
N PRO D 43 65.77 19.87 3.68
CA PRO D 43 65.59 21.30 3.35
C PRO D 43 64.22 21.82 3.76
N HIS D 44 64.19 23.05 4.24
CA HIS D 44 62.96 23.60 4.80
C HIS D 44 61.97 23.93 3.70
N LYS D 45 62.45 24.46 2.59
CA LYS D 45 61.58 24.97 1.53
C LYS D 45 62.13 24.53 0.18
N PHE D 46 61.28 23.93 -0.64
CA PHE D 46 61.63 23.68 -2.04
C PHE D 46 60.57 24.38 -2.88
N LYS D 47 61.01 25.30 -3.73
CA LYS D 47 60.07 26.11 -4.52
C LYS D 47 59.85 25.43 -5.87
N ILE D 48 58.67 24.86 -6.07
CA ILE D 48 58.41 24.25 -7.37
C ILE D 48 58.06 25.34 -8.38
N SER D 49 58.43 25.11 -9.63
CA SER D 49 58.05 26.04 -10.68
C SER D 49 56.56 25.92 -11.00
N MET D 50 56.01 24.72 -10.91
CA MET D 50 54.60 24.45 -11.20
C MET D 50 54.32 23.02 -10.74
N SER D 51 53.04 22.70 -10.62
CA SER D 51 52.67 21.36 -10.18
C SER D 51 52.93 20.36 -11.31
N LEU D 52 53.00 19.09 -10.96
CA LEU D 52 53.17 18.10 -12.02
C LEU D 52 51.99 18.07 -12.98
N PRO D 53 50.72 18.22 -12.54
CA PRO D 53 49.62 18.37 -13.52
C PRO D 53 49.77 19.57 -14.44
N ALA D 54 50.22 20.71 -13.91
CA ALA D 54 50.44 21.89 -14.76
C ALA D 54 51.59 21.62 -15.73
N TYR D 55 52.63 20.92 -15.27
CA TYR D 55 53.72 20.54 -16.15
C TYR D 55 53.20 19.68 -17.31
N ALA D 56 52.38 18.67 -17.00
CA ALA D 56 51.85 17.80 -18.04
C ALA D 56 50.96 18.56 -19.01
N LEU D 57 50.17 19.50 -18.50
CA LEU D 57 49.30 20.29 -19.36
C LEU D 57 50.11 21.17 -20.31
N LYS D 58 51.23 21.69 -19.82
CA LYS D 58 52.02 22.64 -20.59
C LYS D 58 52.91 21.96 -21.61
N TYR D 59 53.54 20.86 -21.26
CA TYR D 59 54.50 20.24 -22.17
C TYR D 59 54.01 18.93 -22.77
N GLY D 60 52.79 18.50 -22.42
CA GLY D 60 52.34 17.18 -22.80
C GLY D 60 52.18 16.95 -24.30
N ASN D 61 52.10 18.03 -25.10
CA ASN D 61 51.84 17.90 -26.52
C ASN D 61 53.02 18.34 -27.38
N VAL D 62 54.21 18.47 -26.79
CA VAL D 62 55.36 18.82 -27.60
C VAL D 62 55.82 17.62 -28.42
N GLU D 63 56.57 17.90 -29.48
CA GLU D 63 57.05 16.84 -30.37
C GLU D 63 58.04 15.94 -29.63
N ASN D 64 58.11 14.67 -30.07
CA ASN D 64 59.06 13.74 -29.49
C ASN D 64 60.49 14.25 -29.63
N GLY D 65 61.26 14.13 -28.56
CA GLY D 65 62.63 14.62 -28.53
C GLY D 65 62.78 16.10 -28.25
N TYR D 66 61.68 16.86 -28.16
CA TYR D 66 61.78 18.29 -27.91
C TYR D 66 62.40 18.56 -26.54
N ILE D 67 63.31 19.53 -26.49
CA ILE D 67 63.89 19.95 -25.21
C ILE D 67 64.23 21.43 -25.30
N ASP D 68 63.84 22.19 -24.26
CA ASP D 68 64.05 23.64 -24.22
C ASP D 68 65.16 23.92 -23.21
N LYS D 69 66.41 23.92 -23.69
CA LYS D 69 67.53 24.23 -22.83
C LYS D 69 67.53 25.67 -22.31
N ASP D 70 66.60 26.50 -22.78
CA ASP D 70 66.52 27.90 -22.36
C ASP D 70 65.59 28.12 -21.18
N THR D 71 64.98 27.06 -20.65
CA THR D 71 64.01 27.16 -19.57
C THR D 71 64.37 26.16 -18.50
N THR D 72 64.67 26.66 -17.29
CA THR D 72 65.00 25.82 -16.15
C THR D 72 63.82 25.82 -15.20
N LEU D 73 63.38 24.62 -14.81
CA LEU D 73 62.21 24.46 -13.97
C LEU D 73 62.56 23.56 -12.80
N SER D 74 61.83 23.74 -11.70
CA SER D 74 61.93 22.92 -10.50
C SER D 74 60.64 22.16 -10.30
N LEU D 75 60.74 20.83 -10.17
CA LEU D 75 59.58 19.95 -9.94
C LEU D 75 59.85 19.09 -8.72
N SER D 76 58.79 18.56 -8.13
CA SER D 76 58.96 17.68 -6.97
C SER D 76 57.82 16.68 -6.89
N GLY D 77 58.10 15.56 -6.23
CA GLY D 77 57.14 14.49 -6.07
C GLY D 77 57.79 13.32 -5.35
N ARG D 78 57.05 12.22 -5.22
CA ARG D 78 57.62 11.03 -4.60
C ARG D 78 58.16 10.11 -5.68
N VAL D 79 59.34 9.54 -5.43
CA VAL D 79 59.96 8.64 -6.42
C VAL D 79 59.20 7.32 -6.42
N THR D 80 58.70 6.92 -7.59
CA THR D 80 58.05 5.63 -7.74
C THR D 80 58.86 4.64 -8.55
N SER D 81 59.92 5.10 -9.22
CA SER D 81 60.77 4.16 -9.94
C SER D 81 62.15 4.77 -10.10
N ILE D 82 63.17 3.92 -10.04
CA ILE D 82 64.55 4.29 -10.33
C ILE D 82 65.13 3.20 -11.20
N ARG D 83 65.60 3.55 -12.39
CA ARG D 83 66.37 2.61 -13.17
C ARG D 83 67.63 3.32 -13.62
N SER D 84 68.77 2.80 -13.17
CA SER D 84 70.09 3.21 -13.64
C SER D 84 70.31 2.46 -14.93
N SER D 85 69.89 3.07 -16.04
CA SER D 85 70.08 2.45 -17.34
C SER D 85 71.55 2.16 -17.61
N SER D 86 72.44 3.08 -17.20
CA SER D 86 73.87 2.95 -17.40
C SER D 86 74.59 3.72 -16.30
N SER D 87 75.93 3.74 -16.34
CA SER D 87 76.69 4.54 -15.37
C SER D 87 76.48 6.04 -15.53
N LYS D 88 76.04 6.50 -16.70
CA LYS D 88 75.94 7.92 -17.01
C LYS D 88 74.51 8.42 -17.06
N LEU D 89 73.53 7.53 -16.95
CA LEU D 89 72.16 7.86 -17.25
C LEU D 89 71.27 7.17 -16.23
N ILE D 90 70.45 7.96 -15.55
CA ILE D 90 69.52 7.47 -14.55
C ILE D 90 68.14 8.01 -14.89
N PHE D 91 67.14 7.13 -14.86
CA PHE D 91 65.75 7.47 -15.13
C PHE D 91 64.96 7.38 -13.83
N TYR D 92 64.21 8.45 -13.50
CA TYR D 92 63.28 8.42 -12.38
C TYR D 92 61.86 8.62 -12.87
N ASP D 93 60.89 8.03 -12.15
CA ASP D 93 59.52 8.51 -12.17
C ASP D 93 59.22 9.18 -10.84
N ILE D 94 58.62 10.36 -10.89
CA ILE D 94 58.09 11.00 -9.70
C ILE D 94 56.59 11.14 -9.86
N PHE D 95 55.91 11.21 -8.73
CA PHE D 95 54.46 11.20 -8.70
C PHE D 95 54.00 12.26 -7.73
N CYS D 96 53.08 13.12 -8.18
CA CYS D 96 52.51 14.11 -7.29
C CYS D 96 51.19 14.61 -7.85
N GLU D 97 50.23 14.82 -6.96
CA GLU D 97 48.92 15.38 -7.33
C GLU D 97 48.32 14.67 -8.54
N GLU D 98 48.41 13.33 -8.55
CA GLU D 98 47.85 12.40 -9.54
C GLU D 98 48.58 12.42 -10.88
N GLN D 99 49.77 13.01 -10.95
CA GLN D 99 50.45 13.10 -12.23
C GLN D 99 51.86 12.52 -12.09
N LYS D 100 52.23 11.66 -13.04
CA LYS D 100 53.56 11.07 -13.07
C LYS D 100 54.41 11.81 -14.10
N VAL D 101 55.66 12.09 -13.75
CA VAL D 101 56.60 12.72 -14.68
C VAL D 101 57.92 11.96 -14.63
N GLN D 102 58.50 11.70 -15.80
CA GLN D 102 59.79 11.05 -15.86
C GLN D 102 60.90 12.09 -15.72
N ILE D 103 61.95 11.74 -14.98
CA ILE D 103 63.15 12.56 -14.84
C ILE D 103 64.30 11.80 -15.50
N ILE D 104 64.99 12.45 -16.45
CA ILE D 104 66.16 11.90 -17.12
C ILE D 104 67.38 12.64 -16.60
N ALA D 105 68.24 11.96 -15.83
CA ALA D 105 69.42 12.55 -15.20
C ALA D 105 70.68 12.07 -15.92
N ASN D 106 71.19 12.91 -16.81
CA ASN D 106 72.40 12.62 -17.57
C ASN D 106 73.60 13.24 -16.86
N ILE D 107 74.66 12.46 -16.70
CA ILE D 107 75.84 12.94 -15.97
C ILE D 107 76.39 14.23 -16.58
N MET D 108 76.24 14.42 -17.89
CA MET D 108 76.81 15.59 -18.55
C MET D 108 76.10 16.87 -18.19
N GLU D 109 74.84 16.80 -17.78
CA GLU D 109 74.08 17.97 -17.35
C GLU D 109 74.20 18.23 -15.86
N HIS D 110 74.95 17.41 -15.12
CA HIS D 110 74.89 17.45 -13.67
C HIS D 110 75.60 18.66 -13.11
N ASP D 111 74.92 19.38 -12.22
CA ASP D 111 75.49 20.54 -11.56
C ASP D 111 76.48 20.08 -10.50
N ILE D 112 77.76 20.28 -10.78
CA ILE D 112 78.83 19.77 -9.93
C ILE D 112 78.86 20.48 -8.58
N SER D 113 78.35 21.71 -8.52
CA SER D 113 78.34 22.42 -7.25
C SER D 113 77.47 21.73 -6.20
N THR D 114 76.56 20.86 -6.60
CA THR D 114 75.73 20.16 -5.63
C THR D 114 76.32 18.82 -5.22
N GLY D 115 77.51 18.50 -5.71
CA GLY D 115 78.14 17.21 -5.47
C GLY D 115 78.44 16.46 -6.75
N GLU D 116 79.32 15.47 -6.69
CA GLU D 116 79.57 14.61 -7.83
C GLU D 116 78.31 13.81 -8.16
N PHE D 117 78.13 13.52 -9.45
CA PHE D 117 76.92 12.85 -9.94
C PHE D 117 76.61 11.59 -9.13
N SER D 118 77.60 10.72 -8.98
CA SER D 118 77.35 9.47 -8.26
C SER D 118 76.98 9.72 -6.81
N VAL D 119 77.63 10.70 -6.16
CA VAL D 119 77.32 10.99 -4.76
C VAL D 119 75.88 11.47 -4.63
N SER D 120 75.47 12.40 -5.48
CA SER D 120 74.13 12.98 -5.41
C SER D 120 73.06 11.91 -5.57
N HIS D 121 73.22 11.04 -6.57
CA HIS D 121 72.19 10.06 -6.86
C HIS D 121 72.28 8.82 -5.99
N SER D 122 73.43 8.58 -5.37
CA SER D 122 73.49 7.47 -4.42
C SER D 122 72.60 7.71 -3.22
N GLU D 123 72.24 8.97 -2.94
CA GLU D 123 71.44 9.31 -1.77
C GLU D 123 69.94 9.12 -1.98
N ILE D 124 69.50 8.75 -3.18
CA ILE D 124 68.08 8.67 -3.51
C ILE D 124 67.63 7.21 -3.56
N ARG D 125 66.45 6.95 -3.00
CA ARG D 125 65.82 5.64 -3.03
C ARG D 125 64.37 5.78 -3.48
N ARG D 126 63.84 4.68 -4.00
CA ARG D 126 62.42 4.64 -4.31
C ARG D 126 61.61 4.95 -3.06
N GLY D 127 60.56 5.75 -3.22
CA GLY D 127 59.77 6.23 -2.10
C GLY D 127 60.20 7.56 -1.51
N ASP D 128 61.42 8.03 -1.78
CA ASP D 128 61.84 9.32 -1.26
C ASP D 128 61.03 10.45 -1.88
N VAL D 129 60.79 11.51 -1.10
CA VAL D 129 60.29 12.78 -1.63
C VAL D 129 61.50 13.59 -2.07
N VAL D 130 61.47 14.06 -3.31
CA VAL D 130 62.66 14.66 -3.92
C VAL D 130 62.27 15.84 -4.80
N GLY D 131 63.25 16.71 -5.03
CA GLY D 131 63.10 17.78 -6.00
C GLY D 131 64.17 17.63 -7.06
N PHE D 132 63.84 18.12 -8.25
CA PHE D 132 64.78 18.14 -9.37
C PHE D 132 64.67 19.51 -10.02
N THR D 133 65.76 19.97 -10.60
CA THR D 133 65.71 21.11 -11.49
C THR D 133 66.24 20.68 -12.83
N GLY D 134 65.73 21.27 -13.91
CA GLY D 134 66.24 20.94 -15.23
C GLY D 134 65.39 21.54 -16.34
N PHE D 135 65.55 20.96 -17.57
CA PHE D 135 64.92 21.49 -18.77
C PHE D 135 63.72 20.64 -19.18
N PRO D 136 62.64 21.27 -19.65
CA PRO D 136 61.43 20.52 -20.00
C PRO D 136 61.51 19.94 -21.41
N GLY D 137 60.74 18.87 -21.63
CA GLY D 137 60.64 18.28 -22.96
C GLY D 137 60.09 16.86 -22.94
N LYS D 138 60.34 16.16 -24.05
CA LYS D 138 59.95 14.76 -24.22
C LYS D 138 61.17 13.97 -24.65
N SER D 139 61.27 12.73 -24.18
CA SER D 139 62.31 11.83 -24.66
C SER D 139 62.01 11.44 -26.11
N LYS D 140 63.02 10.85 -26.77
CA LYS D 140 62.81 10.37 -28.13
C LYS D 140 61.68 9.36 -28.19
N ARG D 141 61.51 8.55 -27.14
CA ARG D 141 60.45 7.55 -27.08
C ARG D 141 59.09 8.15 -26.78
N GLY D 142 59.00 9.46 -26.56
CA GLY D 142 57.73 10.15 -26.39
C GLY D 142 57.34 10.49 -24.97
N GLU D 143 58.15 10.14 -23.97
CA GLU D 143 57.77 10.30 -22.57
C GLU D 143 57.96 11.75 -22.13
N LEU D 144 56.89 12.33 -21.58
CA LEU D 144 57.00 13.62 -20.89
C LEU D 144 58.08 13.55 -19.82
N SER D 145 59.11 14.39 -19.96
CA SER D 145 60.28 14.28 -19.09
C SER D 145 60.79 15.64 -18.66
N LEU D 146 61.54 15.63 -17.56
CA LEU D 146 62.42 16.73 -17.20
C LEU D 146 63.86 16.24 -17.33
N PHE D 147 64.67 16.98 -18.08
CA PHE D 147 66.09 16.67 -18.25
C PHE D 147 66.85 17.40 -17.15
N SER D 148 67.21 16.67 -16.09
CA SER D 148 67.59 17.29 -14.83
C SER D 148 69.06 17.66 -14.80
N LYS D 149 69.35 18.73 -14.03
CA LYS D 149 70.69 19.17 -13.70
C LYS D 149 71.06 18.93 -12.24
N SER D 150 70.08 18.71 -11.37
CA SER D 150 70.36 18.51 -9.96
C SER D 150 69.22 17.71 -9.35
N VAL D 151 69.49 17.12 -8.19
CA VAL D 151 68.49 16.44 -7.39
C VAL D 151 68.71 16.83 -5.93
N VAL D 152 67.62 16.99 -5.19
CA VAL D 152 67.65 17.34 -3.77
C VAL D 152 66.78 16.33 -3.03
N LEU D 153 67.36 15.67 -2.04
CA LEU D 153 66.60 14.80 -1.14
C LEU D 153 65.81 15.67 -0.17
N LEU D 154 64.48 15.62 -0.24
CA LEU D 154 63.65 16.45 0.61
C LEU D 154 63.18 15.72 1.85
N SER D 155 62.76 14.47 1.70
CA SER D 155 62.28 13.67 2.81
C SER D 155 62.42 12.19 2.44
N PRO D 156 63.40 11.49 3.01
CA PRO D 156 63.61 10.09 2.64
C PRO D 156 62.56 9.17 3.22
N CYS D 157 62.34 8.07 2.54
CA CYS D 157 61.51 7.00 3.05
C CYS D 157 62.42 5.94 3.67
N TYR D 158 62.17 5.60 4.93
CA TYR D 158 63.06 4.69 5.65
C TYR D 158 62.67 3.22 5.53
N HIS D 159 61.69 2.91 4.69
CA HIS D 159 61.16 1.56 4.60
C HIS D 159 61.06 1.18 3.13
N MET D 160 61.31 -0.09 2.83
CA MET D 160 61.10 -0.58 1.47
C MET D 160 59.61 -0.71 1.18
N LEU D 161 59.14 -0.05 0.14
CA LEU D 161 57.71 -0.07 -0.13
C LEU D 161 57.36 -1.16 -1.13
N PRO D 162 56.16 -1.71 -1.09
CA PRO D 162 55.74 -2.59 -2.20
C PRO D 162 55.53 -1.80 -3.48
N THR D 163 55.14 -2.48 -4.55
CA THR D 163 54.67 -1.80 -5.75
C THR D 163 53.16 -1.63 -5.77
N ALA D 164 52.43 -2.41 -4.98
CA ALA D 164 50.97 -2.34 -4.92
C ALA D 164 50.49 -2.77 -3.53
N ILE D 165 49.24 -2.44 -3.22
CA ILE D 165 48.63 -2.85 -1.94
C ILE D 165 48.70 -4.35 -1.72
N GLN D 171 44.62 -5.66 2.38
CA GLN D 171 44.84 -6.18 3.73
C GLN D 171 44.48 -5.15 4.82
N GLU D 172 44.79 -5.50 6.07
CA GLU D 172 44.60 -4.62 7.22
C GLU D 172 45.65 -3.52 7.31
N VAL D 173 46.75 -3.66 6.57
CA VAL D 173 47.72 -2.57 6.50
C VAL D 173 47.06 -1.30 5.97
N ARG D 174 46.14 -1.45 5.02
CA ARG D 174 45.49 -0.29 4.40
C ARG D 174 44.77 0.56 5.44
N TYR D 175 44.14 -0.07 6.43
CA TYR D 175 43.36 0.66 7.43
C TYR D 175 44.22 1.16 8.59
N ARG D 176 45.28 0.43 8.97
CA ARG D 176 46.13 0.83 10.09
C ARG D 176 47.23 1.79 9.68
N GLN D 177 47.59 1.80 8.41
CA GLN D 177 48.59 2.72 7.88
C GLN D 177 48.00 3.34 6.60
N ARG D 178 46.99 4.20 6.79
CA ARG D 178 46.21 4.67 5.65
C ARG D 178 47.08 5.44 4.68
N TYR D 179 48.17 6.06 5.16
CA TYR D 179 49.07 6.77 4.26
C TYR D 179 49.67 5.84 3.21
N LEU D 180 49.90 4.58 3.54
CA LEU D 180 50.42 3.64 2.55
C LEU D 180 49.36 3.33 1.49
N ASP D 181 48.12 3.14 1.92
CA ASP D 181 47.01 2.94 1.00
C ASP D 181 46.86 4.13 0.05
N LEU D 182 46.81 5.34 0.61
CA LEU D 182 46.67 6.54 -0.21
C LEU D 182 47.88 6.69 -1.14
N MET D 183 49.07 6.37 -0.64
CA MET D 183 50.29 6.57 -1.42
C MET D 183 50.33 5.66 -2.64
N LEU D 184 49.86 4.41 -2.49
CA LEU D 184 50.04 3.39 -3.51
C LEU D 184 48.78 3.01 -4.30
N ASN D 185 47.58 3.39 -3.86
CA ASN D 185 46.34 2.87 -4.44
CA ASN D 185 46.34 2.87 -4.43
C ASN D 185 45.46 4.04 -4.88
N GLU D 186 45.46 4.31 -6.19
CA GLU D 186 44.63 5.38 -6.71
C GLU D 186 43.16 5.18 -6.33
N GLU D 187 42.71 3.93 -6.25
CA GLU D 187 41.31 3.66 -5.91
C GLU D 187 40.94 4.23 -4.53
N SER D 188 41.86 4.14 -3.56
CA SER D 188 41.53 4.68 -2.24
C SER D 188 41.42 6.19 -2.28
N ARG D 189 42.29 6.85 -3.04
CA ARG D 189 42.19 8.30 -3.19
C ARG D 189 40.87 8.72 -3.81
N LYS D 190 40.36 7.94 -4.77
CA LYS D 190 39.09 8.30 -5.41
C LYS D 190 37.93 8.23 -4.43
N VAL D 191 37.97 7.26 -3.51
CA VAL D 191 36.89 7.14 -2.52
C VAL D 191 36.75 8.44 -1.73
N PHE D 192 37.86 8.99 -1.26
CA PHE D 192 37.76 10.14 -0.38
C PHE D 192 37.50 11.42 -1.14
N LYS D 193 37.87 11.50 -2.41
CA LYS D 193 37.40 12.62 -3.22
C LYS D 193 35.90 12.53 -3.48
N LEU D 194 35.40 11.33 -3.77
CA LEU D 194 33.96 11.16 -3.97
C LEU D 194 33.20 11.53 -2.70
N ARG D 195 33.72 11.12 -1.53
CA ARG D 195 33.07 11.47 -0.28
C ARG D 195 32.91 12.98 -0.12
N SER D 196 33.98 13.72 -0.41
CA SER D 196 33.89 15.18 -0.37
C SER D 196 32.87 15.72 -1.39
N ARG D 197 32.91 15.21 -2.61
CA ARG D 197 31.97 15.64 -3.65
C ARG D 197 30.51 15.40 -3.23
N ALA D 198 30.23 14.21 -2.70
CA ALA D 198 28.88 13.91 -2.23
C ALA D 198 28.44 14.88 -1.13
N ILE D 199 29.30 15.13 -0.14
CA ILE D 199 28.91 16.02 0.95
C ILE D 199 28.71 17.45 0.43
N LYS D 200 29.56 17.88 -0.51
CA LYS D 200 29.35 19.18 -1.14
C LYS D 200 27.97 19.27 -1.80
N TYR D 201 27.60 18.22 -2.54
CA TYR D 201 26.31 18.22 -3.23
C TYR D 201 25.18 18.34 -2.23
N ILE D 202 25.32 17.66 -1.09
CA ILE D 202 24.30 17.69 -0.05
C ILE D 202 24.20 19.08 0.57
N ARG D 203 25.34 19.69 0.95
CA ARG D 203 25.24 21.05 1.51
C ARG D 203 24.56 21.98 0.52
N ASN D 204 24.94 21.88 -0.76
CA ASN D 204 24.41 22.80 -1.77
C ASN D 204 22.90 22.65 -1.93
N TYR D 205 22.42 21.41 -1.93
CA TYR D 205 20.98 21.15 -2.00
C TYR D 205 20.23 21.90 -0.92
N PHE D 206 20.68 21.79 0.33
CA PHE D 206 19.98 22.46 1.42
C PHE D 206 20.27 23.95 1.48
N ASP D 207 21.49 24.37 1.13
CA ASP D 207 21.75 25.81 1.07
C ASP D 207 20.83 26.50 0.08
N ARG D 208 20.60 25.88 -1.08
CA ARG D 208 19.70 26.46 -2.09
C ARG D 208 18.27 26.56 -1.58
N LEU D 209 17.88 25.69 -0.65
CA LEU D 209 16.55 25.80 -0.07
C LEU D 209 16.47 26.80 1.06
N GLY D 210 17.55 27.52 1.37
CA GLY D 210 17.52 28.51 2.43
C GLY D 210 17.75 27.97 3.82
N PHE D 211 18.32 26.77 3.96
CA PHE D 211 18.64 26.22 5.26
C PHE D 211 19.82 26.96 5.89
N LEU D 212 19.91 26.89 7.21
CA LEU D 212 21.04 27.42 7.96
C LEU D 212 21.79 26.24 8.56
N GLU D 213 23.08 26.12 8.25
CA GLU D 213 23.87 25.07 8.92
C GLU D 213 24.26 25.52 10.32
N VAL D 214 24.14 24.60 11.29
CA VAL D 214 24.39 24.89 12.69
C VAL D 214 25.28 23.81 13.30
N GLU D 215 25.84 24.10 14.48
CA GLU D 215 26.57 23.14 15.30
C GLU D 215 25.96 23.13 16.68
N THR D 216 25.68 21.92 17.19
CA THR D 216 25.16 21.74 18.53
C THR D 216 26.08 20.80 19.32
N PRO D 217 25.96 20.74 20.63
CA PRO D 217 27.06 20.18 21.45
C PRO D 217 27.21 18.68 21.32
N MET D 218 28.48 18.25 21.23
CA MET D 218 28.77 16.82 21.29
C MET D 218 28.93 16.30 22.72
N LEU D 219 29.11 17.18 23.70
CA LEU D 219 29.29 16.85 25.10
C LEU D 219 28.15 17.45 25.91
N ASN D 220 27.52 16.64 26.75
CA ASN D 220 26.31 17.06 27.43
C ASN D 220 26.20 16.27 28.73
N MET D 221 25.49 16.85 29.72
CA MET D 221 25.24 16.11 30.95
C MET D 221 24.15 15.07 30.77
N ILE D 222 23.61 14.93 29.57
CA ILE D 222 22.59 13.95 29.24
C ILE D 222 22.83 13.52 27.80
N TYR D 223 22.15 12.46 27.37
CA TYR D 223 22.19 12.00 25.99
C TYR D 223 20.77 11.63 25.58
N GLY D 224 20.51 11.69 24.27
CA GLY D 224 19.17 11.37 23.78
C GLY D 224 19.07 11.50 22.26
N GLY D 225 17.86 11.26 21.77
CA GLY D 225 17.60 11.46 20.35
C GLY D 225 17.88 10.27 19.48
N ALA D 226 18.32 9.16 20.04
CA ALA D 226 18.59 7.93 19.27
C ALA D 226 18.49 6.77 20.24
N ALA D 227 18.70 5.57 19.74
CA ALA D 227 18.72 4.36 20.54
C ALA D 227 20.15 3.80 20.48
N ALA D 228 20.95 4.09 21.50
CA ALA D 228 22.34 3.68 21.49
C ALA D 228 22.92 3.80 22.90
N ARG D 229 23.89 2.96 23.21
CA ARG D 229 24.66 3.16 24.43
C ARG D 229 25.67 4.27 24.20
N PRO D 230 25.72 5.28 25.06
CA PRO D 230 26.67 6.38 24.86
C PRO D 230 28.05 6.09 25.43
N PHE D 231 29.02 6.86 24.96
CA PHE D 231 30.30 7.00 25.65
C PHE D 231 30.16 7.95 26.82
N ILE D 232 30.85 7.64 27.91
CA ILE D 232 30.80 8.41 29.14
C ILE D 232 32.17 9.02 29.38
N THR D 233 32.19 10.29 29.77
CA THR D 233 33.45 10.92 30.12
C THR D 233 33.23 11.75 31.37
N TYR D 234 34.23 12.54 31.72
CA TYR D 234 34.25 13.23 33.00
C TYR D 234 34.90 14.59 32.85
N HIS D 235 34.24 15.62 33.38
CA HIS D 235 34.78 16.96 33.39
C HIS D 235 35.41 17.22 34.75
N ASN D 236 36.72 17.43 34.77
CA ASN D 236 37.44 17.39 36.04
C ASN D 236 37.14 18.60 36.92
N GLU D 237 37.14 19.80 36.34
CA GLU D 237 36.88 20.98 37.18
C GLU D 237 35.43 21.01 37.66
N LEU D 238 34.49 20.62 36.81
CA LEU D 238 33.09 20.53 37.23
C LEU D 238 32.81 19.29 38.07
N GLU D 239 33.75 18.33 38.13
CA GLU D 239 33.55 17.07 38.83
C GLU D 239 32.21 16.44 38.48
N THR D 240 31.91 16.37 37.17
CA THR D 240 30.65 15.81 36.73
C THR D 240 30.86 14.92 35.51
N GLN D 241 30.05 13.88 35.43
CA GLN D 241 30.06 13.00 34.26
C GLN D 241 29.37 13.68 33.07
N LEU D 242 29.91 13.45 31.88
CA LEU D 242 29.31 13.90 30.63
C LEU D 242 29.15 12.72 29.70
N TYR D 243 28.25 12.86 28.74
CA TYR D 243 28.05 11.89 27.68
C TYR D 243 28.38 12.53 26.34
N MET D 244 28.97 11.73 25.45
CA MET D 244 29.08 12.12 24.05
C MET D 244 27.75 11.88 23.38
N ARG D 245 27.39 12.78 22.46
CA ARG D 245 26.06 12.75 21.89
C ARG D 245 25.86 11.49 21.07
N ILE D 246 24.63 10.97 21.09
CA ILE D 246 24.26 9.92 20.16
C ILE D 246 23.49 10.47 18.98
N ALA D 247 23.03 11.71 19.06
CA ALA D 247 22.31 12.39 17.98
C ALA D 247 22.10 13.83 18.41
N PRO D 248 22.05 14.77 17.48
CA PRO D 248 21.78 16.18 17.79
C PRO D 248 20.31 16.56 17.85
N GLU D 249 19.40 15.60 17.65
CA GLU D 249 17.98 15.86 17.42
C GLU D 249 17.36 16.83 18.45
N LEU D 250 17.58 16.60 19.74
CA LEU D 250 16.86 17.41 20.72
C LEU D 250 17.33 18.87 20.74
N TYR D 251 18.63 19.11 20.50
CA TYR D 251 19.08 20.50 20.33
C TYR D 251 18.48 21.13 19.08
N LEU D 252 18.50 20.40 17.96
CA LEU D 252 18.04 21.00 16.71
C LEU D 252 16.56 21.36 16.78
N LYS D 253 15.74 20.55 17.47
CA LYS D 253 14.34 20.96 17.58
C LYS D 253 14.19 22.22 18.43
N GLN D 254 15.05 22.44 19.42
CA GLN D 254 14.99 23.71 20.13
C GLN D 254 15.21 24.90 19.17
N LEU D 255 16.04 24.71 18.13
CA LEU D 255 16.27 25.81 17.19
C LEU D 255 15.02 26.12 16.37
N ILE D 256 14.15 25.13 16.16
CA ILE D 256 12.89 25.38 15.46
C ILE D 256 11.90 26.11 16.38
N VAL D 257 11.84 25.72 17.67
CA VAL D 257 11.17 26.57 18.65
C VAL D 257 11.71 27.99 18.58
N GLY D 258 13.03 28.13 18.46
CA GLY D 258 13.63 29.45 18.39
C GLY D 258 13.33 30.23 17.12
N GLY D 259 12.70 29.62 16.12
CA GLY D 259 12.31 30.35 14.93
C GLY D 259 13.24 30.28 13.73
N LEU D 260 14.29 29.44 13.78
CA LEU D 260 15.25 29.42 12.67
C LEU D 260 14.69 28.71 11.42
N ASP D 261 13.59 27.95 11.55
CA ASP D 261 12.71 27.50 10.47
C ASP D 261 13.27 26.35 9.64
N LYS D 262 14.54 26.43 9.23
CA LYS D 262 15.21 25.39 8.42
C LYS D 262 16.66 25.32 8.86
N VAL D 263 17.05 24.25 9.56
CA VAL D 263 18.42 24.10 10.03
C VAL D 263 18.91 22.71 9.67
N TYR D 264 20.22 22.58 9.47
CA TYR D 264 20.82 21.26 9.34
C TYR D 264 22.17 21.24 10.02
N GLU D 265 22.61 20.02 10.33
CA GLU D 265 23.88 19.81 10.98
C GLU D 265 24.51 18.56 10.38
N ILE D 266 25.81 18.62 10.07
CA ILE D 266 26.53 17.47 9.53
C ILE D 266 27.74 17.22 10.41
N GLY D 267 27.79 16.07 11.08
CA GLY D 267 28.90 15.84 12.01
C GLY D 267 28.84 14.46 12.64
N LYS D 268 29.76 14.23 13.57
CA LYS D 268 29.91 12.93 14.20
C LYS D 268 28.89 12.70 15.31
N ASN D 269 28.39 11.47 15.34
CA ASN D 269 27.70 10.85 16.47
C ASN D 269 28.55 9.72 17.00
N PHE D 270 28.33 9.39 18.27
CA PHE D 270 29.21 8.45 18.96
C PHE D 270 28.36 7.35 19.57
N ARG D 271 28.77 6.11 19.34
CA ARG D 271 28.02 4.95 19.82
C ARG D 271 28.98 3.96 20.42
N ASN D 272 28.74 3.57 21.68
CA ASN D 272 29.64 2.67 22.40
C ASN D 272 29.06 1.27 22.28
N GLU D 273 29.50 0.56 21.23
CA GLU D 273 28.97 -0.78 20.91
C GLU D 273 30.03 -1.60 20.20
N GLY D 274 29.61 -2.48 19.30
CA GLY D 274 30.54 -3.38 18.61
C GLY D 274 31.18 -2.72 17.41
N ILE D 275 32.51 -2.84 17.33
CA ILE D 275 33.30 -2.25 16.25
C ILE D 275 33.64 -3.37 15.29
N ASP D 276 33.01 -3.36 14.12
CA ASP D 276 33.25 -4.39 13.11
C ASP D 276 33.47 -3.70 11.76
N LEU D 277 33.37 -4.48 10.69
CA LEU D 277 33.53 -3.95 9.34
C LEU D 277 32.31 -3.17 8.86
N THR D 278 31.31 -2.94 9.72
CA THR D 278 30.12 -2.20 9.33
C THR D 278 29.66 -1.22 10.39
N HIS D 279 30.28 -1.21 11.55
CA HIS D 279 29.96 -0.23 12.57
C HIS D 279 31.28 0.33 13.09
N ASN D 280 31.29 1.64 13.30
CA ASN D 280 32.46 2.33 13.80
C ASN D 280 32.04 3.14 15.02
N PRO D 281 32.89 3.26 16.04
CA PRO D 281 32.51 4.01 17.26
C PRO D 281 32.04 5.44 16.98
N GLU D 282 32.48 6.05 15.91
CA GLU D 282 32.01 7.38 15.54
C GLU D 282 31.65 7.33 14.06
N PHE D 283 30.61 8.05 13.70
CA PHE D 283 30.16 8.00 12.32
C PHE D 283 29.59 9.35 11.97
N THR D 284 29.63 9.68 10.69
CA THR D 284 29.22 10.99 10.22
C THR D 284 27.74 10.94 9.88
N ALA D 285 26.94 11.80 10.50
CA ALA D 285 25.51 11.81 10.28
C ALA D 285 25.05 13.21 9.94
N MET D 286 23.97 13.31 9.19
CA MET D 286 23.30 14.58 8.95
C MET D 286 21.92 14.51 9.57
N GLU D 287 21.46 15.63 10.14
CA GLU D 287 20.05 15.81 10.44
C GLU D 287 19.60 17.17 9.90
N PHE D 288 18.35 17.24 9.47
CA PHE D 288 17.77 18.56 9.22
C PHE D 288 16.36 18.61 9.81
N TYR D 289 15.92 19.83 10.09
CA TYR D 289 14.61 20.09 10.67
C TYR D 289 13.98 21.19 9.83
N MET D 290 12.76 20.95 9.35
CA MET D 290 12.09 21.87 8.44
C MET D 290 10.72 22.19 9.02
N ALA D 291 10.52 23.42 9.48
CA ALA D 291 9.20 23.81 9.96
C ALA D 291 8.16 23.66 8.86
N TYR D 292 6.96 23.21 9.24
CA TYR D 292 5.77 23.09 8.41
C TYR D 292 5.81 21.91 7.44
N ALA D 293 6.86 21.10 7.44
CA ALA D 293 6.88 19.85 6.69
C ALA D 293 6.25 18.74 7.52
N ASP D 294 5.70 17.73 6.85
CA ASP D 294 5.35 16.47 7.51
C ASP D 294 6.14 15.35 6.83
N TYR D 295 5.91 14.10 7.28
CA TYR D 295 6.80 13.05 6.80
C TYR D 295 6.52 12.69 5.34
N TYR D 296 5.34 13.03 4.80
CA TYR D 296 5.09 12.90 3.37
C TYR D 296 6.01 13.83 2.58
N ASP D 297 6.09 15.10 2.99
CA ASP D 297 7.03 16.03 2.35
C ASP D 297 8.46 15.48 2.41
N LEU D 298 8.82 14.89 3.54
CA LEU D 298 10.18 14.39 3.71
C LEU D 298 10.47 13.18 2.83
N MET D 299 9.49 12.31 2.58
CA MET D 299 9.74 11.22 1.65
C MET D 299 10.01 11.75 0.25
N ASP D 300 9.24 12.73 -0.22
CA ASP D 300 9.50 13.32 -1.53
C ASP D 300 10.87 13.98 -1.57
N LEU D 301 11.22 14.71 -0.51
CA LEU D 301 12.54 15.34 -0.49
C LEU D 301 13.64 14.29 -0.55
N THR D 302 13.48 13.19 0.21
CA THR D 302 14.51 12.17 0.24
C THR D 302 14.72 11.59 -1.14
N GLU D 303 13.63 11.27 -1.85
CA GLU D 303 13.76 10.74 -3.20
C GLU D 303 14.48 11.73 -4.10
N GLU D 304 14.15 13.01 -3.99
CA GLU D 304 14.75 14.01 -4.88
C GLU D 304 16.23 14.22 -4.59
N LEU D 305 16.57 14.31 -3.30
CA LEU D 305 17.96 14.52 -2.91
C LEU D 305 18.83 13.34 -3.31
N ILE D 306 18.40 12.13 -2.93
CA ILE D 306 19.26 10.96 -3.11
C ILE D 306 19.30 10.55 -4.58
N SER D 307 18.15 10.57 -5.27
CA SER D 307 18.21 10.20 -6.68
C SER D 307 19.00 11.22 -7.48
N GLY D 308 18.91 12.50 -7.12
CA GLY D 308 19.70 13.51 -7.80
C GLY D 308 21.19 13.34 -7.56
N LEU D 309 21.58 12.97 -6.34
CA LEU D 309 22.98 12.73 -6.05
C LEU D 309 23.49 11.50 -6.79
N VAL D 310 22.72 10.41 -6.81
CA VAL D 310 23.13 9.21 -7.55
C VAL D 310 23.34 9.56 -9.03
N LEU D 311 22.40 10.30 -9.61
CA LEU D 311 22.52 10.65 -11.02
C LEU D 311 23.74 11.53 -11.27
N GLU D 312 24.02 12.44 -10.36
CA GLU D 312 25.16 13.34 -10.55
C GLU D 312 26.48 12.57 -10.55
N ILE D 313 26.61 11.59 -9.67
CA ILE D 313 27.85 10.84 -9.59
C ILE D 313 27.92 9.77 -10.69
N HIS D 314 26.82 9.07 -10.95
CA HIS D 314 26.87 7.87 -11.81
C HIS D 314 26.33 8.08 -13.22
N GLY D 315 25.61 9.16 -13.50
CA GLY D 315 25.02 9.32 -14.83
C GLY D 315 23.76 8.51 -15.06
N SER D 316 23.31 7.75 -14.05
CA SER D 316 22.17 6.87 -14.17
C SER D 316 21.62 6.62 -12.77
N LEU D 317 20.36 6.22 -12.67
CA LEU D 317 19.80 5.87 -11.38
C LEU D 317 20.00 4.40 -11.04
N LYS D 318 20.56 3.63 -11.96
CA LYS D 318 20.89 2.22 -11.76
C LYS D 318 22.40 2.09 -11.65
N ILE D 319 22.88 1.61 -10.50
CA ILE D 319 24.31 1.64 -10.22
C ILE D 319 24.74 0.26 -9.72
N PRO D 320 26.02 -0.06 -9.88
CA PRO D 320 26.51 -1.38 -9.46
C PRO D 320 26.82 -1.45 -7.98
N TYR D 321 26.74 -2.68 -7.46
CA TYR D 321 27.17 -2.92 -6.09
C TYR D 321 27.67 -4.35 -5.97
N HIS D 322 28.80 -4.52 -5.27
CA HIS D 322 29.46 -5.80 -5.03
C HIS D 322 29.33 -6.15 -3.55
N PRO D 323 28.28 -6.86 -3.15
CA PRO D 323 28.05 -7.06 -1.71
C PRO D 323 29.09 -7.95 -1.06
N ASP D 324 29.79 -8.77 -1.84
CA ASP D 324 30.82 -9.67 -1.32
C ASP D 324 32.21 -9.22 -1.78
N GLY D 325 32.37 -7.92 -2.04
CA GLY D 325 33.64 -7.41 -2.47
C GLY D 325 33.84 -7.56 -3.97
N PRO D 326 34.90 -6.94 -4.49
CA PRO D 326 35.11 -6.93 -5.95
C PRO D 326 35.44 -8.30 -6.50
N GLU D 327 35.78 -9.28 -5.66
CA GLU D 327 36.00 -10.63 -6.15
C GLU D 327 34.70 -11.42 -6.29
N GLY D 328 33.55 -10.82 -5.95
CA GLY D 328 32.28 -11.50 -5.98
C GLY D 328 31.35 -10.96 -7.07
N LYS D 329 30.07 -11.29 -6.93
CA LYS D 329 29.08 -10.94 -7.92
C LYS D 329 28.78 -9.44 -7.89
N CYS D 330 28.25 -8.94 -8.99
CA CYS D 330 27.82 -7.55 -9.07
C CYS D 330 26.31 -7.51 -9.22
N ILE D 331 25.64 -6.78 -8.33
CA ILE D 331 24.19 -6.58 -8.46
C ILE D 331 23.91 -5.15 -8.85
N GLU D 332 22.65 -4.82 -9.09
CA GLU D 332 22.27 -3.48 -9.50
C GLU D 332 21.30 -2.92 -8.47
N ILE D 333 21.60 -1.71 -7.97
CA ILE D 333 20.68 -0.98 -7.10
C ILE D 333 19.95 0.04 -7.97
N ASP D 334 18.63 0.00 -7.96
CA ASP D 334 17.82 0.86 -8.81
C ASP D 334 17.17 1.96 -7.95
N PHE D 335 17.57 3.22 -8.19
CA PHE D 335 17.04 4.37 -7.46
C PHE D 335 15.88 5.06 -8.19
N THR D 336 15.35 4.45 -9.26
CA THR D 336 14.23 5.04 -9.99
C THR D 336 13.03 5.24 -9.06
N THR D 337 12.41 6.41 -9.14
CA THR D 337 11.25 6.73 -8.29
C THR D 337 9.95 6.38 -9.02
N PRO D 338 8.85 6.17 -8.27
CA PRO D 338 8.72 6.21 -6.82
C PRO D 338 9.33 4.97 -6.18
N TRP D 339 9.96 5.17 -5.03
CA TRP D 339 10.48 4.03 -4.29
C TRP D 339 9.34 3.29 -3.61
N LYS D 340 9.59 2.02 -3.37
CA LYS D 340 8.65 1.14 -2.70
C LYS D 340 8.42 1.57 -1.25
N ARG D 341 7.19 1.46 -0.79
CA ARG D 341 6.85 1.68 0.61
CA ARG D 341 6.84 1.68 0.61
C ARG D 341 6.36 0.37 1.23
N PHE D 342 6.86 0.06 2.42
CA PHE D 342 6.34 -1.03 3.23
C PHE D 342 5.77 -0.44 4.52
N SER D 343 4.56 -0.85 4.89
CA SER D 343 4.00 -0.49 6.19
CA SER D 343 4.02 -0.47 6.19
C SER D 343 4.54 -1.45 7.25
N PHE D 344 5.18 -0.90 8.27
CA PHE D 344 5.85 -1.65 9.34
C PHE D 344 5.01 -2.82 9.84
N VAL D 345 3.88 -2.54 10.48
CA VAL D 345 3.11 -3.62 11.10
C VAL D 345 2.49 -4.52 10.04
N GLU D 346 1.91 -3.95 8.98
CA GLU D 346 1.25 -4.80 7.99
C GLU D 346 2.23 -5.77 7.34
N GLU D 347 3.45 -5.32 7.08
CA GLU D 347 4.43 -6.20 6.45
C GLU D 347 4.92 -7.28 7.40
N ILE D 348 5.05 -6.94 8.69
CA ILE D 348 5.37 -7.98 9.68
C ILE D 348 4.27 -9.04 9.68
N GLU D 349 3.02 -8.61 9.75
CA GLU D 349 1.91 -9.56 9.80
C GLU D 349 1.80 -10.38 8.50
N SER D 350 2.16 -9.79 7.36
CA SER D 350 2.21 -10.56 6.13
C SER D 350 3.26 -11.66 6.25
N GLY D 351 4.44 -11.34 6.75
CA GLY D 351 5.43 -12.37 6.99
C GLY D 351 4.96 -13.43 7.98
N LEU D 352 4.28 -13.00 9.05
CA LEU D 352 3.84 -13.95 10.07
C LEU D 352 2.67 -14.81 9.58
N GLY D 353 1.86 -14.30 8.66
CA GLY D 353 0.59 -14.92 8.35
C GLY D 353 -0.48 -14.75 9.40
N GLU D 354 -0.30 -13.84 10.35
CA GLU D 354 -1.30 -13.58 11.39
C GLU D 354 -0.98 -12.23 12.04
N LYS D 355 -1.95 -11.70 12.78
CA LYS D 355 -1.87 -10.35 13.29
C LYS D 355 -1.17 -10.28 14.64
N LEU D 356 -0.44 -9.19 14.86
CA LEU D 356 0.02 -8.87 16.19
C LEU D 356 -1.18 -8.58 17.10
N LYS D 357 -0.99 -8.77 18.40
CA LYS D 357 -2.05 -8.48 19.35
C LYS D 357 -2.06 -7.00 19.67
N ARG D 358 -3.23 -6.48 20.02
CA ARG D 358 -3.38 -5.06 20.29
C ARG D 358 -3.84 -4.88 21.73
N PRO D 359 -3.39 -3.81 22.39
CA PRO D 359 -2.39 -2.84 21.93
C PRO D 359 -1.02 -3.47 21.76
N LEU D 360 -0.22 -2.87 20.88
CA LEU D 360 1.07 -3.45 20.53
C LEU D 360 2.02 -3.50 21.71
N ASP D 361 1.82 -2.66 22.73
CA ASP D 361 2.73 -2.64 23.87
C ASP D 361 2.14 -3.34 25.08
N SER D 362 1.08 -4.13 24.90
CA SER D 362 0.54 -4.92 25.99
C SER D 362 1.46 -6.10 26.30
N GLN D 363 1.38 -6.59 27.54
CA GLN D 363 2.10 -7.81 27.88
C GLN D 363 1.66 -8.95 26.96
N GLU D 364 0.37 -9.00 26.60
CA GLU D 364 -0.11 -10.03 25.68
C GLU D 364 0.67 -9.98 24.37
N ASN D 365 0.86 -8.80 23.80
CA ASN D 365 1.58 -8.75 22.54
C ASN D 365 3.07 -8.97 22.72
N ILE D 366 3.63 -8.55 23.86
CA ILE D 366 5.02 -8.88 24.17
C ILE D 366 5.21 -10.39 24.19
N ASP D 367 4.35 -11.11 24.93
CA ASP D 367 4.44 -12.57 24.97
C ASP D 367 4.27 -13.16 23.58
N PHE D 368 3.30 -12.64 22.81
CA PHE D 368 3.06 -13.17 21.47
C PHE D 368 4.26 -12.94 20.56
N MET D 369 4.92 -11.79 20.67
CA MET D 369 6.07 -11.56 19.80
C MET D 369 7.24 -12.45 20.21
N VAL D 370 7.40 -12.72 21.51
CA VAL D 370 8.40 -13.70 21.93
C VAL D 370 8.10 -15.05 21.30
N GLU D 371 6.84 -15.48 21.35
CA GLU D 371 6.44 -16.73 20.67
C GLU D 371 6.81 -16.69 19.20
N MET D 372 6.52 -15.58 18.52
CA MET D 372 6.79 -15.49 17.09
C MET D 372 8.29 -15.54 16.80
N CYS D 373 9.10 -14.92 17.66
CA CYS D 373 10.54 -14.97 17.45
C CYS D 373 11.06 -16.40 17.63
N GLU D 374 10.55 -17.12 18.63
CA GLU D 374 10.98 -18.50 18.79
C GLU D 374 10.50 -19.35 17.62
N LYS D 375 9.27 -19.11 17.13
CA LYS D 375 8.74 -19.91 16.03
C LYS D 375 9.54 -19.71 14.75
N HIS D 376 9.95 -18.47 14.47
CA HIS D 376 10.65 -18.14 13.24
C HIS D 376 12.16 -18.08 13.43
N GLU D 377 12.65 -18.53 14.59
CA GLU D 377 14.08 -18.61 14.89
C GLU D 377 14.76 -17.25 14.79
N ILE D 378 14.11 -16.25 15.37
CA ILE D 378 14.64 -14.90 15.44
C ILE D 378 15.27 -14.73 16.81
N GLU D 379 16.50 -14.24 16.84
CA GLU D 379 17.20 -13.99 18.09
C GLU D 379 16.45 -12.96 18.93
N LEU D 380 16.24 -13.29 20.22
CA LEU D 380 15.42 -12.43 21.08
C LEU D 380 16.24 -11.23 21.55
N PRO D 381 15.61 -10.07 21.69
CA PRO D 381 16.31 -8.90 22.24
C PRO D 381 16.37 -8.98 23.76
N HIS D 382 17.22 -8.13 24.33
CA HIS D 382 17.23 -7.94 25.78
C HIS D 382 17.36 -6.47 26.19
N PRO D 383 16.45 -5.98 27.05
CA PRO D 383 15.31 -6.73 27.61
C PRO D 383 14.25 -6.96 26.55
N ARG D 384 13.19 -7.71 26.91
CA ARG D 384 12.12 -8.05 25.97
C ARG D 384 11.00 -7.01 26.01
N THR D 385 11.35 -5.78 25.63
CA THR D 385 10.33 -4.73 25.52
C THR D 385 9.58 -4.88 24.20
N ALA D 386 8.37 -4.33 24.16
CA ALA D 386 7.60 -4.38 22.91
C ALA D 386 8.37 -3.73 21.78
N ALA D 387 9.01 -2.59 22.03
CA ALA D 387 9.75 -1.88 20.98
C ALA D 387 10.85 -2.75 20.39
N LYS D 388 11.63 -3.41 21.25
CA LYS D 388 12.77 -4.16 20.73
C LYS D 388 12.33 -5.43 20.05
N LEU D 389 11.25 -6.06 20.54
CA LEU D 389 10.66 -7.19 19.84
C LEU D 389 10.13 -6.80 18.44
N LEU D 390 9.39 -5.69 18.37
CA LEU D 390 8.95 -5.18 17.07
C LEU D 390 10.13 -4.96 16.12
N ASP D 391 11.21 -4.37 16.63
CA ASP D 391 12.39 -4.12 15.81
C ASP D 391 12.98 -5.43 15.28
N LYS D 392 13.04 -6.48 16.11
CA LYS D 392 13.56 -7.75 15.62
C LYS D 392 12.66 -8.35 14.55
N LEU D 393 11.34 -8.26 14.74
CA LEU D 393 10.43 -8.80 13.72
C LEU D 393 10.57 -8.03 12.41
N ALA D 394 10.67 -6.70 12.48
CA ALA D 394 10.88 -5.93 11.26
C ALA D 394 12.22 -6.27 10.62
N GLY D 395 13.26 -6.45 11.43
CA GLY D 395 14.55 -6.83 10.89
C GLY D 395 14.50 -8.13 10.12
N HIS D 396 13.65 -9.06 10.53
CA HIS D 396 13.56 -10.37 9.89
C HIS D 396 12.63 -10.37 8.68
N PHE D 397 11.48 -9.68 8.78
CA PHE D 397 10.45 -9.83 7.77
C PHE D 397 10.38 -8.68 6.79
N VAL D 398 10.97 -7.53 7.10
CA VAL D 398 10.74 -6.32 6.31
C VAL D 398 12.04 -5.75 5.77
N GLU D 399 13.03 -5.53 6.64
CA GLU D 399 14.28 -4.93 6.18
C GLU D 399 14.93 -5.80 5.11
N THR D 400 14.74 -7.12 5.20
CA THR D 400 15.29 -8.06 4.23
C THR D 400 14.65 -7.92 2.85
N LYS D 401 13.49 -7.28 2.75
CA LYS D 401 12.86 -7.04 1.45
C LYS D 401 13.37 -5.77 0.77
N CYS D 402 14.17 -4.96 1.46
CA CYS D 402 14.56 -3.64 0.98
C CYS D 402 15.92 -3.71 0.26
N THR D 403 15.89 -4.25 -0.96
CA THR D 403 17.10 -4.26 -1.78
C THR D 403 17.30 -2.90 -2.45
N ASN D 404 16.41 -2.54 -3.36
CA ASN D 404 16.36 -1.18 -3.86
C ASN D 404 15.89 -0.24 -2.75
N PRO D 405 16.25 1.07 -2.82
CA PRO D 405 15.79 2.02 -1.80
C PRO D 405 14.29 1.86 -1.55
N SER D 406 13.95 1.60 -0.30
CA SER D 406 12.58 1.34 0.11
C SER D 406 12.29 2.03 1.44
N PHE D 407 11.12 2.65 1.53
CA PHE D 407 10.68 3.26 2.79
C PHE D 407 9.92 2.24 3.63
N ILE D 408 10.32 2.08 4.88
CA ILE D 408 9.49 1.41 5.87
C ILE D 408 8.78 2.50 6.66
N ILE D 409 7.45 2.42 6.74
CA ILE D 409 6.68 3.55 7.23
C ILE D 409 5.74 3.16 8.36
N ASP D 410 5.33 4.19 9.12
CA ASP D 410 4.24 4.08 10.07
C ASP D 410 4.60 3.21 11.27
N HIS D 411 5.83 3.37 11.76
CA HIS D 411 6.32 2.66 12.92
C HIS D 411 5.41 2.88 14.14
N PRO D 412 5.20 1.84 14.95
CA PRO D 412 4.49 2.01 16.22
C PRO D 412 5.10 3.07 17.13
N GLN D 413 4.21 3.78 17.82
CA GLN D 413 4.60 4.77 18.81
C GLN D 413 5.54 4.19 19.87
N THR D 414 5.26 2.97 20.34
CA THR D 414 6.05 2.40 21.44
C THR D 414 7.54 2.31 21.11
N MET D 415 7.91 2.29 19.83
CA MET D 415 9.31 2.30 19.44
C MET D 415 9.75 3.65 18.86
N SER D 416 8.90 4.69 18.91
CA SER D 416 9.18 5.99 18.29
C SER D 416 8.81 7.12 19.24
N PRO D 417 9.55 7.29 20.33
CA PRO D 417 9.10 8.20 21.39
C PRO D 417 9.13 9.67 21.01
N LEU D 418 9.80 10.05 19.94
CA LEU D 418 9.84 11.44 19.49
C LEU D 418 9.04 11.68 18.22
N ALA D 419 8.38 10.64 17.67
CA ALA D 419 7.60 10.79 16.45
C ALA D 419 6.13 11.06 16.77
N LYS D 420 5.50 11.91 15.96
CA LYS D 420 4.12 12.32 16.22
C LYS D 420 3.13 11.19 15.88
N TRP D 421 2.09 11.05 16.70
CA TRP D 421 1.04 10.05 16.44
C TRP D 421 0.51 10.16 15.01
N HIS D 422 0.22 9.02 14.41
CA HIS D 422 -0.25 9.02 13.03
C HIS D 422 -1.64 9.62 12.95
N ARG D 423 -1.86 10.51 11.99
CA ARG D 423 -3.12 11.23 11.89
C ARG D 423 -4.31 10.32 11.57
N GLU D 424 -4.06 9.11 11.05
CA GLU D 424 -5.10 8.16 10.72
C GLU D 424 -4.99 6.85 11.49
N LYS D 425 -3.79 6.31 11.67
CA LYS D 425 -3.60 4.92 12.11
C LYS D 425 -3.36 4.85 13.59
N PRO D 426 -4.24 4.20 14.36
CA PRO D 426 -4.02 4.10 15.82
C PRO D 426 -2.75 3.33 16.18
N GLU D 427 -2.07 3.81 17.22
CA GLU D 427 -0.83 3.26 17.78
C GLU D 427 0.41 3.47 16.89
N MET D 428 0.24 4.01 15.68
CA MET D 428 1.34 4.23 14.77
C MET D 428 1.80 5.68 14.83
N THR D 429 2.94 5.97 14.19
CA THR D 429 3.46 7.33 14.10
C THR D 429 3.73 7.69 12.64
N GLU D 430 3.94 8.98 12.41
CA GLU D 430 4.27 9.45 11.06
C GLU D 430 5.79 9.38 10.88
N ARG D 431 6.29 8.15 10.77
CA ARG D 431 7.72 7.91 10.69
C ARG D 431 8.05 7.12 9.44
N PHE D 432 9.26 7.32 8.91
CA PHE D 432 9.80 6.39 7.94
C PHE D 432 11.27 6.16 8.20
N GLU D 433 11.73 4.98 7.81
CA GLU D 433 13.15 4.70 7.61
C GLU D 433 13.36 4.41 6.13
N LEU D 434 14.52 4.80 5.61
CA LEU D 434 14.95 4.41 4.28
C LEU D 434 15.95 3.27 4.39
N PHE D 435 15.72 2.18 3.68
CA PHE D 435 16.66 1.08 3.66
C PHE D 435 17.16 0.86 2.25
N VAL D 436 18.45 0.54 2.13
CA VAL D 436 19.04 0.14 0.86
C VAL D 436 19.89 -1.10 1.13
N LEU D 437 19.69 -2.14 0.33
CA LEU D 437 20.34 -3.44 0.53
C LEU D 437 20.23 -3.89 1.99
N GLY D 438 19.03 -3.73 2.56
CA GLY D 438 18.79 -4.18 3.91
C GLY D 438 19.46 -3.38 4.99
N LYS D 439 20.05 -2.22 4.65
CA LYS D 439 20.75 -1.36 5.60
C LYS D 439 20.05 0.00 5.73
N GLU D 440 19.94 0.47 6.96
CA GLU D 440 19.29 1.76 7.22
C GLU D 440 20.15 2.92 6.71
N LEU D 441 19.56 3.77 5.87
CA LEU D 441 20.16 5.02 5.39
C LEU D 441 19.56 6.27 6.02
N CYS D 442 18.24 6.32 6.21
CA CYS D 442 17.55 7.49 6.74
C CYS D 442 16.54 7.10 7.80
N ASN D 443 16.23 8.07 8.66
CA ASN D 443 15.23 7.92 9.70
C ASN D 443 14.60 9.31 9.86
N ALA D 444 13.27 9.41 9.78
CA ALA D 444 12.60 10.72 9.67
C ALA D 444 11.20 10.64 10.23
N TYR D 445 10.66 11.77 10.68
CA TYR D 445 9.24 11.75 11.04
C TYR D 445 8.66 13.16 11.14
N THR D 446 7.32 13.21 11.09
CA THR D 446 6.61 14.36 11.63
C THR D 446 6.91 14.46 13.12
N GLU D 447 7.41 15.60 13.56
CA GLU D 447 7.97 15.70 14.91
C GLU D 447 6.87 15.81 15.94
N LEU D 448 7.00 15.02 17.01
CA LEU D 448 6.08 15.15 18.13
C LEU D 448 6.24 16.53 18.76
N ASN D 449 5.16 17.30 18.79
CA ASN D 449 5.23 18.65 19.33
C ASN D 449 4.22 18.89 20.46
N GLU D 450 3.69 17.81 21.04
CA GLU D 450 2.70 17.90 22.10
C GLU D 450 3.35 17.46 23.41
N PRO D 451 3.53 18.37 24.39
CA PRO D 451 4.45 18.08 25.50
C PRO D 451 3.96 17.03 26.50
N LEU D 452 2.66 16.89 26.71
CA LEU D 452 2.17 15.88 27.66
C LEU D 452 2.55 14.49 27.20
N GLN D 453 2.22 14.16 25.95
CA GLN D 453 2.63 12.89 25.36
C GLN D 453 4.14 12.71 25.36
N GLN D 454 4.87 13.75 24.95
CA GLN D 454 6.32 13.64 24.94
C GLN D 454 6.85 13.24 26.31
N ARG D 455 6.34 13.85 27.37
CA ARG D 455 6.78 13.48 28.72
C ARG D 455 6.46 12.03 29.01
N LYS D 456 5.24 11.61 28.67
CA LYS D 456 4.84 10.22 28.87
C LYS D 456 5.78 9.26 28.14
N PHE D 457 6.18 9.57 26.91
CA PHE D 457 7.03 8.63 26.18
C PHE D 457 8.44 8.62 26.75
N PHE D 458 8.93 9.79 27.20
CA PHE D 458 10.21 9.85 27.91
C PHE D 458 10.18 9.02 29.18
N GLU D 459 9.09 9.11 29.93
CA GLU D 459 8.97 8.29 31.15
C GLU D 459 9.09 6.81 30.83
N GLN D 460 8.42 6.37 29.76
CA GLN D 460 8.51 4.97 29.34
C GLN D 460 9.92 4.59 28.95
N GLN D 461 10.62 5.47 28.24
CA GLN D 461 12.03 5.23 27.91
CA GLN D 461 12.02 5.20 27.91
C GLN D 461 12.87 5.07 29.17
N ALA D 462 12.65 5.94 30.17
CA ALA D 462 13.43 5.89 31.39
C ALA D 462 13.16 4.59 32.15
N ASP D 463 11.92 4.10 32.12
CA ASP D 463 11.60 2.81 32.72
C ASP D 463 12.32 1.67 32.00
N ALA D 464 12.37 1.72 30.67
CA ALA D 464 13.10 0.70 29.93
C ALA D 464 14.58 0.70 30.31
N LYS D 465 15.15 1.90 30.46
CA LYS D 465 16.54 2.02 30.88
C LYS D 465 16.72 1.46 32.29
N ALA D 466 15.73 1.65 33.16
CA ALA D 466 15.83 1.09 34.50
C ALA D 466 15.69 -0.43 34.49
N SER D 467 15.04 -1.01 33.49
CA SER D 467 14.89 -2.44 33.35
C SER D 467 16.01 -3.09 32.53
N GLY D 468 17.05 -2.34 32.20
CA GLY D 468 18.22 -2.90 31.56
C GLY D 468 18.40 -2.62 30.07
N ASP D 469 17.61 -1.72 29.48
CA ASP D 469 17.79 -1.36 28.06
C ASP D 469 18.87 -0.28 27.98
N VAL D 470 20.08 -0.67 27.58
CA VAL D 470 21.23 0.25 27.63
C VAL D 470 21.15 1.22 26.46
N GLU D 471 20.15 1.04 25.61
CA GLU D 471 19.93 1.97 24.51
C GLU D 471 18.77 2.93 24.76
N ALA D 472 18.07 2.79 25.88
CA ALA D 472 17.01 3.73 26.22
C ALA D 472 17.62 4.93 26.96
N CYS D 473 17.00 6.11 26.77
CA CYS D 473 17.60 7.35 27.22
C CYS D 473 16.86 7.92 28.44
N PRO D 474 17.54 8.70 29.27
CA PRO D 474 16.86 9.33 30.42
C PRO D 474 15.96 10.47 29.96
N ILE D 475 15.09 10.91 30.87
CA ILE D 475 14.19 12.03 30.56
C ILE D 475 15.01 13.31 30.46
N ASP D 476 14.74 14.10 29.42
CA ASP D 476 15.40 15.39 29.22
C ASP D 476 14.39 16.49 29.56
N GLU D 477 14.55 17.08 30.75
CA GLU D 477 13.64 18.13 31.20
C GLU D 477 13.81 19.41 30.38
N THR D 478 15.04 19.71 29.95
CA THR D 478 15.23 20.93 29.17
C THR D 478 14.47 20.85 27.87
N PHE D 479 14.38 19.66 27.28
CA PHE D 479 13.64 19.51 26.02
C PHE D 479 12.14 19.63 26.25
N CYS D 480 11.63 18.96 27.29
CA CYS D 480 10.23 19.11 27.66
C CYS D 480 9.86 20.58 27.84
N LEU D 481 10.71 21.33 28.56
CA LEU D 481 10.43 22.76 28.76
C LEU D 481 10.45 23.52 27.43
N ALA D 482 11.37 23.16 26.52
CA ALA D 482 11.38 23.80 25.21
C ALA D 482 10.10 23.54 24.44
N LEU D 483 9.60 22.30 24.47
CA LEU D 483 8.34 22.02 23.79
C LEU D 483 7.18 22.84 24.37
N GLU D 484 7.21 23.13 25.68
CA GLU D 484 6.17 23.95 26.27
C GLU D 484 6.18 25.38 25.75
N HIS D 485 7.23 25.77 25.03
CA HIS D 485 7.23 27.09 24.41
C HIS D 485 6.72 27.05 22.97
N GLY D 486 6.31 25.89 22.46
CA GLY D 486 5.66 25.80 21.18
C GLY D 486 6.60 25.43 20.05
N LEU D 487 6.72 24.13 19.79
CA LEU D 487 7.37 23.67 18.58
C LEU D 487 6.36 23.71 17.44
N PRO D 488 6.58 24.54 16.42
CA PRO D 488 5.70 24.51 15.22
C PRO D 488 5.60 23.09 14.66
N PRO D 489 4.52 22.78 13.95
CA PRO D 489 4.51 21.55 13.14
C PRO D 489 5.77 21.53 12.31
N THR D 490 6.48 20.40 12.34
CA THR D 490 7.84 20.33 11.85
C THR D 490 8.09 18.91 11.35
N GLY D 491 8.97 18.81 10.35
CA GLY D 491 9.42 17.49 9.91
C GLY D 491 10.92 17.40 10.04
N GLY D 492 11.44 16.33 10.63
CA GLY D 492 12.88 16.17 10.83
C GLY D 492 13.38 14.87 10.22
N TRP D 493 14.68 14.75 10.02
CA TRP D 493 15.21 13.72 9.13
C TRP D 493 16.68 13.52 9.45
N GLY D 494 17.14 12.28 9.35
CA GLY D 494 18.53 11.98 9.58
C GLY D 494 19.03 11.05 8.49
N LEU D 495 20.32 11.22 8.15
CA LEU D 495 21.01 10.42 7.13
C LEU D 495 22.32 9.91 7.67
N GLY D 496 22.60 8.63 7.44
CA GLY D 496 23.92 8.08 7.72
C GLY D 496 24.87 8.28 6.56
N ILE D 497 25.80 9.25 6.69
CA ILE D 497 26.61 9.62 5.53
C ILE D 497 27.52 8.47 5.12
N ASP D 498 28.11 7.76 6.09
CA ASP D 498 29.09 6.73 5.75
C ASP D 498 28.47 5.61 4.91
N ARG D 499 27.26 5.17 5.27
CA ARG D 499 26.60 4.13 4.46
C ARG D 499 26.24 4.64 3.08
N LEU D 500 25.80 5.88 2.99
CA LEU D 500 25.56 6.50 1.69
C LEU D 500 26.81 6.39 0.80
N ILE D 501 27.98 6.77 1.35
CA ILE D 501 29.21 6.69 0.58
C ILE D 501 29.51 5.25 0.19
N MET D 502 29.27 4.30 1.10
CA MET D 502 29.50 2.90 0.76
C MET D 502 28.74 2.51 -0.50
N PHE D 503 27.49 2.97 -0.62
CA PHE D 503 26.70 2.62 -1.81
C PHE D 503 27.18 3.40 -3.02
N LEU D 504 27.45 4.70 -2.86
CA LEU D 504 27.87 5.52 -3.98
C LEU D 504 29.22 5.07 -4.54
N ALA D 505 30.14 4.66 -3.66
CA ALA D 505 31.49 4.30 -4.06
C ALA D 505 31.68 2.81 -4.28
N ASP D 506 30.62 2.03 -4.03
CA ASP D 506 30.64 0.57 -4.15
C ASP D 506 31.71 -0.06 -3.26
N LYS D 507 31.50 0.09 -1.96
CA LYS D 507 32.31 -0.56 -0.94
C LYS D 507 31.37 -1.32 0.00
N ASN D 508 31.80 -2.49 0.47
CA ASN D 508 30.92 -3.28 1.31
C ASN D 508 31.39 -3.29 2.75
N ASN D 509 32.33 -2.44 3.08
CA ASN D 509 32.82 -2.35 4.43
CA ASN D 509 32.92 -2.35 4.41
C ASN D 509 32.96 -0.87 4.79
N ILE D 510 32.58 -0.53 6.02
CA ILE D 510 32.60 0.88 6.42
C ILE D 510 34.03 1.38 6.58
N LYS D 511 34.99 0.48 6.80
CA LYS D 511 36.39 0.89 6.91
C LYS D 511 36.90 1.48 5.60
N GLU D 512 36.27 1.18 4.46
CA GLU D 512 36.75 1.70 3.19
C GLU D 512 36.39 3.16 2.98
N VAL D 513 35.39 3.70 3.70
CA VAL D 513 34.92 5.05 3.45
C VAL D 513 35.28 5.99 4.59
N ILE D 514 36.07 5.52 5.55
CA ILE D 514 36.50 6.32 6.69
C ILE D 514 38.01 6.29 6.70
N LEU D 515 38.64 7.47 6.73
CA LEU D 515 40.09 7.52 6.55
C LEU D 515 40.82 6.70 7.61
N PHE D 516 40.45 6.87 8.88
CA PHE D 516 41.16 6.20 9.97
C PHE D 516 40.13 5.47 10.81
N PRO D 517 39.66 4.30 10.36
CA PRO D 517 38.64 3.57 11.12
C PRO D 517 39.22 2.95 12.39
N ALA D 518 38.35 2.78 13.39
CA ALA D 518 38.79 2.08 14.59
C ALA D 518 39.13 0.64 14.24
N MET D 519 40.18 0.12 14.85
CA MET D 519 40.70 -1.22 14.60
C MET D 519 40.98 -1.93 15.92
N ARG D 520 40.65 -3.22 15.99
CA ARG D 520 41.03 -4.02 17.15
C ARG D 520 42.54 -4.02 17.34
N ASN D 521 42.98 -4.09 18.59
CA ASN D 521 44.40 -4.07 18.90
C ASN D 521 44.94 -5.48 19.16
N LYS E . -41.82 -27.14 -21.03
CA LYS E . -43.10 -27.29 -20.31
C LYS E . -43.78 -25.95 -20.14
O LYS E . -43.14 -24.91 -20.28
CB LYS E . -42.91 -27.94 -18.95
CG LYS E . -42.35 -29.37 -19.01
CD LYS E . -43.39 -30.37 -19.55
CE LYS E . -42.91 -31.83 -19.46
NZ LYS E . -41.68 -32.03 -20.30
OXT LYS E . -44.97 -25.88 -19.83
C1 EDO F . -34.32 -19.05 -8.83
O1 EDO F . -33.10 -19.80 -9.06
C2 EDO F . -34.33 -18.38 -7.45
O2 EDO F . -33.60 -19.17 -6.49
C1 EDO G . -66.05 -14.68 3.86
O1 EDO G . -66.29 -14.93 2.48
C2 EDO G . -65.71 -13.19 3.99
O2 EDO G . -66.63 -12.42 3.22
C1 EDO H . -52.73 -47.78 -27.64
O1 EDO H . -51.43 -47.18 -27.52
C2 EDO H . -53.76 -46.70 -27.81
O2 EDO H . -53.51 -46.00 -29.04
N LYS I . -22.06 -5.36 -10.76
CA LYS I . -20.68 -5.73 -10.46
C LYS I . -20.06 -6.47 -11.63
O LYS I . -20.79 -6.88 -12.55
CB LYS I . -20.58 -6.62 -9.20
CG LYS I . -20.83 -5.90 -7.86
CD LYS I . -19.97 -4.63 -7.71
CE LYS I . -20.21 -3.99 -6.32
NZ LYS I . -21.55 -3.33 -6.22
OXT LYS I . -18.85 -6.67 -11.68
C1 EDO J . -28.88 -20.58 -10.30
O1 EDO J . -29.44 -19.72 -9.28
C2 EDO J . -27.90 -21.60 -9.75
O2 EDO J . -28.52 -22.45 -8.77
C1 EDO K . -30.95 -17.56 -12.85
O1 EDO K . -30.28 -17.36 -14.10
C2 EDO K . -32.30 -18.18 -13.14
O2 EDO K . -33.22 -17.22 -13.67
C1 EDO L . -31.10 -2.70 -15.56
O1 EDO L . -30.36 -3.86 -15.94
C2 EDO L . -30.56 -2.15 -14.24
O2 EDO L . -29.19 -1.75 -14.43
N LYS M . 47.26 21.55 16.14
CA LYS M . 47.51 22.99 16.28
C LYS M . 46.70 23.59 17.43
O LYS M . 45.79 22.92 17.93
CB LYS M . 47.17 23.73 14.99
CG LYS M . 48.08 23.41 13.83
CD LYS M . 49.53 23.93 14.09
CE LYS M . 50.44 23.59 12.88
NZ LYS M . 50.54 22.13 12.62
OXT LYS M . 46.90 24.73 17.86
C1 EDO N . 31.92 22.56 10.71
O1 EDO N . 32.35 21.45 9.89
C2 EDO N . 30.50 23.04 10.42
O2 EDO N . 30.37 23.52 9.08
C1 EDO O . 28.53 42.99 10.05
O1 EDO O . 28.19 44.27 9.50
C2 EDO O . 28.04 42.90 11.51
O2 EDO O . 29.06 42.36 12.37
C1 GOL P . 44.19 18.16 38.65
O1 GOL P . 45.31 17.49 38.10
C2 GOL P . 43.14 17.15 39.09
O2 GOL P . 43.32 15.91 38.42
C3 GOL P . 41.76 17.64 38.70
O3 GOL P . 40.88 16.59 39.01
N LYS Q . 17.89 11.40 15.59
CA LYS Q . 17.44 10.44 14.55
C LYS Q . 18.39 9.27 14.47
O LYS Q . 19.44 9.30 15.11
CB LYS Q . 17.36 11.13 13.19
CG LYS Q . 16.30 12.19 13.13
CD LYS Q . 14.90 11.56 13.18
CE LYS Q . 13.81 12.61 12.95
NZ LYS Q . 13.74 13.64 14.05
OXT LYS Q . 18.14 8.29 13.75
C1 EDO R . 31.63 17.50 8.21
O1 EDO R . 30.65 18.55 8.41
C2 EDO R . 31.96 17.19 6.75
O2 EDO R . 32.23 18.38 5.97
#